data_6SVH
#
_entry.id   6SVH
#
_cell.length_a   1.000
_cell.length_b   1.000
_cell.length_c   1.000
_cell.angle_alpha   90.00
_cell.angle_beta   90.00
_cell.angle_gamma   90.00
#
_symmetry.space_group_name_H-M   'P 1'
#
_entity_poly.entity_id   1
_entity_poly.type   'polypeptide(L)'
_entity_poly.pdbx_seq_one_letter_code
;SKLPPGWEKRMSRNSGRVYYFNHITNASQFERPSG
;
_entity_poly.pdbx_strand_id   A
#
# COMPACT_ATOMS: atom_id res chain seq x y z
N SER A 1 -4.86 0.01 8.43
N SER A 1 -5.07 0.48 9.14
CA SER A 1 -5.26 0.55 9.73
CA SER A 1 -5.29 0.96 10.50
C SER A 1 -4.04 1.00 10.53
C SER A 1 -3.98 1.41 11.15
N LYS A 2 -2.99 0.19 10.51
N LYS A 2 -3.12 0.43 11.45
CA LYS A 2 -1.77 0.50 11.23
CA LYS A 2 -1.84 0.72 12.07
C LYS A 2 -0.55 0.39 10.32
C LYS A 2 -0.70 0.55 11.07
N LEU A 3 -0.12 1.52 9.77
N LEU A 3 -0.87 1.13 9.88
CA LEU A 3 1.02 1.55 8.88
CA LEU A 3 0.14 1.05 8.83
C LEU A 3 1.96 2.70 9.24
C LEU A 3 1.26 2.06 9.07
N PRO A 4 3.26 2.53 8.93
N PRO A 4 2.45 1.75 8.55
CA PRO A 4 4.28 3.55 9.21
CA PRO A 4 3.62 2.63 8.69
C PRO A 4 4.13 4.77 8.32
C PRO A 4 3.49 3.91 7.87
N PRO A 5 4.95 5.80 8.59
N PRO A 5 4.32 4.91 8.21
CA PRO A 5 4.93 7.06 7.83
CA PRO A 5 4.31 6.21 7.53
C PRO A 5 5.46 6.87 6.41
C PRO A 5 4.83 6.11 6.09
N GLY A 6 4.56 6.52 5.49
N GLY A 6 4.23 6.89 5.19
CA GLY A 6 4.96 6.33 4.11
CA GLY A 6 4.65 6.87 3.81
C GLY A 6 4.25 5.15 3.47
C GLY A 6 3.82 5.93 2.96
N TRP A 7 3.02 4.90 3.90
N TRP A 7 3.33 4.86 3.58
CA TRP A 7 2.23 3.80 3.35
CA TRP A 7 2.52 3.88 2.87
C TRP A 7 0.74 4.05 3.55
C TRP A 7 1.04 4.25 2.93
N GLU A 8 0.02 4.21 2.44
N GLU A 8 0.31 3.93 1.87
CA GLU A 8 -1.41 4.47 2.50
CA GLU A 8 -1.11 4.23 1.80
C GLU A 8 -2.19 3.31 1.90
C GLU A 8 -1.90 3.02 1.32
N LYS A 9 -3.43 3.12 2.36
N LYS A 9 -3.10 2.83 1.86
CA LYS A 9 -4.28 2.05 1.86
CA LYS A 9 -3.96 1.72 1.49
C LYS A 9 -4.87 2.40 0.50
C LYS A 9 -4.87 2.10 0.33
N ARG A 10 -4.52 1.64 -0.52
N ARG A 10 -4.74 1.38 -0.78
CA ARG A 10 -5.01 1.87 -1.87
CA ARG A 10 -5.57 1.64 -1.97
C ARG A 10 -5.85 0.69 -2.35
C ARG A 10 -6.31 0.38 -2.40
N MET A 11 -6.74 0.95 -3.29
N MET A 11 -7.26 0.55 -3.32
CA MET A 11 -7.62 -0.09 -3.84
CA MET A 11 -8.04 -0.57 -3.82
C MET A 11 -7.35 -0.29 -5.33
C MET A 11 -8.11 -0.54 -5.34
N SER A 12 -8.07 -1.24 -5.93
N SER A 12 -7.85 -1.69 -5.96
CA SER A 12 -7.90 -1.54 -7.35
CA SER A 12 -7.88 -1.80 -7.41
C SER A 12 -9.10 -1.02 -8.15
C SER A 12 -9.25 -1.39 -7.96
N ARG A 13 -9.00 -1.13 -9.48
N ARG A 13 -9.33 -1.26 -9.29
CA ARG A 13 -10.07 -0.67 -10.35
CA ARG A 13 -10.58 -0.88 -9.93
C ARG A 13 -10.60 -1.83 -11.21
C ARG A 13 -11.06 -1.97 -10.88
N ASN A 14 -9.70 -2.73 -11.60
N ASN A 14 -10.12 -2.77 -11.38
CA ASN A 14 -10.07 -3.88 -12.41
CA ASN A 14 -10.45 -3.85 -12.29
C ASN A 14 -9.82 -5.18 -11.66
C ASN A 14 -10.98 -5.07 -11.53
N SER A 15 -10.34 -5.26 -10.44
N SER A 15 -10.25 -5.50 -10.53
CA SER A 15 -10.18 -6.45 -9.61
CA SER A 15 -10.64 -6.65 -9.72
C SER A 15 -11.03 -6.37 -8.36
C SER A 15 -11.21 -6.21 -8.38
N GLY A 16 -10.64 -5.49 -7.44
N GLY A 16 -10.37 -5.57 -7.56
CA GLY A 16 -11.39 -5.32 -6.21
CA GLY A 16 -10.80 -5.11 -6.26
C GLY A 16 -10.51 -5.47 -4.98
C GLY A 16 -9.92 -5.62 -5.14
N ARG A 17 -9.48 -6.31 -5.09
N ARG A 17 -8.64 -5.84 -5.44
CA ARG A 17 -8.58 -6.55 -3.98
CA ARG A 17 -7.69 -6.34 -4.45
C ARG A 17 -7.96 -5.24 -3.49
C ARG A 17 -7.01 -5.17 -3.72
N VAL A 18 -7.12 -5.33 -2.46
N VAL A 18 -7.08 -5.19 -2.39
CA VAL A 18 -6.47 -4.16 -1.90
CA VAL A 18 -6.46 -4.14 -1.59
C VAL A 18 -4.97 -4.38 -1.74
C VAL A 18 -4.94 -4.28 -1.57
N TYR A 19 -4.24 -3.29 -1.51
N TYR A 19 -4.25 -3.15 -1.68
CA TYR A 19 -2.79 -3.37 -1.34
CA TYR A 19 -2.79 -3.16 -1.66
C TYR A 19 -2.25 -2.08 -0.73
C TYR A 19 -2.25 -1.90 -0.99
N TYR A 20 -0.92 -2.00 -0.62
N TYR A 20 -0.93 -1.83 -0.86
CA TYR A 20 -0.28 -0.83 -0.06
CA TYR A 20 -0.29 -0.68 -0.23
C TYR A 20 0.51 -0.07 -1.13
C TYR A 20 0.73 -0.05 -1.17
N PHE A 21 0.59 1.25 -0.98
N PHE A 21 0.66 1.28 -1.29
CA PHE A 21 1.31 2.08 -1.93
CA PHE A 21 1.57 2.02 -2.16
C PHE A 21 2.22 3.08 -1.21
C PHE A 21 2.27 3.13 -1.39
N ASN A 22 3.49 3.08 -1.59
N ASN A 22 3.52 3.39 -1.74
CA ASN A 22 4.47 3.97 -0.97
CA ASN A 22 4.30 4.44 -1.08
C ASN A 22 4.65 5.23 -1.81
C ASN A 22 4.46 5.65 -1.98
N HIS A 23 4.23 6.36 -1.25
N HIS A 23 4.07 6.82 -1.48
CA HIS A 23 4.34 7.65 -1.93
CA HIS A 23 4.16 8.05 -2.24
C HIS A 23 5.64 8.35 -1.56
C HIS A 23 5.59 8.62 -2.20
N ILE A 24 6.70 7.57 -1.37
N ILE A 24 6.37 8.14 -1.24
CA ILE A 24 8.00 8.12 -1.01
CA ILE A 24 7.75 8.59 -1.09
C ILE A 24 9.09 7.62 -1.96
C ILE A 24 8.69 7.80 -1.98
N THR A 25 9.01 6.34 -2.33
N THR A 25 8.55 6.47 -1.95
CA THR A 25 9.98 5.74 -3.23
CA THR A 25 9.38 5.59 -2.76
C THR A 25 9.30 5.11 -4.44
C THR A 25 8.74 5.31 -4.11
N ASN A 26 8.12 5.64 -4.79
N ASN A 26 7.43 5.55 -4.20
CA ASN A 26 7.37 5.13 -5.93
CA ASN A 26 6.69 5.32 -5.43
C ASN A 26 7.26 3.62 -5.89
C ASN A 26 6.71 3.84 -5.81
N ALA A 27 7.15 3.08 -4.67
N ALA A 27 6.17 3.00 -4.93
CA ALA A 27 7.03 1.64 -4.48
CA ALA A 27 6.12 1.57 -5.18
C ALA A 27 5.58 1.23 -4.25
C ALA A 27 4.96 0.92 -4.44
N SER A 28 5.26 -0.02 -4.57
N SER A 28 4.54 -0.24 -4.91
CA SER A 28 3.91 -0.53 -4.40
CA SER A 28 3.43 -0.97 -4.29
C SER A 28 3.91 -2.06 -4.33
C SER A 28 3.88 -2.35 -3.82
N GLN A 29 3.91 -2.58 -3.11
N GLN A 29 3.19 -2.87 -2.81
CA GLN A 29 3.92 -4.03 -2.91
CA GLN A 29 3.52 -4.18 -2.27
C GLN A 29 2.63 -4.49 -2.22
C GLN A 29 2.29 -4.83 -1.64
N PHE A 30 2.30 -5.77 -2.37
N PHE A 30 2.08 -6.11 -1.95
CA PHE A 30 1.11 -6.33 -1.78
CA PHE A 30 0.93 -6.84 -1.42
C PHE A 30 1.35 -6.70 -0.32
C PHE A 30 1.22 -7.34 0.00
N GLU A 31 2.58 -7.05 0.00
N GLU A 31 2.48 -7.69 0.25
CA GLU A 31 2.95 -7.43 1.36
CA GLU A 31 2.88 -8.19 1.56
C GLU A 31 2.93 -6.21 2.29
C GLU A 31 2.98 -7.05 2.57
N ARG A 32 2.42 -6.41 3.49
N ARG A 32 2.42 -7.25 3.74
CA ARG A 32 2.35 -5.33 4.47
CA ARG A 32 2.44 -6.24 4.79
C ARG A 32 3.74 -4.79 4.79
C ARG A 32 3.86 -5.75 5.05
N PRO A 33 3.87 -3.45 4.81
N PRO A 33 4.16 -4.52 4.64
CA PRO A 33 5.14 -2.79 5.10
CA PRO A 33 5.48 -3.91 4.81
C PRO A 33 5.56 -2.95 6.56
C PRO A 33 5.80 -3.61 6.28
N SER A 34 6.85 -3.20 6.78
N SER A 34 7.07 -3.34 6.56
CA SER A 34 7.37 -3.38 8.13
CA SER A 34 7.49 -3.04 7.92
C SER A 34 7.45 -2.04 8.85
C SER A 34 8.46 -1.85 7.94
N GLY A 35 8.20 -1.11 8.29
N GLY A 35 8.76 -1.36 9.13
CA GLY A 35 8.34 0.21 8.90
CA GLY A 35 9.67 -0.23 9.27
C GLY A 35 9.54 0.28 9.82
C GLY A 35 9.80 0.24 10.71
N SER A 1 -4.69 -0.25 8.58
N SER A 1 -5.07 0.34 9.16
CA SER A 1 -5.10 0.38 9.82
CA SER A 1 -5.32 0.96 10.45
C SER A 1 -3.89 0.90 10.60
C SER A 1 -4.02 1.44 11.09
N LYS A 2 -2.82 0.11 10.59
N LYS A 2 -3.17 0.48 11.47
CA LYS A 2 -1.60 0.48 11.30
CA LYS A 2 -1.89 0.81 12.09
C LYS A 2 -0.39 0.39 10.36
C LYS A 2 -0.74 0.63 11.10
N LEU A 3 0.01 1.53 9.81
N LEU A 3 -0.91 1.20 9.90
CA LEU A 3 1.15 1.58 8.91
CA LEU A 3 0.11 1.09 8.87
C LEU A 3 2.07 2.75 9.26
C LEU A 3 1.23 2.10 9.11
N PRO A 4 3.37 2.59 8.94
N PRO A 4 2.44 1.79 8.60
CA PRO A 4 4.38 3.62 9.20
CA PRO A 4 3.61 2.66 8.75
C PRO A 4 4.20 4.85 8.32
C PRO A 4 3.49 3.94 7.94
N PRO A 5 5.01 5.88 8.59
N PRO A 5 4.33 4.94 8.29
CA PRO A 5 4.97 7.13 7.83
CA PRO A 5 4.33 6.24 7.61
C PRO A 5 5.49 6.97 6.41
C PRO A 5 4.87 6.14 6.18
N GLY A 6 4.60 6.56 5.50
N GLY A 6 4.27 6.91 5.28
CA GLY A 6 4.99 6.37 4.12
CA GLY A 6 4.71 6.89 3.89
C GLY A 6 4.28 5.20 3.47
C GLY A 6 3.87 5.97 3.03
N TRP A 7 3.07 4.94 3.91
N TRP A 7 3.37 4.89 3.64
CA TRP A 7 2.28 3.84 3.37
CA TRP A 7 2.56 3.91 2.93
C TRP A 7 0.78 4.07 3.57
C TRP A 7 1.09 4.31 2.96
N GLU A 8 0.06 4.24 2.47
N GLU A 8 0.37 3.98 1.89
CA GLU A 8 -1.38 4.49 2.54
CA GLU A 8 -1.05 4.28 1.81
C GLU A 8 -2.15 3.31 1.93
C GLU A 8 -1.85 3.08 1.32
N LYS A 9 -3.38 3.13 2.39
N LYS A 9 -3.04 2.91 1.87
CA LYS A 9 -4.23 2.05 1.89
CA LYS A 9 -3.90 1.79 1.49
C LYS A 9 -4.85 2.43 0.55
C LYS A 9 -4.81 2.17 0.32
N ARG A 10 -4.50 1.67 -0.50
N ARG A 10 -4.69 1.43 -0.78
CA ARG A 10 -5.02 1.93 -1.83
CA ARG A 10 -5.50 1.70 -1.96
C ARG A 10 -5.89 0.76 -2.30
C ARG A 10 -6.25 0.45 -2.40
N MET A 11 -6.77 1.03 -3.26
N MET A 11 -7.20 0.61 -3.31
CA MET A 11 -7.65 0.00 -3.80
CA MET A 11 -7.99 -0.50 -3.81
C MET A 11 -7.42 -0.19 -5.29
C MET A 11 -8.06 -0.48 -5.33
N SER A 12 -8.08 -1.19 -5.87
N SER A 12 -7.80 -1.63 -5.95
CA SER A 12 -7.94 -1.47 -7.29
CA SER A 12 -7.83 -1.73 -7.41
C SER A 12 -9.18 -1.01 -8.06
C SER A 12 -9.20 -1.33 -7.96
N ARG A 13 -9.10 -1.12 -9.38
N ARG A 13 -9.28 -1.20 -9.28
CA ARG A 13 -10.22 -0.71 -10.24
CA ARG A 13 -10.52 -0.82 -9.93
C ARG A 13 -10.70 -1.88 -11.08
C ARG A 13 -10.99 -1.91 -10.88
N ASN A 14 -9.78 -2.74 -11.49
N ASN A 14 -10.05 -2.69 -11.39
CA ASN A 14 -10.10 -3.91 -12.31
CA ASN A 14 -10.36 -3.77 -12.32
C ASN A 14 -9.84 -5.20 -11.55
C ASN A 14 -10.89 -5.00 -11.57
N SER A 15 -10.35 -5.28 -10.33
N SER A 15 -10.16 -5.42 -10.55
CA SER A 15 -10.16 -6.46 -9.50
CA SER A 15 -10.56 -6.58 -9.76
C SER A 15 -10.99 -6.36 -8.22
C SER A 15 -11.14 -6.14 -8.41
N GLY A 16 -10.59 -5.47 -7.32
N GLY A 16 -10.31 -5.53 -7.59
CA GLY A 16 -11.30 -5.31 -6.07
CA GLY A 16 -10.75 -5.07 -6.28
C GLY A 16 -10.40 -5.47 -4.86
C GLY A 16 -9.87 -5.58 -5.16
N ARG A 17 -9.39 -6.32 -4.98
N ARG A 17 -8.59 -5.78 -5.45
CA ARG A 17 -8.46 -6.57 -3.89
CA ARG A 17 -7.65 -6.27 -4.46
C ARG A 17 -7.85 -5.26 -3.39
C ARG A 17 -6.96 -5.11 -3.74
N VAL A 18 -7.06 -5.34 -2.33
N VAL A 18 -7.03 -5.13 -2.41
CA VAL A 18 -6.41 -4.17 -1.75
CA VAL A 18 -6.42 -4.08 -1.60
C VAL A 18 -4.90 -4.36 -1.67
C VAL A 18 -4.90 -4.22 -1.57
N TYR A 19 -4.19 -3.27 -1.44
N TYR A 19 -4.21 -3.11 -1.67
CA TYR A 19 -2.73 -3.31 -1.33
CA TYR A 19 -2.74 -3.11 -1.64
C TYR A 19 -2.19 -2.03 -0.71
C TYR A 19 -2.20 -1.86 -0.96
N TYR A 20 -0.87 -1.92 -0.65
N TYR A 20 -0.88 -1.79 -0.84
CA TYR A 20 -0.22 -0.74 -0.08
CA TYR A 20 -0.24 -0.65 -0.19
C TYR A 20 0.54 0.02 -1.15
C TYR A 20 0.79 -0.01 -1.12
N PHE A 21 0.60 1.34 -0.99
N PHE A 21 0.72 1.32 -1.26
CA PHE A 21 1.30 2.20 -1.94
CA PHE A 21 1.64 2.04 -2.12
C PHE A 21 2.23 3.17 -1.22
C PHE A 21 2.33 3.17 -1.36
N ASN A 22 3.49 3.19 -1.63
N ASN A 22 3.59 3.41 -1.67
CA ASN A 22 4.49 4.08 -1.02
CA ASN A 22 4.36 4.45 -1.00
C ASN A 22 4.63 5.37 -1.82
C ASN A 22 4.56 5.65 -1.93
N HIS A 23 4.16 6.46 -1.27
N HIS A 23 4.20 6.83 -1.43
CA HIS A 23 4.24 7.76 -1.93
CA HIS A 23 4.34 8.06 -2.21
C HIS A 23 5.51 8.50 -1.53
C HIS A 23 5.77 8.57 -2.17
N ILE A 24 6.59 7.74 -1.35
N ILE A 24 6.53 8.13 -1.17
CA ILE A 24 7.87 8.33 -0.96
CA ILE A 24 7.92 8.54 -1.02
C ILE A 24 8.98 7.89 -1.92
C ILE A 24 8.85 7.68 -1.88
N THR A 25 8.95 6.63 -2.32
N THR A 25 8.62 6.37 -1.86
CA THR A 25 9.95 6.09 -3.23
CA THR A 25 9.43 5.44 -2.62
C THR A 25 9.30 5.45 -4.45
C THR A 25 8.81 5.18 -3.99
N ASN A 26 8.11 5.94 -4.80
N ASN A 26 7.52 5.42 -4.11
CA ASN A 26 7.38 5.41 -5.95
CA ASN A 26 6.81 5.21 -5.36
C ASN A 26 7.37 3.89 -5.94
C ASN A 26 6.82 3.72 -5.74
N ALA A 27 7.08 3.31 -4.78
N ALA A 27 6.20 2.91 -4.90
CA ALA A 27 7.03 1.86 -4.63
CA ALA A 27 6.14 1.47 -5.16
C ALA A 27 5.61 1.38 -4.37
C ALA A 27 4.96 0.84 -4.43
N SER A 28 5.36 0.10 -4.66
N SER A 28 4.47 -0.28 -4.96
CA SER A 28 4.03 -0.48 -4.45
CA SER A 28 3.34 -0.98 -4.37
C SER A 28 4.14 -1.97 -4.15
C SER A 28 3.68 -2.45 -4.11
N GLN A 29 4.24 -2.30 -2.87
N GLN A 29 3.11 -3.00 -3.05
CA GLN A 29 4.35 -3.69 -2.44
CA GLN A 29 3.35 -4.40 -2.70
C GLN A 29 2.99 -4.24 -2.02
C GLN A 29 2.17 -4.98 -1.93
N PHE A 30 2.78 -5.53 -2.25
N PHE A 30 1.83 -6.23 -2.21
CA PHE A 30 1.53 -6.18 -1.89
CA PHE A 30 0.72 -6.90 -1.55
C PHE A 30 1.52 -6.59 -0.42
C PHE A 30 1.12 -7.36 -0.14
N GLU A 31 2.69 -6.97 0.08
N GLU A 31 2.39 -7.71 0.01
CA GLU A 31 2.82 -7.40 1.47
CA GLU A 31 2.90 -8.18 1.30
C GLU A 31 2.89 -6.19 2.40
C GLU A 31 2.95 -7.02 2.30
N ARG A 32 2.27 -6.31 3.56
N ARG A 32 2.51 -7.30 3.52
CA ARG A 32 2.25 -5.22 4.54
CA ARG A 32 2.51 -6.28 4.58
C ARG A 32 3.67 -4.74 4.81
C ARG A 32 3.91 -5.81 4.87
N PRO A 33 3.84 -3.40 4.83
N PRO A 33 4.19 -4.53 4.55
CA PRO A 33 5.15 -2.77 5.07
CA PRO A 33 5.50 -3.91 4.78
C PRO A 33 5.60 -2.94 6.52
C PRO A 33 5.80 -3.70 6.25
N SER A 34 6.90 -3.14 6.70
N SER A 34 7.06 -3.41 6.57
CA SER A 34 7.48 -3.33 8.03
CA SER A 34 7.46 -3.18 7.95
C SER A 34 7.52 -2.00 8.78
C SER A 34 8.37 -1.96 8.06
N GLY A 35 8.28 -1.05 8.25
N GLY A 35 8.63 -1.53 9.28
CA GLY A 35 8.40 0.25 8.88
CA GLY A 35 9.48 -0.37 9.51
C GLY A 35 9.57 0.33 9.84
C GLY A 35 9.49 0.08 10.96
N SER A 1 -4.81 -2.12 10.62
N SER A 1 -4.69 -1.48 10.09
CA SER A 1 -4.99 -0.72 10.25
CA SER A 1 -5.09 -0.11 10.40
C SER A 1 -3.89 0.13 10.87
C SER A 1 -3.87 0.73 10.76
N LYS A 2 -2.64 -0.32 10.76
N LYS A 2 -3.04 0.21 11.65
CA LYS A 2 -1.51 0.40 11.31
CA LYS A 2 -1.84 0.92 12.08
C LYS A 2 -0.32 0.35 10.36
C LYS A 2 -0.72 0.75 11.07
N LEU A 3 0.06 1.50 9.83
N LEU A 3 -0.89 1.32 9.89
CA LEU A 3 1.19 1.57 8.90
CA LEU A 3 0.11 1.23 8.83
C LEU A 3 2.13 2.73 9.27
C LEU A 3 1.23 2.24 9.06
N PRO A 4 3.41 2.57 8.94
N PRO A 4 2.42 1.93 8.53
CA PRO A 4 4.43 3.60 9.23
CA PRO A 4 3.59 2.80 8.67
C PRO A 4 4.25 4.85 8.39
C PRO A 4 3.46 4.08 7.85
N PRO A 5 5.07 5.88 8.67
N PRO A 5 4.28 5.08 8.17
CA PRO A 5 5.02 7.16 7.96
CA PRO A 5 4.28 6.37 7.47
C PRO A 5 5.52 7.03 6.52
C PRO A 5 4.80 6.27 6.04
N GLY A 6 4.61 6.66 5.62
N GLY A 6 4.21 7.04 5.14
CA GLY A 6 4.98 6.52 4.22
CA GLY A 6 4.63 7.02 3.75
C GLY A 6 4.26 5.37 3.55
C GLY A 6 3.81 6.06 2.91
N TRP A 7 3.03 5.11 3.98
N TRP A 7 3.33 4.99 3.54
CA TRP A 7 2.23 4.04 3.42
CA TRP A 7 2.52 4.00 2.84
C TRP A 7 0.74 4.31 3.61
C TRP A 7 1.04 4.36 2.89
N GLU A 8 0.01 4.43 2.49
N GLU A 8 0.32 4.03 1.82
CA GLU A 8 -1.42 4.68 2.54
CA GLU A 8 -1.11 4.32 1.73
C GLU A 8 -2.21 3.51 1.96
C GLU A 8 -1.89 3.11 1.25
N LYS A 9 -3.45 3.37 2.38
N LYS A 9 -3.09 2.93 1.80
CA LYS A 9 -4.31 2.29 1.90
CA LYS A 9 -3.94 1.80 1.43
C LYS A 9 -4.90 2.64 0.54
C LYS A 9 -4.84 2.17 0.26
N ARG A 10 -4.52 1.88 -0.48
N ARG A 10 -4.74 1.41 -0.83
CA ARG A 10 -5.02 2.10 -1.82
CA ARG A 10 -5.55 1.66 -2.02
C ARG A 10 -5.91 0.95 -2.29
C ARG A 10 -6.29 0.40 -2.44
N MET A 11 -6.82 1.24 -3.20
N MET A 11 -7.24 0.55 -3.36
CA MET A 11 -7.74 0.22 -3.72
CA MET A 11 -8.03 -0.57 -3.85
C MET A 11 -7.45 -0.06 -5.20
C MET A 11 -8.10 -0.56 -5.36
N SER A 12 -8.20 -1.00 -5.76
N SER A 12 -7.83 -1.71 -5.97
CA SER A 12 -8.03 -1.37 -7.17
CA SER A 12 -7.87 -1.83 -7.43
C SER A 12 -9.20 -0.87 -8.00
C SER A 12 -9.24 -1.44 -7.97
N ARG A 13 -9.06 -0.96 -9.32
N ARG A 13 -9.33 -1.31 -9.29
CA ARG A 13 -10.10 -0.52 -10.23
CA ARG A 13 -10.59 -0.94 -9.94
C ARG A 13 -10.54 -1.66 -11.16
C ARG A 13 -11.05 -2.05 -10.89
N ASN A 14 -9.59 -2.51 -11.53
N ASN A 14 -10.11 -2.84 -11.38
CA ASN A 14 -9.87 -3.64 -12.41
CA ASN A 14 -10.43 -3.93 -12.30
C ASN A 14 -9.63 -4.96 -11.68
C ASN A 14 -10.96 -5.13 -11.54
N SER A 15 -10.23 -5.11 -10.51
N SER A 15 -10.22 -5.56 -10.52
CA SER A 15 -10.08 -6.33 -9.72
CA SER A 15 -10.61 -6.71 -9.71
C SER A 15 -10.94 -6.27 -8.47
C SER A 15 -11.18 -6.26 -8.36
N GLY A 16 -10.57 -5.42 -7.53
N GLY A 16 -10.35 -5.61 -7.57
CA GLY A 16 -11.33 -5.28 -6.30
CA GLY A 16 -10.79 -5.13 -6.26
C GLY A 16 -10.47 -5.46 -5.06
C GLY A 16 -9.90 -5.64 -5.14
N ARG A 17 -9.45 -6.31 -5.18
N ARG A 17 -8.62 -5.84 -5.44
CA ARG A 17 -8.55 -6.58 -4.06
CA ARG A 17 -7.67 -6.32 -4.44
C ARG A 17 -7.94 -5.29 -3.54
C ARG A 17 -7.00 -5.15 -3.73
N VAL A 18 -7.12 -5.40 -2.49
N VAL A 18 -7.06 -5.16 -2.40
CA VAL A 18 -6.46 -4.25 -1.90
CA VAL A 18 -6.45 -4.11 -1.61
C VAL A 18 -4.97 -4.49 -1.72
C VAL A 18 -4.93 -4.24 -1.58
N TYR A 19 -4.24 -3.42 -1.45
N TYR A 19 -4.24 -3.11 -1.69
CA TYR A 19 -2.79 -3.50 -1.25
CA TYR A 19 -2.78 -3.11 -1.69
C TYR A 19 -2.24 -2.20 -0.68
C TYR A 19 -2.25 -1.84 -1.02
N TYR A 20 -0.92 -2.14 -0.56
N TYR A 20 -0.93 -1.77 -0.88
CA TYR A 20 -0.26 -0.95 -0.03
CA TYR A 20 -0.28 -0.61 -0.27
C TYR A 20 0.51 -0.21 -1.12
C TYR A 20 0.73 0.02 -1.21
N PHE A 21 0.59 1.10 -0.99
N PHE A 21 0.71 1.35 -1.30
CA PHE A 21 1.29 1.93 -1.97
CA PHE A 21 1.62 2.08 -2.17
C PHE A 21 2.21 2.93 -1.27
C PHE A 21 2.30 3.20 -1.41
N ASN A 22 3.48 2.94 -1.67
N ASN A 22 3.57 3.45 -1.73
CA ASN A 22 4.46 3.86 -1.08
CA ASN A 22 4.33 4.51 -1.08
C ASN A 22 4.58 5.13 -1.91
C ASN A 22 4.52 5.70 -2.01
N HIS A 23 4.14 6.25 -1.33
N HIS A 23 4.16 6.88 -1.54
CA HIS A 23 4.20 7.54 -2.01
CA HIS A 23 4.29 8.09 -2.33
C HIS A 23 5.51 8.26 -1.70
C HIS A 23 5.72 8.63 -2.28
N ILE A 24 6.59 7.48 -1.58
N ILE A 24 6.47 8.19 -1.28
CA ILE A 24 7.90 8.05 -1.30
CA ILE A 24 7.86 8.60 -1.11
C ILE A 24 8.94 7.56 -2.30
C ILE A 24 8.80 7.76 -1.96
N THR A 25 8.83 6.30 -2.69
N THR A 25 8.60 6.46 -1.94
CA THR A 25 9.75 5.71 -3.65
CA THR A 25 9.43 5.53 -2.71
C THR A 25 9.02 4.96 -4.76
C THR A 25 8.81 5.24 -4.07
N ASN A 26 7.75 5.33 -4.97
N ASN A 26 7.51 5.48 -4.18
CA ASN A 26 6.93 4.70 -5.99
CA ASN A 26 6.79 5.24 -5.42
C ASN A 26 7.13 3.18 -5.98
C ASN A 26 6.80 3.76 -5.79
N ALA A 27 7.25 2.61 -4.79
N ALA A 27 6.29 2.93 -4.88
CA ALA A 27 7.44 1.17 -4.65
CA ALA A 27 6.25 1.49 -5.10
C ALA A 27 6.14 0.42 -4.90
C ALA A 27 5.03 0.87 -4.41
N SER A 28 5.23 0.46 -3.92
N SER A 28 4.64 -0.31 -4.87
CA SER A 28 3.95 -0.22 -4.04
CA SER A 28 3.49 -1.01 -4.30
C SER A 28 4.13 -1.73 -4.08
C SER A 28 3.89 -2.40 -3.80
N GLN A 29 3.69 -2.41 -3.02
N GLN A 29 3.22 -2.86 -2.75
CA GLN A 29 3.81 -3.86 -2.94
CA GLN A 29 3.50 -4.16 -2.18
C GLN A 29 2.60 -4.47 -2.25
C GLN A 29 2.24 -4.77 -1.54
N PHE A 30 2.37 -5.76 -2.49
N PHE A 30 1.99 -6.04 -1.83
CA PHE A 30 1.24 -6.45 -1.89
CA PHE A 30 0.83 -6.72 -1.28
C PHE A 30 1.53 -6.80 -0.43
C PHE A 30 1.09 -7.21 0.13
N GLU A 31 2.80 -7.01 -0.12
N GLU A 31 2.34 -7.59 0.40
CA GLU A 31 3.21 -7.34 1.24
CA GLU A 31 2.72 -8.08 1.72
C GLU A 31 3.14 -6.13 2.15
C GLU A 31 2.84 -6.92 2.71
N ARG A 32 2.72 -6.34 3.39
N ARG A 32 2.22 -7.08 3.88
CA ARG A 32 2.60 -5.26 4.36
CA ARG A 32 2.25 -6.06 4.91
C ARG A 32 3.98 -4.71 4.73
C ARG A 32 3.69 -5.61 5.20
N PRO A 33 4.10 -3.37 4.74
N PRO A 33 4.03 -4.38 4.77
CA PRO A 33 5.36 -2.69 5.06
CA PRO A 33 5.36 -3.82 4.96
C PRO A 33 5.72 -2.83 6.54
C PRO A 33 5.65 -3.50 6.43
N SER A 34 6.95 -3.23 6.80
N SER A 34 6.93 -3.26 6.73
CA SER A 34 7.43 -3.41 8.17
CA SER A 34 7.33 -2.95 8.10
C SER A 34 7.52 -2.06 8.89
C SER A 34 8.27 -1.75 8.12
N GLY A 35 8.24 -1.12 8.27
N GLY A 35 8.56 -1.25 9.33
CA GLY A 35 8.40 0.20 8.86
CA GLY A 35 9.45 -0.11 9.46
C GLY A 35 9.60 0.28 9.78
C GLY A 35 9.65 0.30 10.91
N SER A 1 -5.74 -1.89 9.74
N SER A 1 -5.41 -0.66 9.40
CA SER A 1 -5.75 -0.45 9.50
CA SER A 1 -5.66 0.73 9.72
C SER A 1 -4.69 0.24 10.36
C SER A 1 -4.41 1.42 10.25
N LYS A 2 -3.45 -0.24 10.25
N LYS A 2 -3.76 0.77 11.21
CA LYS A 2 -2.35 0.34 11.01
CA LYS A 2 -2.53 1.31 11.80
C LYS A 2 -1.03 0.22 10.25
C LYS A 2 -1.33 1.05 10.90
N LEU A 3 -0.61 1.33 9.65
N LEU A 3 -1.37 1.61 9.69
CA LEU A 3 0.63 1.35 8.89
CA LEU A 3 -0.28 1.45 8.74
C LEU A 3 1.49 2.55 9.28
C LEU A 3 0.87 2.40 9.05
N PRO A 4 2.81 2.44 9.05
N PRO A 4 2.09 1.99 8.67
CA PRO A 4 3.77 3.51 9.36
CA PRO A 4 3.29 2.80 8.90
C PRO A 4 3.60 4.71 8.45
C PRO A 4 3.33 4.05 8.02
N PRO A 5 4.28 5.82 8.82
N PRO A 5 4.27 4.95 8.33
CA PRO A 5 4.22 7.06 8.04
CA PRO A 5 4.43 6.20 7.58
C PRO A 5 4.95 6.95 6.70
C PRO A 5 4.96 5.97 6.17
N GLY A 6 4.18 6.88 5.62
N GLY A 6 4.40 6.70 5.20
CA GLY A 6 4.77 6.77 4.30
CA GLY A 6 4.84 6.55 3.83
C GLY A 6 4.01 5.82 3.40
C GLY A 6 4.14 5.41 3.11
N TRP A 7 3.41 4.79 4.01
N TRP A 7 2.89 5.18 3.47
CA TRP A 7 2.64 3.80 3.25
CA TRP A 7 2.10 4.10 2.86
C TRP A 7 1.15 4.15 3.25
C TRP A 7 0.63 4.49 2.76
N GLU A 8 0.54 4.14 2.07
N GLU A 8 -0.03 4.01 1.71
CA GLU A 8 -0.88 4.45 1.95
CA GLU A 8 -1.45 4.31 1.50
C GLU A 8 -1.62 3.30 1.28
C GLU A 8 -2.21 3.05 1.11
N LYS A 9 -2.66 2.80 1.95
N LYS A 9 -3.44 2.94 1.58
CA LYS A 9 -3.46 1.71 1.42
CA LYS A 9 -4.29 1.80 1.28
C LYS A 9 -4.20 2.13 0.16
C LYS A 9 -5.16 2.06 0.06
N ARG A 10 -4.29 1.22 -0.81
N ARG A 10 -4.80 1.44 -1.06
CA ARG A 10 -4.98 1.51 -2.06
CA ARG A 10 -5.54 1.61 -2.30
C ARG A 10 -5.73 0.28 -2.56
C ARG A 10 -6.28 0.32 -2.68
N MET A 11 -6.59 0.48 -3.56
N MET A 11 -7.22 0.44 -3.61
CA MET A 11 -7.36 -0.61 -4.13
CA MET A 11 -7.99 -0.71 -4.05
C MET A 11 -6.93 -0.91 -5.56
C MET A 11 -8.06 -0.77 -5.58
N SER A 12 -7.50 -1.95 -6.15
N SER A 12 -7.73 -1.92 -6.14
CA SER A 12 -7.17 -2.34 -7.51
CA SER A 12 -7.75 -2.10 -7.58
C SER A 12 -8.20 -1.80 -8.50
C SER A 12 -9.16 -1.85 -8.14
N ARG A 13 -9.45 -1.74 -8.05
N ARG A 13 -9.21 -1.13 -9.26
CA ARG A 13 -10.54 -1.25 -8.89
CA ARG A 13 -10.49 -0.82 -9.90
C ARG A 13 -10.94 -2.29 -9.92
C ARG A 13 -10.81 -1.83 -10.99
N ASN A 14 -9.98 -2.67 -10.77
N ASN A 14 -10.40 -3.08 -10.78
CA ASN A 14 -10.24 -3.66 -11.82
CA ASN A 14 -10.65 -4.13 -11.74
C ASN A 14 -9.99 -5.07 -11.29
C ASN A 14 -11.17 -5.39 -11.05
N SER A 15 -10.57 -5.39 -10.14
N SER A 15 -10.36 -5.94 -10.15
CA SER A 15 -10.40 -6.70 -9.53
CA SER A 15 -10.75 -7.15 -9.42
C SER A 15 -11.16 -6.78 -8.21
C SER A 15 -11.20 -6.80 -8.01
N GLY A 16 -10.67 -6.04 -7.21
N GLY A 16 -10.34 -6.10 -7.27
CA GLY A 16 -11.32 -6.04 -5.90
CA GLY A 16 -10.68 -5.72 -5.91
C GLY A 16 -10.32 -6.16 -4.77
C GLY A 16 -9.62 -6.18 -4.91
N ARG A 17 -9.19 -6.80 -5.03
N ARG A 17 -8.37 -6.22 -5.35
CA ARG A 17 -8.15 -6.98 -4.03
CA ARG A 17 -7.27 -6.64 -4.49
C ARG A 17 -7.69 -5.63 -3.49
C ARG A 17 -6.61 -5.44 -3.84
N VAL A 18 -6.70 -5.67 -2.60
N VAL A 18 -6.64 -5.40 -2.51
CA VAL A 18 -6.16 -4.45 -2.01
CA VAL A 18 -6.03 -4.31 -1.77
C VAL A 18 -4.65 -4.53 -1.87
C VAL A 18 -4.50 -4.43 -1.74
N TYR A 19 -4.01 -3.38 -1.63
N TYR A 19 -3.82 -3.29 -1.85
CA TYR A 19 -2.57 -3.33 -1.47
CA TYR A 19 -2.37 -3.28 -1.84
C TYR A 19 -2.14 -2.02 -0.81
C TYR A 19 -1.84 -2.03 -1.15
N TYR A 20 -0.84 -1.80 -0.73
N TYR A 20 -0.51 -1.92 -1.05
CA TYR A 20 -0.30 -0.58 -0.12
CA TYR A 20 0.12 -0.79 -0.40
C TYR A 20 0.71 0.08 -1.04
C TYR A 20 1.05 -0.05 -1.37
N PHE A 21 0.65 1.42 -1.11
N PHE A 21 0.95 1.26 -1.39
CA PHE A 21 1.56 2.18 -1.96
CA PHE A 21 1.77 2.08 -2.28
C PHE A 21 2.26 3.28 -1.16
C PHE A 21 2.56 3.12 -1.48
N ASN A 22 3.58 3.22 -1.11
N ASN A 22 3.80 3.37 -1.89
CA ASN A 22 4.36 4.21 -0.38
CA ASN A 22 4.65 4.34 -1.21
C ASN A 22 4.54 5.48 -1.20
C ASN A 22 4.93 5.54 -2.11
N HIS A 23 4.16 6.61 -0.62
N HIS A 23 4.58 6.73 -1.63
CA HIS A 23 4.27 7.90 -1.30
CA HIS A 23 4.78 7.95 -2.39
C HIS A 23 5.61 8.56 -1.00
C HIS A 23 6.23 8.44 -2.26
N ILE A 24 6.65 7.74 -0.84
N ILE A 24 6.91 7.95 -1.22
CA ILE A 24 7.99 8.24 -0.55
CA ILE A 24 8.30 8.33 -0.98
C ILE A 24 8.97 7.88 -1.66
C ILE A 24 9.26 7.51 -1.85
N THR A 25 8.85 6.66 -2.18
N THR A 25 9.02 6.21 -1.91
CA THR A 25 9.72 6.18 -3.24
CA THR A 25 9.85 5.32 -2.69
C THR A 25 8.92 5.53 -4.36
C THR A 25 9.27 5.10 -4.09
N ASN A 26 7.65 5.91 -4.48
N ASN A 26 7.99 5.41 -4.24
CA ASN A 26 6.77 5.37 -5.51
CA ASN A 26 7.31 5.26 -5.52
C ASN A 26 6.93 3.85 -5.61
C ASN A 26 7.24 3.79 -5.92
N ALA A 27 6.23 3.13 -4.75
N ALA A 27 6.79 2.95 -5.00
CA ALA A 27 6.28 1.67 -4.73
CA ALA A 27 6.67 1.52 -5.25
C ALA A 27 4.91 1.07 -4.51
C ALA A 27 5.47 0.93 -4.51
N SER A 28 4.59 0.04 -5.28
N SER A 28 5.04 -0.24 -4.94
CA SER A 28 3.29 -0.62 -5.16
CA SER A 28 3.89 -0.92 -4.33
C SER A 28 3.47 -2.09 -4.73
C SER A 28 4.20 -2.40 -4.08
N GLN A 29 3.48 -2.30 -3.43
N GLN A 29 3.54 -2.97 -3.09
CA GLN A 29 3.64 -3.65 -2.88
CA GLN A 29 3.74 -4.37 -2.75
C GLN A 29 2.33 -4.17 -2.31
C GLN A 29 2.48 -4.97 -2.13
N PHE A 30 1.95 -5.38 -2.69
N PHE A 30 2.23 -6.24 -2.42
CA PHE A 30 0.71 -5.99 -2.22
CA PHE A 30 1.06 -6.94 -1.90
C PHE A 30 0.86 -6.47 -0.77
C PHE A 30 1.29 -7.37 -0.45
N GLU A 31 2.09 -6.80 -0.40
N GLU A 31 2.53 -7.71 -0.13
CA GLU A 31 2.36 -7.28 0.96
CA GLU A 31 2.88 -8.14 1.22
C GLU A 31 2.47 -6.11 1.93
C GLU A 31 2.79 -6.98 2.20
N ARG A 32 1.78 -6.24 3.07
N ARG A 32 2.22 -7.25 3.38
CA ARG A 32 1.79 -5.19 4.09
CA ARG A 32 2.06 -6.23 4.41
C ARG A 32 3.22 -4.86 4.49
C ARG A 32 3.42 -5.72 4.87
N PRO A 33 3.51 -3.55 4.62
N PRO A 33 3.67 -4.42 4.66
CA PRO A 33 4.84 -3.06 5.01
CA PRO A 33 4.93 -3.78 5.05
C PRO A 33 5.16 -3.38 6.47
C PRO A 33 5.07 -3.66 6.56
N SER A 34 6.44 -3.57 6.76
N SER A 34 6.29 -3.41 7.02
CA SER A 34 6.89 -3.87 8.11
CA SER A 34 6.57 -3.28 8.45
C SER A 34 6.77 -2.64 9.01
C SER A 34 7.45 -2.06 8.73
N GLY A 35 7.50 -1.59 8.66
N GLY A 35 7.60 -1.72 10.00
CA GLY A 35 7.47 -0.37 9.45
CA GLY A 35 8.41 -0.58 10.38
C GLY A 35 8.44 -0.41 10.62
C GLY A 35 8.59 -0.47 11.88
N SER A 1 -4.76 -1.24 8.58
N SER A 1 -4.71 -0.49 9.23
CA SER A 1 -5.25 -0.11 9.37
CA SER A 1 -4.98 0.72 10.02
C SER A 1 -4.09 0.60 10.06
C SER A 1 -3.68 1.35 10.50
N LYS A 2 -3.11 -0.17 10.52
N LYS A 2 -3.02 0.69 11.44
CA LYS A 2 -1.95 0.37 11.20
CA LYS A 2 -1.76 1.20 11.98
C LYS A 2 -0.69 0.24 10.34
C LYS A 2 -0.60 0.93 11.02
N LEU A 3 -0.27 1.36 9.74
N LEU A 3 -0.69 1.48 9.82
CA LEU A 3 0.91 1.36 8.89
CA LEU A 3 0.34 1.30 8.81
C LEU A 3 1.82 2.53 9.24
C LEU A 3 1.52 2.24 9.06
N PRO A 4 3.13 2.38 8.95
N PRO A 4 2.70 1.86 8.56
CA PRO A 4 4.12 3.41 9.23
CA PRO A 4 3.92 2.65 8.71
C PRO A 4 3.97 4.63 8.32
C PRO A 4 3.88 3.94 7.89
N PRO A 5 4.69 5.70 8.64
N PRO A 5 4.84 4.83 8.14
CA PRO A 5 4.66 6.94 7.86
CA PRO A 5 4.94 6.11 7.43
C PRO A 5 5.31 6.79 6.49
C PRO A 5 5.36 5.93 5.98
N GLY A 6 4.51 6.96 5.43
N GLY A 6 4.69 6.65 5.08
CA GLY A 6 5.03 6.82 4.09
CA GLY A 6 5.01 6.56 3.67
C GLY A 6 4.19 5.90 3.22
C GLY A 6 4.30 5.40 2.99
N TRP A 7 3.54 4.94 3.86
N TRP A 7 3.09 5.10 3.45
CA TRP A 7 2.70 3.99 3.14
CA TRP A 7 2.29 4.02 2.87
C TRP A 7 1.24 4.42 3.15
C TRP A 7 0.81 4.36 2.89
N GLU A 8 0.56 4.21 2.03
N GLU A 8 0.11 3.99 1.81
CA GLU A 8 -0.84 4.60 1.91
CA GLU A 8 -1.32 4.25 1.70
C GLU A 8 -1.70 3.41 1.50
C GLU A 8 -2.07 3.02 1.23
N LYS A 9 -2.94 3.38 1.95
N LYS A 9 -3.23 2.77 1.82
CA LYS A 9 -3.87 2.30 1.62
CA LYS A 9 -4.04 1.61 1.45
C LYS A 9 -4.59 2.59 0.32
C LYS A 9 -4.99 1.95 0.30
N ARG A 10 -4.46 1.67 -0.65
N ARG A 10 -4.79 1.28 -0.83
CA ARG A 10 -5.12 1.83 -1.94
CA ARG A 10 -5.62 1.51 -2.01
C ARG A 10 -5.83 0.54 -2.34
C ARG A 10 -6.32 0.22 -2.44
N MET A 11 -6.78 0.67 -3.27
N MET A 11 -7.30 0.36 -3.32
CA MET A 11 -7.54 -0.48 -3.74
CA MET A 11 -8.05 -0.79 -3.82
C MET A 11 -7.36 -0.67 -5.24
C MET A 11 -8.16 -0.75 -5.34
N SER A 12 -8.12 -1.60 -5.82
N SER A 12 -7.86 -1.87 -5.98
CA SER A 12 -8.03 -1.88 -7.24
CA SER A 12 -7.94 -1.96 -7.43
C SER A 12 -9.30 -1.41 -7.96
C SER A 12 -9.34 -1.61 -7.94
N ARG A 13 -9.26 -1.45 -9.29
N ARG A 13 -9.47 -1.47 -9.26
CA ARG A 13 -10.41 -1.03 -10.09
CA ARG A 13 -10.75 -1.13 -9.86
C ARG A 13 -10.91 -2.18 -10.96
C ARG A 13 -11.21 -2.24 -10.80
N ASN A 14 -9.99 -3.02 -11.41
N ASN A 14 -10.26 -2.99 -11.33
CA ASN A 14 -10.34 -4.16 -12.26
CA ASN A 14 -10.56 -4.08 -12.26
C ASN A 14 -10.03 -5.48 -11.55
C ASN A 14 -11.04 -5.31 -11.50
N SER A 15 -10.48 -5.59 -10.30
N SER A 15 -10.27 -5.72 -10.50
CA SER A 15 -10.25 -6.80 -9.52
CA SER A 15 -10.60 -6.89 -9.70
C SER A 15 -11.04 -6.75 -8.21
C SER A 15 -11.16 -6.48 -8.34
N GLY A 16 -10.61 -5.90 -7.28
N GLY A 16 -10.33 -5.81 -7.55
CA GLY A 16 -11.29 -5.79 -6.01
CA GLY A 16 -10.75 -5.37 -6.23
C GLY A 16 -10.34 -5.90 -4.84
C GLY A 16 -9.82 -5.86 -5.13
N ARG A 17 -9.27 -6.67 -5.01
N ARG A 17 -8.55 -6.03 -5.46
CA ARG A 17 -8.28 -6.86 -3.95
CA ARG A 17 -7.57 -6.49 -4.50
C ARG A 17 -7.73 -5.52 -3.48
C ARG A 17 -6.90 -5.32 -3.80
N VAL A 18 -6.83 -5.57 -2.50
N VAL A 18 -6.95 -5.33 -2.46
CA VAL A 18 -6.22 -4.37 -1.97
CA VAL A 18 -6.35 -4.27 -1.67
C VAL A 18 -4.71 -4.52 -1.83
C VAL A 18 -4.82 -4.36 -1.67
N TYR A 19 -4.02 -3.40 -1.63
N TYR A 19 -4.17 -3.22 -1.79
CA TYR A 19 -2.56 -3.41 -1.49
CA TYR A 19 -2.71 -3.18 -1.81
C TYR A 19 -2.07 -2.13 -0.84
C TYR A 19 -2.19 -1.91 -1.14
N TYR A 20 -0.75 -1.99 -0.75
N TYR A 20 -0.87 -1.80 -1.02
CA TYR A 20 -0.15 -0.81 -0.14
CA TYR A 20 -0.26 -0.64 -0.40
C TYR A 20 0.63 0.00 -1.18
C TYR A 20 0.74 0.02 -1.34
N PHE A 21 0.67 1.31 -1.00
N PHE A 21 0.67 1.35 -1.44
CA PHE A 21 1.37 2.19 -1.92
CA PHE A 21 1.56 2.10 -2.32
C PHE A 21 2.14 3.27 -1.16
C PHE A 21 2.34 3.14 -1.52
N ASN A 22 3.46 3.22 -1.23
N ASN A 22 3.57 3.41 -1.96
CA ASN A 22 4.31 4.20 -0.56
CA ASN A 22 4.42 4.40 -1.29
C ASN A 22 4.56 5.42 -1.44
C ASN A 22 4.49 5.69 -2.09
N HIS A 23 4.22 6.60 -0.93
N HIS A 23 4.21 6.81 -1.42
CA HIS A 23 4.40 7.83 -1.67
CA HIS A 23 4.24 8.12 -2.07
C HIS A 23 5.85 8.32 -1.56
C HIS A 23 5.62 8.76 -1.92
N ILE A 24 6.47 8.04 -0.42
N ILE A 24 6.64 7.93 -1.76
CA ILE A 24 7.84 8.45 -0.18
CA ILE A 24 8.00 8.41 -1.63
C ILE A 24 8.81 7.69 -1.10
C ILE A 24 8.94 7.74 -2.62
N THR A 25 8.58 6.40 -1.24
N THR A 25 8.79 6.42 -2.74
CA THR A 25 9.43 5.56 -2.09
CA THR A 25 9.62 5.64 -3.66
C THR A 25 8.82 5.38 -3.47
C THR A 25 8.82 5.17 -4.87
N ASN A 26 7.51 5.62 -3.57
N ASN A 26 7.60 5.66 -4.98
CA ASN A 26 6.80 5.48 -4.84
CA ASN A 26 6.73 5.30 -6.10
C ASN A 26 6.72 4.01 -5.25
C ASN A 26 6.75 3.78 -6.33
N ALA A 27 6.45 3.14 -4.29
N ALA A 27 6.25 3.03 -5.37
CA ALA A 27 6.34 1.71 -4.56
CA ALA A 27 6.22 1.57 -5.47
C ALA A 27 4.89 1.24 -4.48
C ALA A 27 5.11 0.98 -4.61
N SER A 28 4.66 -0.03 -4.77
N SER A 28 4.56 -0.14 -5.06
CA SER A 28 3.32 -0.60 -4.74
CA SER A 28 3.47 -0.80 -4.33
C SER A 28 3.38 -2.11 -4.61
C SER A 28 3.89 -2.20 -3.90
N GLN A 29 3.59 -2.59 -3.40
N GLN A 29 3.22 -2.72 -2.88
CA GLN A 29 3.66 -4.03 -3.14
CA GLN A 29 3.52 -4.05 -2.36
C GLN A 29 2.39 -4.52 -2.45
C GLN A 29 2.29 -4.68 -1.73
N PHE A 30 2.14 -5.82 -2.56
N PHE A 30 2.04 -5.95 -2.06
CA PHE A 30 0.97 -6.43 -1.94
CA PHE A 30 0.89 -6.67 -1.52
C PHE A 30 1.24 -6.81 -0.49
C PHE A 30 1.17 -7.16 -0.11
N GLU A 31 2.51 -7.11 -0.19
N GLU A 31 2.42 -7.51 0.15
CA GLU A 31 2.91 -7.49 1.16
CA GLU A 31 2.82 -8.01 1.46
C GLU A 31 2.87 -6.29 2.10
C GLU A 31 2.94 -6.86 2.47
N ARG A 32 2.40 -6.52 3.31
N ARG A 32 2.34 -7.05 3.64
CA ARG A 32 2.31 -5.45 4.32
CA ARG A 32 2.37 -6.03 4.68
C ARG A 32 3.70 -4.94 4.69
C ARG A 32 3.81 -5.61 4.99
N PRO A 33 3.84 -3.61 4.77
N PRO A 33 4.16 -4.38 4.61
CA PRO A 33 5.10 -2.97 5.12
CA PRO A 33 5.50 -3.83 4.83
C PRO A 33 5.48 -3.19 6.58
C PRO A 33 5.77 -3.56 6.30
N SER A 34 6.75 -3.47 6.82
N SER A 34 7.05 -3.33 6.63
CA SER A 34 7.24 -3.71 8.18
CA SER A 34 7.44 -3.06 8.01
C SER A 34 7.24 -2.42 8.99
C SER A 34 8.37 -1.86 8.08
N GLY A 35 7.96 -1.42 8.50
N GLY A 35 8.64 -1.40 9.31
CA GLY A 35 8.02 -0.14 9.19
CA GLY A 35 9.51 -0.26 9.48
C GLY A 35 9.14 -0.10 10.21
C GLY A 35 9.57 0.21 10.93
N SER A 1 -3.52 3.23 9.46
N SER A 1 -5.10 2.88 9.65
CA SER A 1 -3.63 3.29 10.92
CA SER A 1 -4.89 3.13 11.06
C SER A 1 -2.49 2.49 11.57
C SER A 1 -3.54 2.56 11.51
N LYS A 2 -2.19 1.33 11.01
N LYS A 2 -3.45 1.23 11.52
CA LYS A 2 -1.13 0.48 11.54
CA LYS A 2 -2.22 0.55 11.92
C LYS A 2 0.17 0.70 10.77
C LYS A 2 -1.29 0.36 10.74
N LEU A 3 0.07 0.86 9.46
N LEU A 3 -0.87 1.46 10.14
CA LEU A 3 1.24 1.08 8.61
CA LEU A 3 0.04 1.41 8.99
C LEU A 3 2.04 2.28 9.10
C LEU A 3 1.18 2.42 9.14
N PRO A 4 3.35 2.26 8.81
N PRO A 4 2.34 2.09 8.57
CA PRO A 4 4.25 3.35 9.21
CA PRO A 4 3.52 2.96 8.63
C PRO A 4 4.00 4.63 8.43
C PRO A 4 3.35 4.22 7.79
N PRO A 5 4.71 5.70 8.80
N PRO A 5 4.18 5.24 8.08
CA PRO A 5 4.58 7.00 8.14
CA PRO A 5 4.14 6.52 7.36
C PRO A 5 5.15 7.00 6.72
C PRO A 5 4.64 6.39 5.93
N GLY A 6 4.32 6.60 5.77
N GLY A 6 4.04 7.16 5.03
CA GLY A 6 4.77 6.56 4.38
CA GLY A 6 4.43 7.13 3.64
C GLY A 6 3.91 5.65 3.53
C GLY A 6 3.60 6.15 2.82
N TRP A 7 3.20 4.74 4.18
N TRP A 7 3.17 5.07 3.46
CA TRP A 7 2.33 3.80 3.46
CA TRP A 7 2.37 4.06 2.78
C TRP A 7 0.86 4.17 3.65
C TRP A 7 0.88 4.43 2.82
N GLU A 8 0.12 4.18 2.55
N GLU A 8 0.18 4.12 1.74
CA GLU A 8 -1.30 4.52 2.58
CA GLU A 8 -1.25 4.42 1.65
C GLU A 8 -2.14 3.38 2.04
C GLU A 8 -2.04 3.18 1.20
N LYS A 9 -3.42 3.36 2.42
N LYS A 9 -3.22 3.02 1.78
CA LYS A 9 -4.34 2.31 1.96
CA LYS A 9 -4.08 1.88 1.44
C LYS A 9 -4.91 2.66 0.60
C LYS A 9 -4.98 2.22 0.25
N ARG A 10 -4.62 1.81 -0.39
N ARG A 10 -4.82 1.46 -0.83
CA ARG A 10 -5.10 2.02 -1.75
CA ARG A 10 -5.62 1.68 -2.03
C ARG A 10 -5.99 0.86 -2.19
C ARG A 10 -6.35 0.40 -2.43
N MET A 11 -6.90 1.14 -3.12
N MET A 11 -7.29 0.52 -3.36
CA MET A 11 -7.80 0.12 -3.63
CA MET A 11 -8.06 -0.62 -3.83
C MET A 11 -7.60 -0.09 -5.13
C MET A 11 -8.13 -0.64 -5.36
N SER A 12 -8.16 -1.17 -5.66
N SER A 12 -7.83 -1.78 -5.95
CA SER A 12 -8.04 -1.49 -7.07
CA SER A 12 -7.86 -1.93 -7.40
C SER A 12 -9.31 -1.12 -7.82
C SER A 12 -9.23 -1.58 -7.95
N ARG A 13 -9.23 -1.15 -9.15
N ARG A 13 -9.32 -1.47 -9.28
CA ARG A 13 -10.38 -0.81 -9.99
CA ARG A 13 -10.58 -1.14 -9.94
C ARG A 13 -10.74 -1.98 -10.91
C ARG A 13 -11.01 -2.26 -10.88
N ASN A 14 -9.71 -2.70 -11.37
N ASN A 14 -10.04 -3.01 -11.37
CA ASN A 14 -9.91 -3.84 -12.26
CA ASN A 14 -10.32 -4.11 -12.29
C ASN A 14 -9.50 -5.14 -11.59
C ASN A 14 -10.82 -5.34 -11.52
N SER A 15 -10.08 -5.40 -10.42
N SER A 15 -10.09 -5.71 -10.47
CA SER A 15 -9.78 -6.62 -9.67
CA SER A 15 -10.46 -6.86 -9.66
C SER A 15 -10.65 -6.72 -8.43
C SER A 15 -11.08 -6.42 -8.34
N GLY A 16 -10.34 -5.92 -7.42
N GLY A 16 -10.28 -5.74 -7.51
CA GLY A 16 -11.11 -5.93 -6.19
CA GLY A 16 -10.77 -5.28 -6.22
C GLY A 16 -10.23 -6.15 -4.97
C GLY A 16 -9.91 -5.75 -5.07
N ARG A 17 -9.11 -6.83 -5.16
N ARG A 17 -8.62 -5.93 -5.34
CA ARG A 17 -8.19 -7.10 -4.06
CA ARG A 17 -7.69 -6.38 -4.31
C ARG A 17 -7.78 -5.81 -3.36
C ARG A 17 -7.02 -5.19 -3.62
N VAL A 18 -6.94 -5.94 -2.33
N VAL A 18 -7.09 -5.17 -2.29
CA VAL A 18 -6.47 -4.79 -1.58
CA VAL A 18 -6.50 -4.08 -1.51
C VAL A 18 -4.97 -4.85 -1.36
C VAL A 18 -4.98 -4.21 -1.46
N TYR A 19 -4.32 -3.69 -1.40
N TYR A 19 -4.29 -3.09 -1.59
CA TYR A 19 -2.87 -3.61 -1.21
CA TYR A 19 -2.84 -3.07 -1.56
C TYR A 19 -2.46 -2.24 -0.69
C TYR A 19 -2.31 -1.79 -0.92
N TYR A 20 -1.16 -2.01 -0.60
N TYR A 20 -1.01 -1.71 -0.77
CA TYR A 20 -0.64 -0.75 -0.11
CA TYR A 20 -0.37 -0.54 -0.18
C TYR A 20 0.23 -0.07 -1.17
C TYR A 20 0.67 0.06 -1.11
N PHE A 21 0.40 1.24 -1.03
N PHE A 21 0.60 1.38 -1.29
CA PHE A 21 1.22 2.00 -1.98
CA PHE A 21 1.54 2.09 -2.16
C PHE A 21 2.17 2.95 -1.24
C PHE A 21 2.21 3.24 -1.42
N ASN A 22 3.40 3.03 -1.71
N ASN A 22 3.49 3.46 -1.70
CA ASN A 22 4.40 3.88 -1.10
CA ASN A 22 4.24 4.52 -1.07
C ASN A 22 4.59 5.17 -1.90
C ASN A 22 4.44 5.71 -2.02
N HIS A 23 4.16 6.29 -1.32
N HIS A 23 4.03 6.90 -1.58
CA HIS A 23 4.27 7.58 -1.99
CA HIS A 23 4.16 8.10 -2.40
C HIS A 23 5.57 8.28 -1.60
C HIS A 23 5.58 8.65 -2.33
N ILE A 24 6.64 7.49 -1.43
N ILE A 24 6.34 8.21 -1.33
CA ILE A 24 7.94 8.03 -1.08
CA ILE A 24 7.71 8.66 -1.15
C ILE A 24 9.02 7.56 -2.05
C ILE A 24 8.68 7.82 -1.98
N THR A 25 9.01 6.26 -2.35
N THR A 25 8.52 6.50 -1.90
CA THR A 25 9.98 5.69 -3.27
CA THR A 25 9.38 5.58 -2.64
C THR A 25 9.30 5.09 -4.50
C THR A 25 8.77 5.24 -4.00
N ASN A 26 8.15 5.66 -4.86
N ASN A 26 7.47 5.46 -4.13
CA ASN A 26 7.40 5.20 -6.01
CA ASN A 26 6.77 5.18 -5.37
C ASN A 26 7.26 3.68 -6.00
C ASN A 26 6.80 3.68 -5.68
N ALA A 27 7.16 3.11 -4.80
N ALA A 27 6.21 2.88 -4.81
CA ALA A 27 7.04 1.66 -4.65
CA ALA A 27 6.18 1.44 -5.00
C ALA A 27 5.58 1.26 -4.40
C ALA A 27 4.98 0.82 -4.28
N SER A 28 5.24 0.03 -4.73
N SER A 28 4.58 -0.37 -4.74
CA SER A 28 3.88 -0.47 -4.54
CA SER A 28 3.44 -1.06 -4.15
C SER A 28 3.86 -2.00 -4.52
C SER A 28 3.86 -2.43 -3.61
N GLN A 29 3.73 -2.56 -3.31
N GLN A 29 3.16 -2.90 -2.58
CA GLN A 29 3.70 -4.01 -3.16
CA GLN A 29 3.45 -4.18 -1.98
C GLN A 29 2.43 -4.45 -2.44
C GLN A 29 2.20 -4.79 -1.34
N PHE A 30 2.06 -5.71 -2.63
N PHE A 30 1.98 -6.08 -1.59
CA PHE A 30 0.86 -6.26 -1.98
CA PHE A 30 0.82 -6.77 -1.05
C PHE A 30 1.17 -6.74 -0.58
C PHE A 30 1.07 -7.20 0.40
N GLU A 31 2.42 -7.13 -0.35
N GLU A 31 2.32 -7.52 0.71
CA GLU A 31 2.84 -7.62 0.96
CA GLU A 31 2.70 -7.94 2.06
C GLU A 31 2.95 -6.47 1.96
C GLU A 31 2.66 -6.76 3.02
N ARG A 32 2.43 -6.69 3.17
N ARG A 32 2.05 -6.98 4.19
CA ARG A 32 2.46 -5.68 4.21
CA ARG A 32 1.94 -5.93 5.19
C ARG A 32 3.85 -5.56 4.81
C ARG A 32 3.30 -5.31 5.49
N PRO A 33 4.49 -4.40 4.61
N PRO A 33 3.49 -4.06 5.04
CA PRO A 33 5.84 -4.13 5.12
CA PRO A 33 4.75 -3.33 5.25
C PRO A 33 5.86 -3.99 6.64
C PRO A 33 4.97 -2.95 6.71
N SER A 34 7.06 -4.00 7.21
N SER A 34 6.03 -3.48 7.29
CA SER A 34 7.22 -3.87 8.66
CA SER A 34 6.36 -3.21 8.69
C SER A 34 7.13 -2.41 9.09
C SER A 34 7.33 -2.05 8.79
N GLY A 35 8.11 -1.61 8.65
N GLY A 35 7.51 -1.54 10.01
CA GLY A 35 8.12 -0.20 8.99
CA GLY A 35 8.43 -0.43 10.23
C GLY A 35 9.22 0.14 9.98
C GLY A 35 8.07 0.39 11.44
N SER A 1 -4.82 -1.60 12.47
N SER A 1 -4.83 -1.83 12.12
CA SER A 1 -4.54 -0.68 11.38
CA SER A 1 -5.17 -0.65 11.34
C SER A 1 -3.55 0.40 11.82
C SER A 1 -4.12 0.45 11.56
N LYS A 2 -2.27 0.14 11.60
N LYS A 2 -2.87 0.05 11.68
CA LYS A 2 -1.22 1.07 11.98
CA LYS A 2 -1.77 0.98 11.89
C LYS A 2 -0.11 1.10 10.93
C LYS A 2 -0.65 0.75 10.88
N LEU A 3 -0.49 1.26 9.67
N LEU A 3 -0.21 1.83 10.24
CA LEU A 3 0.46 1.30 8.57
CA LEU A 3 0.86 1.74 9.26
C LEU A 3 1.60 2.27 8.88
C LEU A 3 1.88 2.87 9.43
N PRO A 4 2.80 1.97 8.35
N PRO A 4 3.14 2.60 9.07
CA PRO A 4 3.98 2.80 8.56
CA PRO A 4 4.22 3.58 9.18
C PRO A 4 3.90 4.13 7.82
C PRO A 4 4.07 4.72 8.18
N PRO A 5 4.82 5.05 8.15
N PRO A 5 4.89 5.77 8.36
CA PRO A 5 4.85 6.38 7.53
CA PRO A 5 4.87 6.94 7.47
C PRO A 5 5.29 6.32 6.06
C PRO A 5 5.41 6.62 6.08
N GLY A 6 4.61 7.10 5.22
N GLY A 6 4.62 6.93 5.06
CA GLY A 6 4.94 7.12 3.81
CA GLY A 6 5.03 6.68 3.69
C GLY A 6 4.00 6.26 2.98
C GLY A 6 4.37 5.45 3.10
N TRP A 7 3.50 5.19 3.59
N TRP A 7 3.14 5.20 3.52
CA TRP A 7 2.59 4.28 2.90
CA TRP A 7 2.39 4.03 3.03
C TRP A 7 1.15 4.68 3.13
C TRP A 7 0.91 4.34 2.96
N GLU A 8 0.24 4.11 2.34
N GLU A 8 0.34 4.24 1.75
CA GLU A 8 -1.18 4.42 2.45
CA GLU A 8 -1.08 4.51 1.54
C GLU A 8 -2.02 3.25 1.96
C GLU A 8 -1.81 3.25 1.10
N LYS A 9 -3.22 3.10 2.53
N LYS A 9 -2.98 3.01 1.70
CA LYS A 9 -4.13 2.03 2.16
CA LYS A 9 -3.78 1.84 1.36
C LYS A 9 -4.80 2.33 0.82
C LYS A 9 -4.73 2.14 0.21
N ARG A 10 -4.50 1.52 -0.18
N ARG A 10 -4.64 1.36 -0.86
CA ARG A 10 -5.07 1.69 -1.51
CA ARG A 10 -5.49 1.55 -2.02
C ARG A 10 -5.86 0.45 -1.93
C ARG A 10 -6.17 0.24 -2.41
N MET A 11 -6.72 0.61 -2.94
N MET A 11 -7.17 0.33 -3.30
CA MET A 11 -7.53 -0.49 -3.44
CA MET A 11 -7.90 -0.84 -3.75
C MET A 11 -7.29 -0.69 -4.93
C MET A 11 -8.03 -0.84 -5.27
N SER A 12 -8.07 -1.61 -5.52
N SER A 12 -7.71 -1.98 -5.89
CA SER A 12 -7.95 -1.89 -6.95
CA SER A 12 -7.79 -2.12 -7.34
C SER A 12 -9.11 -1.31 -7.73
C SER A 12 -9.19 -1.80 -7.84
N ARG A 13 -8.99 -1.31 -9.05
N ARG A 13 -9.34 -1.68 -9.14
CA ARG A 13 -10.04 -0.77 -9.91
CA ARG A 13 -10.64 -1.38 -9.75
C ARG A 13 -10.56 -1.84 -10.88
C ARG A 13 -11.08 -2.50 -10.69
N ASN A 14 -9.66 -2.71 -11.31
N ASN A 14 -10.10 -3.25 -11.20
CA ASN A 14 -10.02 -3.78 -12.24
CA ASN A 14 -10.39 -4.36 -12.11
C ASN A 14 -9.82 -5.15 -11.59
C ASN A 14 -10.84 -5.59 -11.33
N SER A 15 -10.31 -5.30 -10.36
N SER A 15 -10.06 -5.96 -10.31
CA SER A 15 -10.18 -6.56 -9.63
CA SER A 15 -10.39 -7.12 -9.50
C SER A 15 -10.96 -6.50 -8.32
C SER A 15 -10.94 -6.70 -8.14
N GLY A 16 -10.44 -5.73 -7.37
N GLY A 16 -10.12 -6.02 -7.36
CA GLY A 16 -11.09 -5.61 -6.08
CA GLY A 16 -10.53 -5.57 -6.05
C GLY A 16 -10.11 -5.72 -4.92
C GLY A 16 -9.60 -6.02 -4.94
N ARG A 17 -9.06 -6.50 -5.12
N ARG A 17 -8.32 -6.17 -5.28
CA ARG A 17 -8.05 -6.70 -4.09
CA ARG A 17 -7.33 -6.60 -4.31
C ARG A 17 -7.48 -5.35 -3.63
C ARG A 17 -6.69 -5.40 -3.61
N VAL A 18 -6.55 -5.40 -2.67
N VAL A 18 -6.71 -5.41 -2.29
CA VAL A 18 -5.94 -4.20 -2.14
CA VAL A 18 -6.13 -4.32 -1.50
C VAL A 18 -4.42 -4.34 -2.10
C VAL A 18 -4.61 -4.38 -1.52
N TYR A 19 -3.72 -3.22 -1.91
N TYR A 19 -3.99 -3.22 -1.65
CA TYR A 19 -2.27 -3.21 -1.85
CA TYR A 19 -2.52 -3.14 -1.68
C TYR A 19 -1.76 -1.97 -1.13
C TYR A 19 -2.04 -1.84 -1.05
N TYR A 20 -0.44 -1.82 -1.09
N TYR A 20 -0.72 -1.70 -0.95
CA TYR A 20 0.18 -0.67 -0.43
CA TYR A 20 -0.12 -0.50 -0.37
C TYR A 20 1.01 0.14 -1.42
C TYR A 20 0.85 0.15 -1.35
N PHE A 21 0.99 1.47 -1.26
N PHE A 21 0.80 1.48 -1.44
CA PHE A 21 1.74 2.35 -2.13
CA PHE A 21 1.68 2.22 -2.32
C PHE A 21 2.36 3.51 -1.35
C PHE A 21 2.50 3.25 -1.55
N ASN A 22 3.68 3.60 -1.39
N ASN A 22 3.75 3.43 -1.96
CA ASN A 22 4.40 4.65 -0.67
CA ASN A 22 4.63 4.39 -1.30
C ASN A 22 4.47 5.92 -1.52
C ASN A 22 4.89 5.59 -2.21
N HIS A 23 4.14 7.05 -0.89
N HIS A 23 4.57 6.78 -1.69
CA HIS A 23 4.17 8.33 -1.57
CA HIS A 23 4.77 8.01 -2.45
C HIS A 23 5.53 9.01 -1.43
C HIS A 23 6.23 8.47 -2.37
N ILE A 24 6.57 8.20 -1.30
N ILE A 24 6.95 7.96 -1.38
CA ILE A 24 7.92 8.70 -1.14
CA ILE A 24 8.35 8.32 -1.19
C ILE A 24 8.82 8.21 -2.27
C ILE A 24 9.25 7.49 -2.11
N THR A 25 8.66 6.96 -2.65
N THR A 25 9.01 6.18 -2.14
CA THR A 25 9.46 6.37 -3.72
CA THR A 25 9.80 5.28 -2.97
C THR A 25 8.57 5.76 -4.81
C THR A 25 9.16 5.09 -4.33
N ASN A 26 7.36 6.29 -4.94
N ASN A 26 7.87 5.42 -4.43
CA ASN A 26 6.41 5.81 -5.94
CA ASN A 26 7.14 5.28 -5.69
C ASN A 26 6.47 4.29 -6.05
C ASN A 26 7.05 3.81 -6.11
N ALA A 27 6.50 3.63 -4.90
N ALA A 27 6.55 2.97 -5.19
CA ALA A 27 6.55 2.17 -4.87
CA ALA A 27 6.40 1.55 -5.47
C ALA A 27 5.17 1.57 -4.66
C ALA A 27 5.25 0.96 -4.65
N SER A 28 5.04 0.27 -4.88
N SER A 28 4.65 -0.11 -5.17
CA SER A 28 3.77 -0.43 -4.71
CA SER A 28 3.54 -0.76 -4.49
C SER A 28 3.99 -1.89 -4.35
C SER A 28 3.83 -2.25 -4.31
N GLN A 29 4.02 -2.16 -3.05
N GLN A 29 3.26 -2.83 -3.25
CA GLN A 29 4.22 -3.53 -2.56
CA GLN A 29 3.44 -4.24 -2.95
C GLN A 29 2.89 -4.21 -2.28
C GLN A 29 2.26 -4.81 -2.18
N PHE A 30 2.84 -5.52 -2.48
N PHE A 30 1.87 -6.03 -2.53
CA PHE A 30 1.62 -6.29 -2.26
CA PHE A 30 0.74 -6.68 -1.86
C PHE A 30 1.56 -6.79 -0.81
C PHE A 30 1.14 -7.16 -0.47
N GLU A 31 2.72 -7.15 -0.26
N GLU A 31 2.40 -7.54 -0.31
CA GLU A 31 2.79 -7.65 1.10
CA GLU A 31 2.90 -8.02 0.97
C GLU A 31 2.54 -6.52 2.11
C GLU A 31 3.13 -6.85 1.94
N ARG A 32 2.25 -6.89 3.34
N ARG A 32 2.23 -6.72 2.92
CA ARG A 32 1.99 -5.91 4.39
CA ARG A 32 2.33 -5.65 3.90
C ARG A 32 3.29 -5.35 4.95
C ARG A 32 3.70 -5.66 4.57
N PRO A 33 3.48 -4.03 4.77
N PRO A 33 4.29 -4.46 4.73
CA PRO A 33 4.69 -3.34 5.25
CA PRO A 33 5.60 -4.30 5.36
C PRO A 33 4.73 -3.25 6.77
C PRO A 33 5.57 -4.59 6.86
N SER A 34 5.69 -3.95 7.38
N SER A 34 6.74 -4.74 7.46
CA SER A 34 5.83 -3.95 8.83
CA SER A 34 6.85 -5.01 8.88
C SER A 34 6.13 -2.54 9.34
C SER A 34 7.08 -3.73 9.67
N GLY A 35 6.46 -2.44 10.62
N GLY A 35 6.08 -2.86 9.68
CA GLY A 35 6.77 -1.15 11.22
CA GLY A 35 6.20 -1.60 10.40
C GLY A 35 5.73 -0.72 12.23
C GLY A 35 6.63 -1.80 11.85
N SER A 1 -4.47 3.46 12.26
N SER A 1 -3.81 4.50 12.81
CA SER A 1 -3.39 3.30 11.29
CA SER A 1 -2.85 4.37 11.72
C SER A 1 -2.42 2.22 11.73
C SER A 1 -1.93 3.17 11.95
N LYS A 2 -2.48 1.07 11.07
N LYS A 2 -2.52 1.99 12.02
CA LYS A 2 -1.60 -0.05 11.39
CA LYS A 2 -1.75 0.77 12.25
C LYS A 2 -0.43 -0.12 10.43
C LYS A 2 -0.62 0.64 11.23
N LEU A 3 0.02 1.05 9.97
N LEU A 3 -0.87 1.11 10.01
CA LEU A 3 1.14 1.13 9.05
CA LEU A 3 0.13 1.05 8.96
C LEU A 3 2.09 2.27 9.44
C LEU A 3 1.24 2.08 9.19
N PRO A 4 3.37 2.11 9.08
N PRO A 4 2.43 1.79 8.66
CA PRO A 4 4.40 3.11 9.39
CA PRO A 4 3.60 2.68 8.80
C PRO A 4 4.24 4.38 8.55
C PRO A 4 3.44 3.97 7.99
N PRO A 5 5.06 5.39 8.86
N PRO A 5 4.26 4.98 8.32
CA PRO A 5 5.02 6.67 8.15
CA PRO A 5 4.24 6.28 7.64
C PRO A 5 5.52 6.57 6.71
C PRO A 5 4.74 6.19 6.20
N GLY A 6 4.61 6.24 5.80
N GLY A 6 4.13 6.96 5.31
CA GLY A 6 4.97 6.11 4.40
CA GLY A 6 4.53 6.96 3.92
C GLY A 6 4.23 4.98 3.71
C GLY A 6 3.71 6.01 3.07
N TRP A 7 3.00 4.73 4.15
N TRP A 7 3.24 4.93 3.69
CA TRP A 7 2.19 3.67 3.56
CA TRP A 7 2.44 3.93 3.00
C TRP A 7 0.70 3.95 3.80
C TRP A 7 0.95 4.29 3.06
N GLU A 8 -0.04 4.12 2.70
N GLU A 8 0.22 3.96 2.00
CA GLU A 8 -1.47 4.39 2.79
CA GLU A 8 -1.20 4.24 1.94
C GLU A 8 -2.28 3.24 2.18
C GLU A 8 -1.98 3.03 1.46
N LYS A 9 -3.51 3.08 2.65
N LYS A 9 -3.18 2.84 1.99
CA LYS A 9 -4.38 2.02 2.15
CA LYS A 9 -4.02 1.72 1.62
C LYS A 9 -5.00 2.41 0.81
C LYS A 9 -4.94 2.08 0.45
N ARG A 10 -4.65 1.66 -0.23
N ARG A 10 -4.83 1.33 -0.64
CA ARG A 10 -5.16 1.91 -1.57
CA ARG A 10 -5.66 1.58 -1.81
C ARG A 10 -6.03 0.75 -2.05
C ARG A 10 -6.37 0.31 -2.27
N MET A 11 -6.91 1.03 -3.00
N MET A 11 -7.32 0.46 -3.18
CA MET A 11 -7.79 0.02 -3.55
CA MET A 11 -8.08 -0.67 -3.69
C MET A 11 -7.48 -0.24 -5.02
C MET A 11 -8.14 -0.65 -5.21
N SER A 12 -8.19 -1.20 -5.61
N SER A 12 -7.86 -1.79 -5.83
CA SER A 12 -7.98 -1.55 -7.02
CA SER A 12 -7.86 -1.90 -7.28
C SER A 12 -9.14 -1.05 -7.88
C SER A 12 -9.23 -1.51 -7.84
N ARG A 13 -8.96 -1.13 -9.20
N ARG A 13 -9.31 -1.39 -9.16
CA ARG A 13 -10.00 -0.69 -10.12
CA ARG A 13 -10.55 -1.02 -9.82
C ARG A 13 -10.38 -1.81 -11.09
C ARG A 13 -11.01 -2.12 -10.78
N ASN A 14 -9.40 -2.61 -11.48
N ASN A 14 -10.05 -2.90 -11.27
CA ASN A 14 -9.63 -3.72 -12.40
CA ASN A 14 -10.36 -3.99 -12.19
C ASN A 14 -9.34 -5.05 -11.72
C ASN A 14 -10.87 -5.22 -11.44
N SER A 15 -9.97 -5.29 -10.57
N SER A 15 -10.14 -5.63 -10.41
CA SER A 15 -9.78 -6.53 -9.83
CA SER A 15 -10.52 -6.79 -9.61
C SER A 15 -10.71 -6.58 -8.61
C SER A 15 -11.12 -6.35 -8.28
N GLY A 16 -10.41 -5.76 -7.61
N GLY A 16 -10.30 -5.69 -7.46
CA GLY A 16 -11.22 -5.73 -6.41
CA GLY A 16 -10.76 -5.23 -6.17
C GLY A 16 -10.40 -5.86 -5.15
C GLY A 16 -9.89 -5.73 -5.03
N ARG A 17 -9.31 -6.62 -5.23
N ARG A 17 -8.61 -5.94 -5.32
CA ARG A 17 -8.43 -6.84 -4.08
CA ARG A 17 -7.68 -6.42 -4.30
C ARG A 17 -7.92 -5.50 -3.55
C ARG A 17 -7.01 -5.25 -3.58
N VAL A 18 -7.04 -5.58 -2.55
N VAL A 18 -7.06 -5.28 -2.26
CA VAL A 18 -6.46 -4.38 -1.95
CA VAL A 18 -6.47 -4.22 -1.45
C VAL A 18 -4.96 -4.53 -1.74
C VAL A 18 -4.95 -4.34 -1.42
N TYR A 19 -4.28 -3.41 -1.53
N TYR A 19 -4.26 -3.20 -1.53
CA TYR A 19 -2.84 -3.43 -1.33
CA TYR A 19 -2.81 -3.18 -1.52
C TYR A 19 -2.36 -2.11 -0.72
C TYR A 19 -2.28 -1.92 -0.85
N TYR A 20 -1.05 -1.98 -0.57
N TYR A 20 -0.96 -1.82 -0.73
CA TYR A 20 -0.47 -0.77 0.00
CA TYR A 20 -0.34 -0.66 -0.11
C TYR A 20 0.33 0.01 -1.05
C TYR A 20 0.67 -0.01 -1.06
N PHE A 21 0.43 1.32 -0.86
N PHE A 21 0.59 1.31 -1.16
CA PHE A 21 1.17 2.17 -1.78
CA PHE A 21 1.50 2.06 -2.03
C PHE A 21 2.12 3.10 -1.03
C PHE A 21 2.18 3.20 -1.26
N ASN A 22 3.38 3.10 -1.45
N ASN A 22 3.43 3.45 -1.61
CA ASN A 22 4.39 3.94 -0.82
CA ASN A 22 4.20 4.51 -0.95
C ASN A 22 4.58 5.25 -1.59
C ASN A 22 4.35 5.72 -1.85
N HIS A 23 4.16 6.35 -0.98
N HIS A 23 3.95 6.88 -1.36
CA HIS A 23 4.29 7.67 -1.62
CA HIS A 23 4.04 8.12 -2.12
C HIS A 23 5.59 8.34 -1.22
C HIS A 23 5.46 8.68 -2.08
N ILE A 24 6.66 7.55 -1.14
N ILE A 24 6.25 8.21 -1.12
CA ILE A 24 7.97 8.06 -0.78
CA ILE A 24 7.63 8.67 -0.98
C ILE A 24 9.04 7.59 -1.76
C ILE A 24 8.57 7.87 -1.87
N THR A 25 8.96 6.33 -2.15
N THR A 25 8.44 6.55 -1.83
CA THR A 25 9.92 5.76 -3.08
CA THR A 25 9.28 5.68 -2.64
C THR A 25 9.22 5.16 -4.30
C THR A 25 8.63 5.37 -3.99
N ASN A 26 8.06 5.71 -4.63
N ASN A 26 7.32 5.61 -4.06
CA ASN A 26 7.29 5.23 -5.78
CA ASN A 26 6.58 5.37 -5.30
C ASN A 26 7.17 3.71 -5.75
C ASN A 26 6.62 3.88 -5.68
N ALA A 27 7.09 3.15 -4.55
N ALA A 27 6.06 3.04 -4.81
CA ALA A 27 6.97 1.70 -4.40
CA ALA A 27 6.04 1.60 -5.05
C ALA A 27 5.53 1.30 -4.16
C ALA A 27 4.86 0.95 -4.34
N SER A 28 5.20 0.05 -4.49
N SER A 28 4.48 -0.23 -4.81
CA SER A 28 3.85 -0.47 -4.33
CA SER A 28 3.35 -0.96 -4.22
C SER A 28 3.84 -1.99 -4.34
C SER A 28 3.78 -2.35 -3.75
N GLN A 29 3.61 -2.58 -3.17
N GLN A 29 3.15 -2.84 -2.70
CA GLN A 29 3.58 -4.04 -3.05
CA GLN A 29 3.47 -4.15 -2.15
C GLN A 29 2.32 -4.49 -2.31
C GLN A 29 2.25 -4.78 -1.50
N PHE A 30 1.95 -5.74 -2.52
N PHE A 30 2.03 -6.06 -1.79
CA PHE A 30 0.76 -6.30 -1.88
CA PHE A 30 0.88 -6.78 -1.22
C PHE A 30 1.06 -6.72 -0.45
C PHE A 30 1.19 -7.27 0.19
N GLU A 31 2.31 -7.10 -0.20
N GLU A 31 2.45 -7.63 0.42
CA GLU A 31 2.72 -7.52 1.14
CA GLU A 31 2.88 -8.12 1.72
C GLU A 31 2.74 -6.34 2.10
C GLU A 31 2.98 -6.97 2.72
N ARG A 32 2.32 -6.59 3.34
N ARG A 32 2.42 -7.16 3.92
CA ARG A 32 2.30 -5.54 4.35
CA ARG A 32 2.45 -6.14 4.95
C ARG A 32 3.70 -5.04 4.65
C ARG A 32 3.88 -5.65 5.18
N PRO A 33 3.85 -3.70 4.70
N PRO A 33 4.15 -4.41 4.76
CA PRO A 33 5.14 -3.05 4.98
CA PRO A 33 5.48 -3.79 4.92
C PRO A 33 5.59 -3.26 6.42
C PRO A 33 5.79 -3.47 6.37
N SER A 34 6.89 -3.48 6.60
N SER A 34 7.07 -3.18 6.64
CA SER A 34 7.45 -3.69 7.94
CA SER A 34 7.51 -2.86 7.99
C SER A 34 7.55 -2.36 8.70
C SER A 34 8.48 -1.68 7.99
N GLY A 35 8.32 -1.44 8.16
N GLY A 35 8.78 -1.17 9.17
CA GLY A 35 8.49 -0.14 8.81
CA GLY A 35 9.69 -0.05 9.28
C GLY A 35 9.73 -0.09 9.68
C GLY A 35 9.85 0.44 10.71
N SER A 1 -4.42 -1.55 8.61
N SER A 1 -4.67 -1.66 9.51
CA SER A 1 -5.03 -0.58 9.49
CA SER A 1 -5.07 -0.56 10.40
C SER A 1 -3.98 0.28 10.17
C SER A 1 -3.87 0.30 10.78
N LYS A 2 -2.87 -0.35 10.56
N LYS A 2 -3.03 -0.22 11.66
CA LYS A 2 -1.78 0.35 11.23
CA LYS A 2 -1.85 0.50 12.11
C LYS A 2 -0.52 0.34 10.37
C LYS A 2 -0.72 0.40 11.09
N LEU A 3 -0.24 1.46 9.72
N LEU A 3 -0.94 1.02 9.93
CA LEU A 3 0.93 1.59 8.87
CA LEU A 3 0.05 1.00 8.86
C LEU A 3 1.77 2.79 9.27
C LEU A 3 1.16 2.02 9.12
N PRO A 4 3.09 2.71 9.00
N PRO A 4 2.36 1.72 8.62
CA PRO A 4 4.03 3.79 9.33
CA PRO A 4 3.52 2.60 8.78
C PRO A 4 3.83 5.03 8.45
C PRO A 4 3.40 3.90 8.00
N PRO A 5 4.55 6.10 8.77
N PRO A 5 4.23 4.88 8.34
CA PRO A 5 4.47 7.36 8.01
CA PRO A 5 4.23 6.19 7.66
C PRO A 5 5.07 7.24 6.62
C PRO A 5 4.76 6.11 6.24
N GLY A 6 4.27 6.74 5.67
N GLY A 6 4.18 6.92 5.35
CA GLY A 6 4.74 6.58 4.32
CA GLY A 6 4.61 6.92 3.97
C GLY A 6 3.90 5.61 3.51
C GLY A 6 3.79 6.00 3.10
N TRP A 7 3.20 4.74 4.21
N TRP A 7 3.29 4.92 3.69
CA TRP A 7 2.34 3.75 3.56
CA TRP A 7 2.49 3.94 2.97
C TRP A 7 0.86 4.12 3.73
C TRP A 7 1.01 4.32 3.01
N GLU A 8 0.12 4.10 2.62
N GLU A 8 0.30 4.05 1.92
CA GLU A 8 -1.29 4.43 2.64
CA GLU A 8 -1.12 4.37 1.83
C GLU A 8 -2.13 3.32 2.02
C GLU A 8 -1.90 3.19 1.26
N LYS A 9 -3.41 3.28 2.36
N LYS A 9 -3.07 2.93 1.83
CA LYS A 9 -4.31 2.27 1.82
CA LYS A 9 -3.93 1.84 1.38
C LYS A 9 -4.94 2.72 0.52
C LYS A 9 -4.77 2.26 0.19
N ARG A 10 -4.81 1.91 -0.52
N ARG A 10 -4.71 1.48 -0.89
CA ARG A 10 -5.36 2.23 -1.83
CA ARG A 10 -5.47 1.77 -2.09
C ARG A 10 -6.18 1.07 -2.38
C ARG A 10 -6.35 0.59 -2.48
N MET A 11 -7.03 1.36 -3.36
N MET A 11 -7.25 0.82 -3.43
CA MET A 11 -7.87 0.33 -3.97
CA MET A 11 -8.16 -0.23 -3.90
C MET A 11 -7.66 0.29 -5.48
C MET A 11 -8.22 -0.25 -5.42
N SER A 12 -8.18 -0.76 -6.11
N SER A 12 -7.99 -1.42 -6.01
CA SER A 12 -8.05 -0.92 -7.55
CA SER A 12 -8.01 -1.57 -7.46
C SER A 12 -9.42 -0.97 -8.22
C SER A 12 -9.36 -1.13 -8.02
N ARG A 13 -9.56 -0.28 -9.35
N ARG A 13 -9.42 -0.98 -9.34
CA ARG A 13 -10.82 -0.26 -10.08
CA ARG A 13 -10.65 -0.56 -10.00
C ARG A 13 -10.77 -1.22 -11.27
C ARG A 13 -11.11 -1.62 -11.00
N ASN A 14 -9.91 -2.23 -11.18
N ASN A 14 -10.17 -2.39 -11.51
CA ASN A 14 -9.77 -3.22 -12.24
CA ASN A 14 -10.48 -3.45 -12.48
C ASN A 14 -9.51 -4.61 -11.66
C ASN A 14 -11.01 -4.68 -11.77
N SER A 15 -10.12 -4.89 -10.52
N SER A 15 -10.27 -5.16 -10.78
CA SER A 15 -9.96 -6.18 -9.86
CA SER A 15 -10.67 -6.34 -10.03
C SER A 15 -10.81 -6.26 -8.60
C SER A 15 -11.24 -5.96 -8.66
N GLY A 16 -10.54 -5.36 -7.66
N GLY A 16 -10.37 -5.44 -7.80
CA GLY A 16 -11.28 -5.35 -6.41
CA GLY A 16 -10.79 -5.05 -6.47
C GLY A 16 -10.38 -5.53 -5.19
C GLY A 16 -9.89 -5.59 -5.38
N ARG A 17 -9.31 -6.30 -5.36
N ARG A 17 -8.61 -5.73 -5.69
CA ARG A 17 -8.38 -6.56 -4.27
CA ARG A 17 -7.63 -6.24 -4.73
C ARG A 17 -7.84 -5.25 -3.71
C ARG A 17 -6.97 -5.10 -3.96
N VAL A 18 -6.97 -5.36 -2.71
N VAL A 18 -7.07 -5.15 -2.63
CA VAL A 18 -6.37 -4.18 -2.08
CA VAL A 18 -6.48 -4.13 -1.79
C VAL A 18 -4.86 -4.36 -1.91
C VAL A 18 -4.96 -4.27 -1.73
N TYR A 19 -4.18 -3.25 -1.61
N TYR A 19 -4.26 -3.14 -1.81
CA TYR A 19 -2.73 -3.29 -1.42
CA TYR A 19 -2.81 -3.14 -1.77
C TYR A 19 -2.24 -1.99 -0.80
C TYR A 19 -2.28 -1.88 -1.08
N TYR A 20 -0.93 -1.86 -0.67
N TYR A 20 -0.97 -1.81 -0.92
CA TYR A 20 -0.32 -0.67 -0.08
CA TYR A 20 -0.34 -0.66 -0.28
C TYR A 20 0.49 0.10 -1.12
C TYR A 20 0.70 -0.02 -1.20
N PHE A 21 0.55 1.41 -0.95
N PHE A 21 0.71 1.31 -1.25
CA PHE A 21 1.30 2.26 -1.88
CA PHE A 21 1.65 2.04 -2.08
C PHE A 21 2.24 3.19 -1.13
C PHE A 21 2.33 3.15 -1.28
N ASN A 22 3.52 3.16 -1.50
N ASN A 22 3.60 3.40 -1.61
CA ASN A 22 4.53 4.00 -0.86
CA ASN A 22 4.36 4.44 -0.92
C ASN A 22 4.79 5.26 -1.66
C ASN A 22 4.57 5.65 -1.82
N HIS A 23 4.34 6.40 -1.13
N HIS A 23 4.18 6.83 -1.33
CA HIS A 23 4.53 7.68 -1.80
CA HIS A 23 4.33 8.06 -2.10
C HIS A 23 5.83 8.34 -1.36
C HIS A 23 5.75 8.59 -2.02
N ILE A 24 6.86 7.54 -1.17
N ILE A 24 6.49 8.12 -1.02
CA ILE A 24 8.16 8.04 -0.75
CA ILE A 24 7.87 8.55 -0.82
C ILE A 24 9.27 7.55 -1.68
C ILE A 24 8.82 7.72 -1.68
N THR A 25 9.21 6.27 -2.03
N THR A 25 8.67 6.40 -1.64
CA THR A 25 10.21 5.67 -2.91
CA THR A 25 9.51 5.51 -2.42
C THR A 25 9.55 5.05 -4.15
C THR A 25 8.90 5.23 -3.79
N ASN A 26 8.40 5.59 -4.53
N ASN A 26 7.60 5.48 -3.92
CA ASN A 26 7.67 5.09 -5.68
CA ASN A 26 6.91 5.25 -5.18
C ASN A 26 7.58 3.57 -5.66
C ASN A 26 6.93 3.77 -5.56
N ALA A 27 7.46 3.01 -4.46
N ALA A 27 6.34 2.95 -4.71
CA ALA A 27 7.36 1.56 -4.30
CA ALA A 27 6.29 1.50 -4.96
C ALA A 27 5.90 1.13 -4.16
C ALA A 27 5.07 0.88 -4.29
N SER A 28 5.66 -0.16 -4.34
N SER A 28 4.62 -0.25 -4.82
CA SER A 28 4.31 -0.71 -4.25
CA SER A 28 3.46 -0.95 -4.29
C SER A 28 4.35 -2.23 -4.15
C SER A 28 3.83 -2.37 -3.89
N GLN A 29 4.16 -2.75 -2.94
N GLN A 29 3.18 -2.87 -2.84
CA GLN A 29 4.16 -4.19 -2.72
CA GLN A 29 3.43 -4.22 -2.35
C GLN A 29 2.77 -4.70 -2.36
C GLN A 29 2.21 -4.78 -1.64
N PHE A 30 2.55 -5.99 -2.55
N PHE A 30 1.91 -6.05 -1.90
CA PHE A 30 1.26 -6.60 -2.26
CA PHE A 30 0.77 -6.71 -1.29
C PHE A 30 1.16 -6.95 -0.77
C PHE A 30 1.10 -7.17 0.12
N GLU A 31 2.28 -7.32 -0.17
N GLU A 31 2.35 -7.55 0.33
CA GLU A 31 2.31 -7.67 1.24
CA GLU A 31 2.80 -8.03 1.64
C GLU A 31 2.52 -6.44 2.11
C GLU A 31 2.78 -6.89 2.66
N ARG A 32 2.06 -6.52 3.36
N ARG A 32 2.23 -7.16 3.84
CA ARG A 32 2.19 -5.40 4.29
CA ARG A 32 2.14 -6.17 4.90
C ARG A 32 3.65 -5.23 4.73
C ARG A 32 3.51 -5.53 5.15
N PRO A 33 4.13 -3.98 4.69
N PRO A 33 3.64 -4.26 4.76
CA PRO A 33 5.50 -3.65 5.09
CA PRO A 33 4.89 -3.50 4.93
C PRO A 33 5.73 -3.82 6.59
C PRO A 33 5.18 -3.18 6.40
N SER A 34 6.98 -3.61 7.02
N SER A 34 6.30 -3.68 6.90
CA SER A 34 7.32 -3.72 8.43
CA SER A 34 6.69 -3.45 8.29
C SER A 34 7.07 -2.41 9.16
C SER A 34 7.57 -2.21 8.40
N GLY A 35 7.79 -1.38 8.77
N GLY A 35 7.82 -1.79 9.64
CA GLY A 35 7.64 -0.08 9.41
CA GLY A 35 8.64 -0.62 9.87
C GLY A 35 8.54 0.09 10.61
C GLY A 35 8.67 -0.21 11.33
N SER A 1 -6.60 -0.27 10.58
N SER A 1 -5.64 -0.40 11.26
CA SER A 1 -5.56 0.24 9.69
CA SER A 1 -5.02 0.41 10.22
C SER A 1 -4.42 0.88 10.48
C SER A 1 -3.73 1.02 10.73
N LYS A 2 -3.27 0.22 10.49
N LYS A 2 -3.00 0.27 11.54
CA LYS A 2 -2.11 0.73 11.21
CA LYS A 2 -1.73 0.74 12.09
C LYS A 2 -0.84 0.57 10.38
C LYS A 2 -0.59 0.52 11.10
N LEU A 3 -0.43 1.65 9.72
N LEU A 3 -0.70 1.15 9.94
CA LEU A 3 0.77 1.63 8.89
CA LEU A 3 0.33 1.03 8.90
C LEU A 3 1.68 2.81 9.21
C LEU A 3 1.50 1.95 9.19
N PRO A 4 2.99 2.64 8.95
N PRO A 4 2.68 1.60 8.65
CA PRO A 4 3.98 3.69 9.20
CA PRO A 4 3.90 2.38 8.84
C PRO A 4 3.84 4.86 8.25
C PRO A 4 3.86 3.71 8.08
N PRO A 5 4.57 5.96 8.53
N PRO A 5 4.82 4.60 8.38
CA PRO A 5 4.53 7.17 7.71
CA PRO A 5 4.91 5.92 7.74
C PRO A 5 5.21 6.96 6.35
C PRO A 5 5.31 5.82 6.27
N GLY A 6 4.39 6.82 5.32
N GLY A 6 4.63 6.58 5.42
CA GLY A 6 4.92 6.62 3.98
CA GLY A 6 4.93 6.57 4.01
C GLY A 6 4.10 5.66 3.16
C GLY A 6 4.24 5.44 3.28
N TRP A 7 3.42 4.74 3.84
N TRP A 7 3.00 5.15 3.67
CA TRP A 7 2.58 3.75 3.17
CA TRP A 7 2.23 4.08 3.05
C TRP A 7 1.10 4.12 3.28
C TRP A 7 0.74 4.43 3.04
N GLU A 8 0.42 4.16 2.14
N GLU A 8 0.05 3.99 1.98
CA GLU A 8 -1.00 4.50 2.11
CA GLU A 8 -1.38 4.26 1.85
C GLU A 8 -1.81 3.38 1.47
C GLU A 8 -2.13 3.00 1.40
N LYS A 9 -2.86 2.96 2.16
N LYS A 9 -3.33 2.81 1.93
CA LYS A 9 -3.73 1.90 1.66
CA LYS A 9 -4.13 1.65 1.57
C LYS A 9 -4.44 2.33 0.38
C LYS A 9 -5.06 1.97 0.41
N ARG A 10 -4.68 1.38 -0.52
N ARG A 10 -4.76 1.41 -0.76
CA ARG A 10 -5.35 1.67 -1.78
CA ARG A 10 -5.57 1.63 -1.95
C ARG A 10 -6.16 0.47 -2.24
C ARG A 10 -6.29 0.35 -2.37
N MET A 11 -7.02 0.69 -3.23
N MET A 11 -7.26 0.50 -3.27
CA MET A 11 -7.85 -0.38 -3.78
CA MET A 11 -8.03 -0.64 -3.75
C MET A 11 -7.64 -0.54 -5.28
C MET A 11 -8.16 -0.60 -5.27
N SER A 12 -8.21 -1.59 -5.85
N SER A 12 -7.87 -1.73 -5.91
CA SER A 12 -8.07 -1.85 -7.28
CA SER A 12 -7.96 -1.83 -7.37
C SER A 12 -9.43 -1.78 -7.98
C SER A 12 -9.34 -1.44 -7.86
N ARG A 13 -9.45 -1.22 -9.19
N ARG A 13 -9.48 -1.32 -9.17
CA ARG A 13 -10.67 -1.10 -9.96
CA ARG A 13 -10.76 -0.96 -9.77
C ARG A 13 -10.77 -2.19 -11.01
C ARG A 13 -11.25 -2.05 -10.72
N ASN A 14 -9.69 -2.96 -11.17
N ASN A 14 -10.31 -2.80 -11.27
CA ASN A 14 -9.65 -4.04 -12.14
CA ASN A 14 -10.65 -3.89 -12.19
C ASN A 14 -9.48 -5.39 -11.46
C ASN A 14 -11.11 -5.12 -11.44
N SER A 15 -10.08 -5.53 -10.28
N SER A 15 -10.34 -5.54 -10.44
CA SER A 15 -10.00 -6.77 -9.52
CA SER A 15 -10.67 -6.71 -9.64
C SER A 15 -10.88 -6.71 -8.28
C SER A 15 -11.21 -6.29 -8.28
N GLY A 16 -10.54 -5.82 -7.35
N GLY A 16 -10.37 -5.64 -7.49
CA GLY A 16 -11.31 -5.68 -6.13
CA GLY A 16 -10.77 -5.20 -6.17
C GLY A 16 -10.45 -5.76 -4.89
C GLY A 16 -9.85 -5.71 -5.07
N ARG A 17 -9.39 -6.56 -4.96
N ARG A 17 -8.59 -5.90 -5.41
CA ARG A 17 -8.49 -6.73 -3.83
CA ARG A 17 -7.60 -6.39 -4.45
C ARG A 17 -7.93 -5.39 -3.38
C ARG A 17 -6.92 -5.22 -3.74
N VAL A 18 -7.05 -5.43 -2.38
N VAL A 18 -6.99 -5.24 -2.40
CA VAL A 18 -6.44 -4.21 -1.84
CA VAL A 18 -6.37 -4.19 -1.60
C VAL A 18 -4.92 -4.35 -1.78
C VAL A 18 -4.86 -4.33 -1.58
N TYR A 19 -4.24 -3.23 -1.58
N TYR A 19 -4.15 -3.20 -1.67
CA TYR A 19 -2.78 -3.22 -1.49
CA TYR A 19 -2.70 -3.20 -1.66
C TYR A 19 -2.28 -1.93 -0.85
C TYR A 19 -2.16 -1.95 -0.98
N TYR A 20 -0.98 -1.86 -0.62
N TYR A 20 -0.85 -1.83 -0.92
CA TYR A 20 -0.36 -0.68 -0.03
CA TYR A 20 -0.20 -0.67 -0.31
C TYR A 20 0.42 0.11 -1.06
C TYR A 20 0.80 -0.03 -1.25
N PHE A 21 0.36 1.43 -0.96
N PHE A 21 0.78 1.29 -1.31
CA PHE A 21 1.06 2.31 -1.89
CA PHE A 21 1.69 2.04 -2.18
C PHE A 21 2.01 3.24 -1.14
C PHE A 21 2.42 3.13 -1.41
N ASN A 22 3.31 3.09 -1.40
N ASN A 22 3.68 3.36 -1.77
CA ASN A 22 4.32 3.92 -0.76
CA ASN A 22 4.49 4.37 -1.11
C ASN A 22 4.60 5.17 -1.57
C ASN A 22 4.62 5.63 -1.98
N HIS A 23 4.20 6.33 -1.04
N HIS A 23 4.24 6.77 -1.42
CA HIS A 23 4.40 7.60 -1.73
CA HIS A 23 4.31 8.03 -2.15
C HIS A 23 5.74 8.21 -1.31
C HIS A 23 5.74 8.59 -2.13
N ILE A 24 6.79 7.40 -1.30
N ILE A 24 6.54 8.11 -1.19
CA ILE A 24 8.11 7.87 -0.93
CA ILE A 24 7.92 8.56 -1.05
C ILE A 24 9.18 7.31 -1.87
C ILE A 24 8.84 7.80 -2.01
N THR A 25 9.04 6.04 -2.23
N THR A 25 8.70 6.47 -2.01
CA THR A 25 9.98 5.39 -3.13
CA THR A 25 9.52 5.63 -2.88
C THR A 25 9.27 4.80 -4.34
C THR A 25 8.85 5.40 -4.22
N ASN A 26 8.15 5.41 -4.72
N ASN A 26 7.53 5.61 -4.26
CA ASN A 26 7.38 4.95 -5.87
CA ASN A 26 6.76 5.44 -5.49
C ASN A 26 7.17 3.44 -5.81
C ASN A 26 6.77 3.97 -5.91
N ALA A 27 7.00 2.92 -4.61
N ALA A 27 6.24 3.10 -5.05
CA ALA A 27 6.80 1.48 -4.42
CA ALA A 27 6.18 1.67 -5.34
C ALA A 27 5.31 1.16 -4.31
C ALA A 27 5.05 1.01 -4.56
N SER A 28 4.97 -0.10 -4.59
N SER A 28 4.51 -0.07 -5.13
CA SER A 28 3.58 -0.54 -4.53
CA SER A 28 3.42 -0.79 -4.49
C SER A 28 3.49 -2.06 -4.43
C SER A 28 3.84 -2.20 -4.12
N GLN A 29 3.77 -2.59 -3.24
N GLN A 29 3.22 -2.75 -3.08
CA GLN A 29 3.73 -4.03 -3.02
CA GLN A 29 3.54 -4.10 -2.62
C GLN A 29 2.45 -4.43 -2.29
C GLN A 29 2.33 -4.75 -1.96
N PHE A 30 2.08 -5.70 -2.41
N PHE A 30 2.10 -6.01 -2.29
CA PHE A 30 0.88 -6.22 -1.76
CA PHE A 30 0.97 -6.76 -1.73
C PHE A 30 1.16 -6.56 -0.31
C PHE A 30 1.30 -7.27 -0.33
N GLU A 31 2.39 -6.97 -0.02
N GLU A 31 2.56 -7.60 -0.11
CA GLU A 31 2.78 -7.33 1.34
CA GLU A 31 3.00 -8.11 1.19
C GLU A 31 2.77 -6.11 2.26
C GLU A 31 3.07 -6.98 2.21
N ARG A 32 2.24 -6.29 3.45
N ARG A 32 2.56 -7.24 3.42
CA ARG A 32 2.16 -5.20 4.43
CA ARG A 32 2.56 -6.25 4.48
C ARG A 32 3.56 -4.71 4.81
C ARG A 32 3.98 -5.79 4.78
N PRO A 33 3.72 -3.39 4.88
N PRO A 33 4.28 -4.52 4.45
CA PRO A 33 5.01 -2.75 5.23
CA PRO A 33 5.59 -3.92 4.68
C PRO A 33 5.37 -2.98 6.69
C PRO A 33 5.89 -3.71 6.17
N SER A 34 6.67 -3.18 6.94
N SER A 34 7.14 -3.42 6.48
CA SER A 34 7.15 -3.41 8.30
CA SER A 34 7.56 -3.20 7.86
C SER A 34 7.11 -2.12 9.11
C SER A 34 8.46 -1.98 7.97
N GLY A 35 7.84 -1.11 8.64
N GLY A 35 8.74 -1.56 9.20
CA GLY A 35 7.90 0.16 9.33
CA GLY A 35 9.59 -0.40 9.42
C GLY A 35 8.98 0.21 10.39
C GLY A 35 9.83 -0.13 10.88
N SER A 1 -0.53 2.58 14.12
N SER A 1 -0.35 2.90 13.62
CA SER A 1 -1.63 1.61 14.15
CA SER A 1 -1.22 2.05 14.42
C SER A 1 -1.66 0.78 12.86
C SER A 1 -1.58 0.77 13.67
N LYS A 2 -2.08 1.42 11.78
N LYS A 2 -1.89 0.91 12.38
CA LYS A 2 -2.17 0.75 10.48
CA LYS A 2 -2.26 -0.22 11.55
C LYS A 2 -1.02 1.17 9.58
C LYS A 2 -1.25 -0.41 10.42
N LEU A 3 -0.05 0.28 9.41
N LEU A 3 -0.73 0.70 9.91
CA LEU A 3 1.11 0.57 8.56
CA LEU A 3 0.25 0.66 8.82
C LEU A 3 1.92 1.72 9.13
C LEU A 3 1.36 1.67 9.06
N PRO A 4 3.24 1.70 8.86
N PRO A 4 2.54 1.40 8.47
CA PRO A 4 4.16 2.74 9.33
CA PRO A 4 3.72 2.27 8.60
C PRO A 4 3.93 4.07 8.63
C PRO A 4 3.53 3.59 7.86
N PRO A 5 4.65 5.11 9.08
N PRO A 5 4.37 4.58 8.21
CA PRO A 5 4.56 6.45 8.51
CA PRO A 5 4.32 5.91 7.59
C PRO A 5 5.15 6.53 7.10
C PRO A 5 4.81 5.89 6.14
N GLY A 6 4.33 6.27 6.10
N GLY A 6 4.18 6.71 5.30
CA GLY A 6 4.79 6.31 4.73
CA GLY A 6 4.55 6.76 3.89
C GLY A 6 3.96 5.44 3.80
C GLY A 6 3.72 5.84 3.03
N TRP A 7 3.22 4.51 4.39
N TRP A 7 3.30 4.71 3.61
CA TRP A 7 2.38 3.60 3.61
CA TRP A 7 2.48 3.75 2.88
C TRP A 7 0.90 3.93 3.80
C TRP A 7 1.01 4.09 2.97
N GLU A 8 0.15 3.84 2.70
N GLU A 8 0.28 3.86 1.89
CA GLU A 8 -1.29 4.13 2.75
CA GLU A 8 -1.14 4.15 1.84
C GLU A 8 -2.09 2.98 2.18
C GLU A 8 -1.93 2.95 1.29
N LYS A 9 -3.37 2.91 2.57
N LYS A 9 -3.07 2.66 1.91
CA LYS A 9 -4.25 1.85 2.10
CA LYS A 9 -3.91 1.55 1.49
C LYS A 9 -4.94 2.25 0.80
C LYS A 9 -4.82 1.96 0.34
N ARG A 10 -4.78 1.43 -0.24
N ARG A 10 -4.71 1.24 -0.78
CA ARG A 10 -5.38 1.71 -1.54
CA ARG A 10 -5.52 1.53 -1.95
C ARG A 10 -6.09 0.47 -2.08
C ARG A 10 -6.32 0.31 -2.39
N MET A 11 -6.89 0.66 -3.12
N MET A 11 -7.29 0.51 -3.27
CA MET A 11 -7.62 -0.44 -3.74
CA MET A 11 -8.13 -0.57 -3.77
C MET A 11 -7.38 -0.48 -5.24
C MET A 11 -8.22 -0.53 -5.29
N SER A 12 -7.94 -1.50 -5.90
N SER A 12 -8.01 -1.69 -5.91
CA SER A 12 -7.77 -1.66 -7.34
CA SER A 12 -8.07 -1.79 -7.37
C SER A 12 -9.00 -1.16 -8.08
C SER A 12 -9.45 -1.41 -7.88
N ARG A 13 -8.93 -1.15 -9.41
N ARG A 13 -9.57 -1.24 -9.19
CA ARG A 13 -10.03 -0.69 -10.24
CA ARG A 13 -10.84 -0.87 -9.82
C ARG A 13 -10.54 -1.81 -11.15
C ARG A 13 -11.30 -1.95 -10.79
N ASN A 14 -9.62 -2.66 -11.60
N ASN A 14 -10.33 -2.70 -11.33
CA ASN A 14 -9.96 -3.78 -12.47
CA ASN A 14 -10.65 -3.76 -12.28
C ASN A 14 -9.69 -5.11 -11.80
C ASN A 14 -11.13 -5.01 -11.56
N SER A 15 -10.21 -5.27 -10.58
N SER A 15 -10.36 -5.46 -10.57
CA SER A 15 -10.01 -6.50 -9.82
CA SER A 15 -10.70 -6.65 -9.81
C SER A 15 -10.87 -6.50 -8.56
C SER A 15 -11.24 -6.27 -8.43
N GLY A 16 -10.50 -5.66 -7.60
N GLY A 16 -10.37 -5.69 -7.61
CA GLY A 16 -11.25 -5.58 -6.36
CA GLY A 16 -10.75 -5.29 -6.27
C GLY A 16 -10.36 -5.75 -5.14
C GLY A 16 -9.83 -5.83 -5.20
N ARG A 17 -9.30 -6.53 -5.29
N ARG A 17 -8.54 -5.96 -5.56
CA ARG A 17 -8.38 -6.78 -4.19
CA ARG A 17 -7.54 -6.46 -4.62
C ARG A 17 -7.82 -5.47 -3.64
C ARG A 17 -6.88 -5.32 -3.86
N VAL A 18 -6.95 -5.57 -2.64
N VAL A 18 -6.95 -5.38 -2.54
CA VAL A 18 -6.34 -4.40 -2.03
CA VAL A 18 -6.36 -4.35 -1.70
C VAL A 18 -4.83 -4.56 -1.94
C VAL A 18 -4.83 -4.46 -1.68
N TYR A 19 -4.15 -3.45 -1.65
N TYR A 19 -4.15 -3.32 -1.76
CA TYR A 19 -2.70 -3.45 -1.54
CA TYR A 19 -2.70 -3.30 -1.75
C TYR A 19 -2.20 -2.18 -0.87
C TYR A 19 -2.18 -2.05 -1.06
N TYR A 20 -0.88 -2.04 -0.79
N TYR A 20 -0.86 -1.95 -0.92
CA TYR A 20 -0.27 -0.86 -0.17
CA TYR A 20 -0.23 -0.81 -0.27
C TYR A 20 0.49 -0.04 -1.21
C TYR A 20 0.76 -0.13 -1.21
N PHE A 21 0.52 1.28 -1.01
N PHE A 21 0.69 1.20 -1.28
CA PHE A 21 1.22 2.18 -1.93
CA PHE A 21 1.58 1.96 -2.13
C PHE A 21 2.16 3.10 -1.17
C PHE A 21 2.25 3.09 -1.36
N ASN A 22 3.42 3.14 -1.58
N ASN A 22 3.51 3.36 -1.67
CA ASN A 22 4.41 3.99 -0.95
CA ASN A 22 4.28 4.40 -1.00
C ASN A 22 4.62 5.28 -1.72
C ASN A 22 4.42 5.64 -1.89
N HIS A 23 4.18 6.39 -1.15
N HIS A 23 4.01 6.79 -1.37
CA HIS A 23 4.31 7.70 -1.79
CA HIS A 23 4.08 8.04 -2.11
C HIS A 23 5.61 8.38 -1.37
C HIS A 23 5.50 8.61 -2.07
N ILE A 24 6.66 7.58 -1.19
N ILE A 24 6.28 8.14 -1.10
CA ILE A 24 7.95 8.11 -0.79
CA ILE A 24 7.66 8.61 -0.95
C ILE A 24 9.05 7.65 -1.75
C ILE A 24 8.61 7.85 -1.86
N THR A 25 9.03 6.39 -2.11
N THR A 25 8.50 6.52 -1.86
CA THR A 25 10.02 5.82 -3.02
CA THR A 25 9.34 5.68 -2.69
C THR A 25 9.36 5.25 -4.27
C THR A 25 8.69 5.40 -4.04
N ASN A 26 8.19 5.79 -4.62
N ASN A 26 7.38 5.61 -4.11
CA ASN A 26 7.45 5.33 -5.79
CA ASN A 26 6.63 5.39 -5.34
C ASN A 26 7.37 3.81 -5.81
C ASN A 26 6.68 3.92 -5.75
N ALA A 27 7.29 3.20 -4.63
N ALA A 27 6.15 3.06 -4.89
CA ALA A 27 7.21 1.75 -4.52
CA ALA A 27 6.12 1.62 -5.16
C ALA A 27 5.75 1.30 -4.35
C ALA A 27 4.95 0.95 -4.47
N SER A 28 5.51 0.02 -4.59
N SER A 28 4.55 -0.21 -4.97
CA SER A 28 4.16 -0.53 -4.48
CA SER A 28 3.43 -0.96 -4.40
C SER A 28 4.21 -2.05 -4.34
C SER A 28 3.88 -2.33 -3.91
N GLN A 29 4.29 -2.54 -3.11
N GLN A 29 3.22 -2.83 -2.88
CA GLN A 29 4.36 -3.97 -2.86
CA GLN A 29 3.56 -4.12 -2.31
C GLN A 29 3.09 -4.45 -2.15
C GLN A 29 2.34 -4.75 -1.64
N PHE A 30 2.82 -5.75 -2.24
N PHE A 30 2.05 -6.00 -2.01
CA PHE A 30 1.64 -6.33 -1.61
CA PHE A 30 0.90 -6.71 -1.44
C PHE A 30 1.94 -6.75 -0.18
C PHE A 30 1.23 -7.25 -0.06
N GLU A 31 3.21 -7.07 0.09
N GLU A 31 2.49 -7.65 0.12
CA GLU A 31 3.62 -7.50 1.43
CA GLU A 31 2.94 -8.20 1.40
C GLU A 31 3.37 -6.39 2.45
C GLU A 31 3.15 -7.09 2.42
N ARG A 32 3.35 -6.76 3.73
N ARG A 32 2.53 -7.23 3.59
CA ARG A 32 3.13 -5.81 4.80
CA ARG A 32 2.65 -6.24 4.64
C ARG A 32 4.44 -5.13 5.19
C ARG A 32 4.12 -5.91 4.92
N PRO A 33 4.51 -3.80 4.94
N PRO A 33 4.54 -4.70 4.53
CA PRO A 33 5.70 -3.00 5.26
CA PRO A 33 5.91 -4.24 4.73
C PRO A 33 5.89 -2.84 6.76
C PRO A 33 6.24 -3.99 6.20
N SER A 34 6.86 -3.54 7.32
N SER A 34 7.53 -3.88 6.51
CA SER A 34 7.14 -3.46 8.74
CA SER A 34 7.96 -3.64 7.88
C SER A 34 7.53 -2.04 9.15
C SER A 34 8.47 -2.22 8.05
N GLY A 35 8.30 -1.38 8.30
N GLY A 35 8.77 -1.84 9.28
CA GLY A 35 8.72 -0.02 8.58
CA GLY A 35 9.26 -0.51 9.55
C GLY A 35 10.06 0.04 9.28
C GLY A 35 10.62 -0.51 10.24
N SER A 1 -5.02 -0.73 8.25
N SER A 1 -4.85 -0.54 9.26
CA SER A 1 -5.54 0.27 9.17
CA SER A 1 -5.15 0.60 10.13
C SER A 1 -4.40 0.95 9.94
C SER A 1 -3.86 1.23 10.64
N LYS A 2 -3.39 0.17 10.32
N LYS A 2 -3.14 0.51 11.48
CA LYS A 2 -2.26 0.69 11.05
CA LYS A 2 -1.88 1.01 12.04
C LYS A 2 -0.97 0.53 10.24
C LYS A 2 -0.73 0.77 11.08
N LEU A 3 -0.53 1.62 9.63
N LEU A 3 -0.81 1.36 9.89
CA LEU A 3 0.70 1.60 8.82
CA LEU A 3 0.23 1.22 8.89
C LEU A 3 1.59 2.78 9.17
C LEU A 3 1.41 2.13 9.19
N PRO A 4 2.91 2.61 8.94
N PRO A 4 2.60 1.75 8.69
CA PRO A 4 3.90 3.66 9.22
CA PRO A 4 3.82 2.53 8.88
C PRO A 4 3.78 4.84 8.27
C PRO A 4 3.81 3.85 8.11
N PRO A 5 4.49 5.93 8.58
N PRO A 5 4.77 4.72 8.42
CA PRO A 5 4.50 7.15 7.77
CA PRO A 5 4.88 6.03 7.77
C PRO A 5 5.18 6.94 6.42
C PRO A 5 5.32 5.92 6.31
N GLY A 6 4.39 6.78 5.37
N GLY A 6 4.65 6.66 5.44
CA GLY A 6 4.95 6.59 4.04
CA GLY A 6 4.98 6.63 4.03
C GLY A 6 4.12 5.63 3.20
C GLY A 6 4.29 5.50 3.30
N TRP A 7 3.43 4.72 3.87
N TRP A 7 3.04 5.24 3.65
CA TRP A 7 2.59 3.74 3.17
CA TRP A 7 2.27 4.17 3.03
C TRP A 7 1.12 4.11 3.27
C TRP A 7 0.79 4.51 2.98
N GLU A 8 0.44 4.15 2.13
N GLU A 8 0.11 4.07 1.92
CA GLU A 8 -0.98 4.49 2.09
CA GLU A 8 -1.31 4.34 1.76
C GLU A 8 -1.79 3.37 1.44
C GLU A 8 -2.05 3.09 1.33
N LYS A 9 -2.85 2.95 2.11
N LYS A 9 -3.25 2.89 1.85
CA LYS A 9 -3.71 1.89 1.60
CA LYS A 9 -4.06 1.74 1.52
C LYS A 9 -4.42 2.33 0.32
C LYS A 9 -4.99 2.04 0.34
N ARG A 10 -4.66 1.37 -0.58
N ARG A 10 -4.68 1.46 -0.81
CA ARG A 10 -5.33 1.67 -1.85
CA ARG A 10 -5.49 1.67 -2.01
C ARG A 10 -6.17 0.48 -2.29
C ARG A 10 -6.21 0.39 -2.41
N MET A 11 -7.06 0.73 -3.26
N MET A 11 -7.20 0.52 -3.29
CA MET A 11 -7.93 -0.32 -3.78
CA MET A 11 -7.96 -0.62 -3.76
C MET A 11 -7.61 -0.60 -5.25
C MET A 11 -8.15 -0.59 -5.27
N SER A 12 -8.47 -1.38 -5.89
N SER A 12 -7.84 -1.70 -5.92
CA SER A 12 -8.29 -1.72 -7.30
CA SER A 12 -7.96 -1.80 -7.38
C SER A 12 -9.54 -1.42 -8.11
C SER A 12 -9.39 -1.50 -7.81
N ARG A 13 -9.40 -1.42 -9.43
N ARG A 13 -9.64 -1.62 -9.12
CA ARG A 13 -10.52 -1.14 -10.33
CA ARG A 13 -10.96 -1.36 -9.68
C ARG A 13 -10.42 -1.96 -11.60
C ARG A 13 -11.39 -2.48 -10.61
N ASN A 14 -9.92 -3.18 -11.48
N ASN A 14 -10.43 -3.01 -11.37
CA ASN A 14 -9.77 -4.07 -12.63
CA ASN A 14 -10.72 -4.08 -12.31
C ASN A 14 -10.13 -5.50 -12.26
C ASN A 14 -10.40 -5.45 -11.68
N SER A 15 -9.44 -6.05 -11.26
N SER A 15 -10.49 -5.51 -10.36
CA SER A 15 -9.68 -7.41 -10.81
CA SER A 15 -10.21 -6.75 -9.64
C SER A 15 -10.47 -7.42 -9.50
C SER A 15 -10.88 -6.73 -8.26
N GLY A 16 -10.06 -6.57 -8.56
N GLY A 16 -10.46 -5.82 -7.41
CA GLY A 16 -10.74 -6.49 -7.29
CA GLY A 16 -11.03 -5.71 -6.08
C GLY A 16 -9.86 -6.95 -6.14
C GLY A 16 -10.07 -6.18 -5.00
N ARG A 17 -9.31 -5.99 -5.39
N ARG A 17 -8.77 -6.08 -5.28
CA ARG A 17 -8.44 -6.31 -4.26
CA ARG A 17 -7.75 -6.50 -4.33
C ARG A 17 -7.90 -5.03 -3.63
C ARG A 17 -7.07 -5.29 -3.70
N VAL A 18 -6.92 -5.19 -2.75
N VAL A 18 -7.02 -5.28 -2.37
CA VAL A 18 -6.31 -4.05 -2.07
CA VAL A 18 -6.40 -4.18 -1.63
C VAL A 18 -4.80 -4.24 -1.90
C VAL A 18 -4.87 -4.30 -1.64
N TYR A 19 -4.12 -3.16 -1.56
N TYR A 19 -4.20 -3.17 -1.77
CA TYR A 19 -2.67 -3.21 -1.37
CA TYR A 19 -2.73 -3.16 -1.80
C TYR A 19 -2.16 -1.93 -0.71
C TYR A 19 -2.20 -1.89 -1.14
N TYR A 20 -0.85 -1.82 -0.57
N TYR A 20 -0.88 -1.82 -1.01
CA TYR A 20 -0.23 -0.66 0.04
CA TYR A 20 -0.23 -0.66 -0.39
C TYR A 20 0.59 0.12 -0.97
C TYR A 20 0.77 -0.01 -1.35
N PHE A 21 0.46 1.45 -0.95
N PHE A 21 0.80 1.31 -1.35
CA PHE A 21 1.19 2.30 -1.87
CA PHE A 21 1.72 2.04 -2.22
C PHE A 21 2.13 3.24 -1.11
C PHE A 21 2.45 3.14 -1.44
N ASN A 22 3.43 3.08 -1.36
N ASN A 22 3.71 3.36 -1.79
CA ASN A 22 4.43 3.91 -0.70
CA ASN A 22 4.52 4.38 -1.13
C ASN A 22 4.72 5.18 -1.51
C ASN A 22 4.67 5.61 -2.00
N HIS A 23 4.30 6.32 -0.98
N HIS A 23 4.31 6.77 -1.45
CA HIS A 23 4.52 7.59 -1.65
CA HIS A 23 4.40 8.03 -2.18
C HIS A 23 5.85 8.22 -1.23
C HIS A 23 5.82 8.58 -2.15
N ILE A 24 6.89 7.40 -1.21
N ILE A 24 6.61 8.09 -1.20
CA ILE A 24 8.22 7.88 -0.82
CA ILE A 24 8.00 8.52 -1.06
C ILE A 24 9.29 7.33 -1.76
C ILE A 24 8.91 7.75 -2.01
N THR A 25 9.17 6.05 -2.11
N THR A 25 8.76 6.42 -2.02
CA THR A 25 10.12 5.41 -2.99
CA THR A 25 9.57 5.57 -2.87
C THR A 25 9.44 4.83 -4.23
C THR A 25 8.90 5.33 -4.22
N ASN A 26 8.33 5.46 -4.62
N ASN A 26 7.59 5.57 -4.26
CA ASN A 26 7.58 5.02 -5.79
CA ASN A 26 6.82 5.38 -5.48
C ASN A 26 7.37 3.50 -5.76
C ASN A 26 6.82 3.91 -5.90
N ALA A 27 7.18 2.96 -4.57
N ALA A 27 6.30 3.05 -5.04
CA ALA A 27 6.97 1.53 -4.39
CA ALA A 27 6.22 1.62 -5.32
C ALA A 27 5.48 1.20 -4.31
C ALA A 27 5.08 0.98 -4.56
N SER A 28 5.14 -0.05 -4.58
N SER A 28 4.57 -0.12 -5.11
CA SER A 28 3.75 -0.49 -4.54
CA SER A 28 3.45 -0.85 -4.48
C SER A 28 3.67 -2.01 -4.44
C SER A 28 3.90 -2.24 -4.04
N GLN A 29 3.93 -2.55 -3.25
N GLN A 29 3.23 -2.77 -3.02
CA GLN A 29 3.88 -3.98 -3.02
CA GLN A 29 3.55 -4.09 -2.51
C GLN A 29 2.60 -4.37 -2.28
C GLN A 29 2.32 -4.74 -1.87
N PHE A 30 2.23 -5.64 -2.39
N PHE A 30 2.10 -6.01 -2.19
CA PHE A 30 1.04 -6.14 -1.72
CA PHE A 30 0.96 -6.74 -1.65
C PHE A 30 1.34 -6.53 -0.27
C PHE A 30 1.24 -7.23 -0.23
N GLU A 31 2.58 -6.92 -0.01
N GLU A 31 2.51 -7.57 0.03
CA GLU A 31 3.00 -7.31 1.32
CA GLU A 31 2.90 -8.03 1.35
C GLU A 31 2.97 -6.12 2.27
C GLU A 31 2.97 -6.89 2.35
N ARG A 32 2.33 -6.30 3.42
N ARG A 32 2.44 -7.11 3.55
CA ARG A 32 2.22 -5.24 4.41
CA ARG A 32 2.44 -6.10 4.59
C ARG A 32 3.60 -4.73 4.82
C ARG A 32 3.86 -5.64 4.91
N PRO A 33 3.76 -3.40 4.89
N PRO A 33 4.18 -4.39 4.56
CA PRO A 33 5.03 -2.77 5.26
CA PRO A 33 5.51 -3.81 4.81
C PRO A 33 5.37 -2.99 6.74
C PRO A 33 5.77 -3.58 6.29
N SER A 34 6.64 -3.24 7.01
N SER A 34 7.03 -3.32 6.63
CA SER A 34 7.10 -3.47 8.37
CA SER A 34 7.41 -3.07 8.02
C SER A 34 7.07 -2.18 9.18
C SER A 34 8.32 -1.87 8.12
N GLY A 35 7.78 -1.17 8.70
N GLY A 35 8.60 -1.43 9.36
CA GLY A 35 7.81 0.11 9.39
CA GLY A 35 9.46 -0.29 9.57
C GLY A 35 8.89 0.16 10.46
C GLY A 35 9.79 -0.07 11.04
N SER A 1 -3.30 4.14 10.25
N SER A 1 -4.35 4.14 10.85
CA SER A 1 -3.84 3.54 11.47
CA SER A 1 -4.77 3.25 11.91
C SER A 1 -2.82 2.61 12.11
C SER A 1 -3.63 2.33 12.35
N LYS A 2 -2.28 1.69 11.31
N LYS A 2 -3.30 1.36 11.49
CA LYS A 2 -1.29 0.74 11.80
CA LYS A 2 -2.23 0.42 11.79
C LYS A 2 0.02 0.88 11.04
C LYS A 2 -1.30 0.27 10.59
N LEU A 3 -0.08 0.99 9.72
N LEU A 3 -0.87 1.40 10.04
CA LEU A 3 1.10 1.14 8.87
CA LEU A 3 0.03 1.40 8.89
C LEU A 3 1.99 2.27 9.36
C LEU A 3 1.16 2.40 9.08
N PRO A 4 3.30 2.17 9.07
N PRO A 4 2.34 2.08 8.52
CA PRO A 4 4.29 3.17 9.46
CA PRO A 4 3.52 2.94 8.62
C PRO A 4 4.11 4.48 8.71
C PRO A 4 3.37 4.22 7.79
N PRO A 5 4.91 5.50 9.08
N PRO A 5 4.17 5.23 8.13
CA PRO A 5 4.86 6.81 8.45
CA PRO A 5 4.15 6.53 7.43
C PRO A 5 5.41 6.79 7.03
C PRO A 5 4.70 6.43 6.02
N GLY A 6 4.53 6.53 6.07
N GLY A 6 4.11 7.21 5.11
CA GLY A 6 4.93 6.49 4.68
CA GLY A 6 4.56 7.19 3.73
C GLY A 6 4.27 5.37 3.91
C GLY A 6 3.76 6.23 2.87
N TRP A 7 3.06 5.01 4.33
N TRP A 7 3.28 5.16 3.48
CA TRP A 7 2.31 3.94 3.68
CA TRP A 7 2.49 4.16 2.77
C TRP A 7 0.81 4.20 3.73
C TRP A 7 1.01 4.53 2.75
N GLU A 8 0.14 4.02 2.59
N GLU A 8 0.34 4.21 1.65
CA GLU A 8 -1.30 4.24 2.51
CA GLU A 8 -1.08 4.51 1.52
C GLU A 8 -2.01 3.02 1.93
C GLU A 8 -1.85 3.30 1.01
N LYS A 9 -3.30 2.90 2.21
N LYS A 9 -3.00 3.05 1.62
CA LYS A 9 -4.09 1.79 1.72
CA LYS A 9 -3.84 1.91 1.23
C LYS A 9 -4.87 2.18 0.47
C LYS A 9 -4.68 2.25 0.00
N ARG A 10 -4.58 1.52 -0.64
N ARG A 10 -4.59 1.40 -1.02
CA ARG A 10 -5.25 1.80 -1.90
CA ARG A 10 -5.34 1.61 -2.25
C ARG A 10 -6.03 0.58 -2.40
C ARG A 10 -6.21 0.39 -2.57
N MET A 11 -7.03 0.82 -3.24
N MET A 11 -7.13 0.56 -3.51
CA MET A 11 -7.84 -0.26 -3.77
CA MET A 11 -8.02 -0.53 -3.90
C MET A 11 -7.86 -0.22 -5.30
C MET A 11 -8.22 -0.55 -5.42
N SER A 12 -8.03 -1.39 -5.93
N SER A 12 -8.00 -1.70 -6.03
CA SER A 12 -8.06 -1.47 -7.38
CA SER A 12 -8.15 -1.84 -7.47
C SER A 12 -9.48 -1.62 -7.88
C SER A 12 -9.56 -1.50 -7.91
N ARG A 13 -9.84 -0.86 -8.92
N ARG A 13 -9.76 -1.36 -9.21
CA ARG A 13 -11.18 -0.91 -9.49
CA ARG A 13 -11.06 -1.03 -9.77
C ARG A 13 -11.20 -1.84 -10.70
C ARG A 13 -11.56 -2.14 -10.70
N ASN A 14 -10.28 -2.80 -10.74
N ASN A 14 -10.62 -2.86 -11.31
CA ASN A 14 -10.21 -3.74 -11.85
CA ASN A 14 -10.95 -3.94 -12.22
C ASN A 14 -9.84 -5.14 -11.35
C ASN A 14 -11.32 -5.20 -11.46
N SER A 15 -10.32 -5.47 -10.14
N SER A 15 -10.45 -5.61 -10.53
CA SER A 15 -10.04 -6.77 -9.55
CA SER A 15 -10.68 -6.80 -9.72
C SER A 15 -10.77 -6.93 -8.22
C SER A 15 -11.16 -6.43 -8.33
N GLY A 16 -10.35 -6.14 -7.23
N GLY A 16 -10.29 -5.80 -7.55
CA GLY A 16 -10.98 -6.20 -5.92
CA GLY A 16 -10.64 -5.41 -6.20
C GLY A 16 -9.97 -6.31 -4.80
C GLY A 16 -9.64 -5.91 -5.17
N ARG A 17 -8.81 -6.90 -5.10
N ARG A 17 -8.39 -6.01 -5.58
CA ARG A 17 -7.76 -7.06 -4.11
CA ARG A 17 -7.34 -6.48 -4.68
C ARG A 17 -7.39 -5.71 -3.48
C ARG A 17 -6.69 -5.31 -3.92
N VAL A 18 -6.46 -5.75 -2.53
N VAL A 18 -6.75 -5.36 -2.60
CA VAL A 18 -6.02 -4.53 -1.86
CA VAL A 18 -6.17 -4.32 -1.77
C VAL A 18 -4.50 -4.48 -1.77
C VAL A 18 -4.65 -4.43 -1.71
N TYR A 19 -3.89 -3.67 -2.63
N TYR A 19 -3.99 -3.28 -1.72
CA TYR A 19 -2.44 -3.53 -2.66
CA TYR A 19 -2.53 -3.25 -1.67
C TYR A 19 -2.00 -2.30 -1.87
C TYR A 19 -2.03 -1.95 -1.03
N TYR A 20 -0.70 -2.20 -1.64
N TYR A 20 -0.72 -1.81 -0.96
CA TYR A 20 -0.15 -1.06 -0.89
CA TYR A 20 -0.12 -0.62 -0.36
C TYR A 20 0.73 -0.20 -1.79
C TYR A 20 0.89 0.02 -1.32
N PHE A 21 0.50 1.11 -1.75
N PHE A 21 0.93 1.36 -1.33
CA PHE A 21 1.27 2.04 -2.57
CA PHE A 21 1.84 2.08 -2.20
C PHE A 21 2.19 2.89 -1.68
C PHE A 21 2.46 3.27 -1.46
N ASN A 22 3.38 3.17 -2.20
N ASN A 22 3.76 3.47 -1.68
CA ASN A 22 4.35 3.97 -1.47
CA ASN A 22 4.47 4.57 -1.03
C ASN A 22 4.66 5.27 -2.20
C ASN A 22 4.65 5.74 -1.98
N HIS A 23 4.25 6.39 -1.61
N HIS A 23 4.25 6.93 -1.54
CA HIS A 23 4.48 7.70 -2.21
CA HIS A 23 4.36 8.13 -2.37
C HIS A 23 5.77 8.32 -1.68
C HIS A 23 5.78 8.70 -2.29
N ILE A 24 6.75 7.47 -1.38
N ILE A 24 6.53 8.27 -1.28
CA ILE A 24 8.03 7.94 -0.86
CA ILE A 24 7.90 8.74 -1.10
C ILE A 24 9.18 7.43 -1.70
C ILE A 24 8.87 7.93 -1.95
N THR A 25 9.14 6.14 -2.04
N THR A 25 8.72 6.62 -1.92
CA THR A 25 10.18 5.52 -2.85
CA THR A 25 9.59 5.73 -2.70
C THR A 25 9.61 4.95 -4.15
C THR A 25 8.97 5.40 -4.05
N ASN A 26 8.48 5.50 -4.58
N ASN A 26 7.65 5.56 -4.15
CA ASN A 26 7.84 5.06 -5.81
CA ASN A 26 6.94 5.29 -5.39
C ASN A 26 7.72 3.54 -5.83
C ASN A 26 7.03 3.80 -5.75
N ALA A 27 7.60 2.94 -4.65
N ALA A 27 6.43 2.96 -4.91
CA ALA A 27 7.47 1.49 -4.54
CA ALA A 27 6.45 1.53 -5.14
C ALA A 27 6.02 1.09 -4.28
C ALA A 27 5.24 0.86 -4.50
N SER A 28 5.72 -0.19 -4.52
N SER A 28 4.86 -0.30 -5.02
CA SER A 28 4.37 -0.70 -4.32
CA SER A 28 3.71 -1.04 -4.50
C SER A 28 4.37 -2.23 -4.28
C SER A 28 4.14 -2.37 -3.92
N GLN A 29 3.90 -2.78 -3.17
N GLN A 29 3.44 -2.82 -2.88
CA GLN A 29 3.84 -4.23 -3.00
CA GLN A 29 3.75 -4.08 -2.23
C GLN A 29 2.52 -4.66 -2.38
C GLN A 29 2.49 -4.73 -1.66
N PHE A 30 2.16 -5.92 -2.57
N PHE A 30 2.31 -6.02 -1.94
CA PHE A 30 0.91 -6.46 -2.02
CA PHE A 30 1.16 -6.76 -1.46
C PHE A 30 1.12 -6.92 -0.59
C PHE A 30 1.34 -7.17 -0.01
N GLU A 31 2.32 -7.38 -0.28
N GLU A 31 2.58 -7.45 0.37
CA GLU A 31 2.64 -7.85 1.07
CA GLU A 31 2.89 -7.86 1.74
C GLU A 31 2.84 -6.68 2.03
C GLU A 31 2.77 -6.68 2.70
N ARG A 32 2.16 -6.74 3.18
N ARG A 32 2.14 -6.93 3.84
CA ARG A 32 2.27 -5.68 4.18
CA ARG A 32 1.94 -5.89 4.85
C ARG A 32 3.67 -5.65 4.79
C ARG A 32 3.28 -5.28 5.26
N PRO A 33 4.33 -4.49 4.69
N PRO A 33 3.50 -4.02 4.88
CA PRO A 33 5.68 -4.30 5.23
CA PRO A 33 4.75 -3.30 5.20
C PRO A 33 5.70 -4.29 6.75
C PRO A 33 4.86 -2.97 6.69
N SER A 34 6.90 -4.32 7.33
N SER A 34 5.89 -3.52 7.33
CA SER A 34 7.05 -4.32 8.77
CA SER A 34 6.11 -3.29 8.75
C SER A 34 6.87 -2.92 9.34
C SER A 34 7.06 -2.11 8.97
N GLY A 35 7.74 -2.01 8.95
N GLY A 35 7.14 -1.64 10.22
CA GLY A 35 7.65 -0.64 9.43
CA GLY A 35 8.00 -0.52 10.54
C GLY A 35 8.56 -0.38 10.62
C GLY A 35 7.42 0.37 11.62
N SER A 1 -4.58 -2.46 10.52
N SER A 1 -4.35 -2.26 10.67
CA SER A 1 -4.98 -1.06 10.43
CA SER A 1 -4.84 -0.89 10.70
C SER A 1 -4.02 -0.16 11.19
C SER A 1 -3.69 0.08 10.94
N LYS A 2 -2.74 -0.24 10.84
N LYS A 2 -2.80 -0.27 11.86
CA LYS A 2 -1.71 0.57 11.48
CA LYS A 2 -1.66 0.57 12.17
C LYS A 2 -0.44 0.60 10.64
C LYS A 2 -0.60 0.49 11.08
N LEU A 3 -0.41 1.49 9.65
N LEU A 3 -0.87 1.12 9.94
CA LEU A 3 0.74 1.62 8.77
CA LEU A 3 0.06 1.11 8.82
C LEU A 3 1.55 2.87 9.12
C LEU A 3 1.18 2.12 9.03
N PRO A 4 2.85 2.83 8.84
N PRO A 4 2.36 1.83 8.47
CA PRO A 4 3.76 3.96 9.11
CA PRO A 4 3.54 2.69 8.59
C PRO A 4 3.51 5.14 8.20
C PRO A 4 3.38 3.99 7.79
N PRO A 5 4.20 6.25 8.45
N PRO A 5 4.20 4.99 8.12
CA PRO A 5 4.08 7.48 7.66
CA PRO A 5 4.17 6.29 7.45
C PRO A 5 4.66 7.32 6.26
C PRO A 5 4.68 6.22 6.01
N GLY A 6 3.87 6.73 5.36
N GLY A 6 4.07 7.01 5.13
CA GLY A 6 4.33 6.53 3.99
CA GLY A 6 4.47 7.01 3.74
C GLY A 6 3.49 5.51 3.25
C GLY A 6 3.64 6.06 2.89
N TRP A 7 2.82 4.63 3.98
N TRP A 7 3.20 4.96 3.50
CA TRP A 7 1.98 3.61 3.38
CA TRP A 7 2.40 3.97 2.80
C TRP A 7 0.51 3.96 3.52
C TRP A 7 0.92 4.33 2.83
N GLU A 8 -0.19 4.01 2.39
N GLU A 8 0.21 4.02 1.76
CA GLU A 8 -1.62 4.34 2.39
CA GLU A 8 -1.22 4.31 1.68
C GLU A 8 -2.44 3.18 1.83
C GLU A 8 -1.99 3.11 1.14
N LYS A 9 -3.73 3.16 2.17
N LYS A 9 -3.15 2.85 1.73
CA LYS A 9 -4.63 2.11 1.71
CA LYS A 9 -3.99 1.73 1.31
C LYS A 9 -5.24 2.49 0.37
C LYS A 9 -4.86 2.12 0.12
N ARG A 10 -4.99 1.65 -0.64
N ARG A 10 -4.78 1.33 -0.94
CA ARG A 10 -5.52 1.90 -1.98
CA ARG A 10 -5.56 1.59 -2.15
C ARG A 10 -6.23 0.65 -2.52
C ARG A 10 -6.38 0.36 -2.54
N MET A 11 -7.19 0.86 -3.41
N MET A 11 -7.34 0.56 -3.45
CA MET A 11 -7.94 -0.23 -4.00
CA MET A 11 -8.18 -0.53 -3.91
C MET A 11 -7.83 -0.22 -5.52
C MET A 11 -8.40 -0.45 -5.42
N SER A 12 -7.88 -1.41 -6.13
N SER A 12 -8.18 -1.56 -6.11
CA SER A 12 -7.78 -1.53 -7.58
CA SER A 12 -8.35 -1.61 -7.56
C SER A 12 -9.14 -1.36 -8.23
C SER A 12 -9.80 -1.31 -7.95
N ARG A 13 -9.15 -0.79 -9.43
N ARG A 13 -10.00 -0.98 -9.21
CA ARG A 13 -10.39 -0.57 -10.17
CA ARG A 13 -11.34 -0.66 -9.71
C ARG A 13 -10.57 -1.64 -11.24
C ARG A 13 -11.85 -1.75 -10.66
N ASN A 14 -10.10 -2.85 -10.96
N ASN A 14 -10.92 -2.39 -11.36
CA ASN A 14 -10.21 -3.95 -11.91
CA ASN A 14 -11.27 -3.46 -12.29
C ASN A 14 -10.77 -5.19 -11.22
C ASN A 14 -11.45 -4.78 -11.56
N SER A 15 -9.95 -5.83 -10.40
N SER A 15 -10.47 -5.14 -10.74
CA SER A 15 -10.35 -7.04 -9.69
CA SER A 15 -10.51 -6.38 -9.97
C SER A 15 -10.42 -6.79 -8.19
C SER A 15 -11.11 -6.15 -8.59
N GLY A 16 -10.83 -5.57 -7.81
N GLY A 16 -10.40 -5.38 -7.77
CA GLY A 16 -10.93 -5.22 -6.42
CA GLY A 16 -10.87 -5.10 -6.43
C GLY A 16 -9.60 -5.28 -5.70
C GLY A 16 -9.93 -5.61 -5.36
N ARG A 17 -9.44 -6.24 -4.81
N ARG A 17 -8.67 -5.82 -5.74
CA ARG A 17 -8.19 -6.40 -4.06
CA ARG A 17 -7.66 -6.31 -4.80
C ARG A 17 -7.86 -5.13 -3.31
C ARG A 17 -7.03 -5.16 -4.03
N VAL A 18 -6.72 -5.14 -2.61
N VAL A 18 -7.06 -5.25 -2.70
CA VAL A 18 -6.29 -3.97 -1.85
CA VAL A 18 -6.49 -4.22 -1.85
C VAL A 18 -4.77 -3.99 -1.66
C VAL A 18 -4.97 -4.34 -1.77
N TYR A 19 -4.06 -3.46 -2.66
N TYR A 19 -4.29 -3.21 -1.80
CA TYR A 19 -2.60 -3.40 -2.60
CA TYR A 19 -2.83 -3.19 -1.74
C TYR A 19 -2.12 -2.18 -1.83
C TYR A 19 -2.33 -1.91 -1.06
N TYR A 20 -0.83 -2.14 -1.53
N TYR A 20 -1.02 -1.78 -0.98
CA TYR A 20 -0.25 -1.03 -0.80
CA TYR A 20 -0.41 -0.61 -0.35
C TYR A 20 0.52 -0.09 -1.73
C TYR A 20 0.63 0.02 -1.28
N PHE A 21 0.50 1.19 -1.40
N PHE A 21 0.60 1.34 -1.38
CA PHE A 21 1.19 2.19 -2.21
CA PHE A 21 1.53 2.07 -2.23
C PHE A 21 2.06 3.09 -1.34
C PHE A 21 2.19 3.22 -1.46
N ASN A 22 3.32 3.22 -1.72
N ASN A 22 3.46 3.45 -1.74
CA ASN A 22 4.26 4.06 -0.98
CA ASN A 22 4.22 4.52 -1.08
C ASN A 22 4.58 5.34 -1.73
C ASN A 22 4.39 5.71 -2.01
N HIS A 23 3.98 6.45 -1.29
N HIS A 23 4.02 6.89 -1.53
CA HIS A 23 4.20 7.73 -1.94
CA HIS A 23 4.13 8.12 -2.32
C HIS A 23 5.47 8.40 -1.40
C HIS A 23 5.56 8.67 -2.24
N ILE A 24 6.56 7.65 -1.40
N ILE A 24 6.31 8.23 -1.24
CA ILE A 24 7.84 8.17 -0.92
CA ILE A 24 7.68 8.68 -1.05
C ILE A 24 8.99 7.72 -1.81
C ILE A 24 8.65 7.83 -1.88
N THR A 25 8.95 6.46 -2.23
N THR A 25 8.44 6.52 -1.86
CA THR A 25 9.99 5.91 -3.09
CA THR A 25 9.29 5.60 -2.61
C THR A 25 9.38 5.23 -4.31
C THR A 25 8.70 5.30 -3.98
N ASN A 26 8.23 5.72 -4.75
N ASN A 26 7.41 5.53 -4.13
CA ASN A 26 7.54 5.16 -5.91
CA ASN A 26 6.73 5.28 -5.40
C ASN A 26 7.53 3.64 -5.85
C ASN A 26 6.77 3.80 -5.75
N ALA A 27 7.13 3.09 -4.70
N ALA A 27 6.16 2.97 -4.90
CA ALA A 27 7.07 1.65 -4.52
CA ALA A 27 6.13 1.54 -5.13
C ALA A 27 5.63 1.18 -4.36
C ALA A 27 4.92 0.91 -4.44
N SER A 28 5.42 -0.13 -4.49
N SER A 28 4.46 -0.22 -4.99
CA SER A 28 4.09 -0.71 -4.37
CA SER A 28 3.31 -0.92 -4.43
C SER A 28 4.17 -2.16 -3.91
C SER A 28 3.65 -2.39 -4.15
N GLN A 29 4.04 -2.37 -2.60
N GLN A 29 3.08 -2.92 -3.08
CA GLN A 29 4.10 -3.71 -2.04
CA GLN A 29 3.33 -4.31 -2.70
C GLN A 29 2.70 -4.31 -1.93
C GLN A 29 2.13 -4.89 -1.97
N PHE A 30 2.64 -5.64 -1.89
N PHE A 30 1.78 -6.13 -2.30
CA PHE A 30 1.38 -6.35 -1.79
CA PHE A 30 0.65 -6.80 -1.67
C PHE A 30 1.10 -6.78 -0.35
C PHE A 30 1.01 -7.26 -0.26
N GLU A 31 2.17 -7.15 0.37
N GLU A 31 2.27 -7.61 -0.06
CA GLU A 31 2.05 -7.58 1.75
CA GLU A 31 2.73 -8.06 1.24
C GLU A 31 2.20 -6.41 2.71
C GLU A 31 2.62 -6.95 2.29
N ARG A 32 1.51 -6.49 3.85
N ARG A 32 2.13 -7.30 3.47
CA ARG A 32 1.57 -5.42 4.84
CA ARG A 32 1.97 -6.33 4.54
C ARG A 32 2.98 -5.29 5.41
C ARG A 32 3.31 -5.70 4.91
N PRO A 33 3.63 -4.16 5.11
N PRO A 33 3.45 -4.39 4.61
CA PRO A 33 4.98 -3.88 5.59
CA PRO A 33 4.68 -3.65 4.89
C PRO A 33 5.04 -3.64 7.10
C PRO A 33 4.88 -3.42 6.38
N SER A 34 6.22 -3.87 7.68
N SER A 34 6.10 -3.68 6.85
CA SER A 34 6.40 -3.68 9.12
CA SER A 34 6.43 -3.50 8.26
C SER A 34 6.40 -2.20 9.49
C SER A 34 7.18 -2.19 8.49
N GLY A 35 7.33 -1.46 8.89
N GLY A 35 7.40 -1.86 9.76
CA GLY A 35 7.42 -0.04 9.16
CA GLY A 35 8.10 -0.64 10.09
C GLY A 35 8.41 0.28 10.26
C GLY A 35 9.36 -0.89 10.89
N SER A 1 -5.58 0.32 8.96
N SER A 1 -4.98 1.28 9.24
CA SER A 1 -5.46 1.60 9.65
CA SER A 1 -5.20 2.05 10.46
C SER A 1 -4.31 1.58 10.64
C SER A 1 -3.91 2.17 11.26
N LYS A 2 -3.23 0.89 10.28
N LYS A 2 -3.11 1.10 11.26
CA LYS A 2 -2.05 0.79 11.13
CA LYS A 2 -1.85 1.09 11.98
C LYS A 2 -0.79 0.62 10.30
C LYS A 2 -0.68 0.82 11.03
N LEU A 3 -0.34 1.71 9.69
N LEU A 3 -0.74 1.41 9.85
CA LEU A 3 0.86 1.69 8.87
CA LEU A 3 0.31 1.24 8.85
C LEU A 3 1.78 2.87 9.21
C LEU A 3 1.51 2.13 9.16
N PRO A 4 3.08 2.71 8.93
N PRO A 4 2.69 1.73 8.67
CA PRO A 4 4.09 3.75 9.20
CA PRO A 4 3.93 2.48 8.88
C PRO A 4 3.94 4.94 8.26
C PRO A 4 3.96 3.79 8.11
N PRO A 5 4.69 6.02 8.55
N PRO A 5 4.93 4.64 8.42
CA PRO A 5 4.66 7.24 7.75
CA PRO A 5 5.09 5.94 7.75
C PRO A 5 5.29 7.05 6.38
C PRO A 5 5.54 5.81 6.30
N GLY A 6 4.46 6.97 5.35
N GLY A 6 4.90 6.55 5.41
CA GLY A 6 4.96 6.78 3.99
CA GLY A 6 5.24 6.51 4.01
C GLY A 6 4.06 5.90 3.16
C GLY A 6 4.56 5.36 3.28
N TRP A 7 3.41 4.94 3.81
N TRP A 7 3.30 5.11 3.64
CA TRP A 7 2.51 4.02 3.11
CA TRP A 7 2.53 4.04 3.02
C TRP A 7 1.06 4.46 3.27
C TRP A 7 1.05 4.40 2.94
N GLU A 8 0.21 4.06 2.32
N GLU A 8 0.43 4.11 1.81
CA GLU A 8 -1.20 4.41 2.36
CA GLU A 8 -0.99 4.41 1.62
C GLU A 8 -2.06 3.28 1.81
C GLU A 8 -1.75 3.16 1.18
N LYS A 9 -3.29 3.18 2.30
N LYS A 9 -2.95 2.98 1.72
CA LYS A 9 -4.21 2.14 1.88
CA LYS A 9 -3.79 1.83 1.38
C LYS A 9 -4.77 2.45 0.49
C LYS A 9 -4.71 2.16 0.22
N ARG A 10 -4.41 1.62 -0.49
N ARG A 10 -4.63 1.36 -0.84
CA ARG A 10 -4.87 1.81 -1.85
CA ARG A 10 -5.47 1.56 -2.02
C ARG A 10 -5.70 0.61 -2.32
C ARG A 10 -6.16 0.27 -2.42
N MET A 11 -6.66 0.87 -3.21
N MET A 11 -7.16 0.39 -3.29
CA MET A 11 -7.51 -0.19 -3.74
CA MET A 11 -7.91 -0.77 -3.75
C MET A 11 -7.43 -0.27 -5.25
C MET A 11 -8.13 -0.71 -5.25
N SER A 12 -8.00 -1.31 -5.82
N SER A 12 -7.70 -1.75 -5.96
CA SER A 12 -7.99 -1.50 -7.27
CA SER A 12 -7.85 -1.81 -7.41
C SER A 12 -9.40 -1.62 -7.82
C SER A 12 -9.32 -1.70 -7.81
N ARG A 13 -9.59 -1.15 -9.05
N ARG A 13 -9.57 -1.23 -9.03
CA ARG A 13 -10.89 -1.20 -9.70
CA ARG A 13 -10.93 -1.07 -9.54
C ARG A 13 -10.81 -1.93 -11.04
C ARG A 13 -11.27 -2.17 -10.54
N ASN A 14 -9.86 -2.85 -11.15
N ASN A 14 -10.26 -2.63 -11.27
CA ASN A 14 -9.67 -3.61 -12.37
CA ASN A 14 -10.45 -3.69 -12.26
C ASN A 14 -9.37 -5.08 -12.05
C ASN A 14 -10.47 -5.06 -11.60
N SER A 15 -9.92 -5.56 -10.94
N SER A 15 -9.65 -5.22 -10.56
CA SER A 15 -9.70 -6.95 -10.53
CA SER A 15 -9.57 -6.49 -9.84
C SER A 15 -10.49 -7.26 -9.25
C SER A 15 -10.34 -6.42 -8.53
N GLY A 16 -10.19 -6.53 -8.19
N GLY A 16 -10.02 -5.43 -7.70
CA GLY A 16 -10.88 -6.73 -6.93
CA GLY A 16 -10.68 -5.26 -6.43
C GLY A 16 -9.94 -7.17 -5.82
C GLY A 16 -9.85 -5.77 -5.26
N ARG A 17 -9.29 -6.19 -5.18
N ARG A 17 -8.54 -5.88 -5.49
CA ARG A 17 -8.36 -6.49 -4.10
CA ARG A 17 -7.64 -6.36 -4.45
C ARG A 17 -7.75 -5.20 -3.56
C ARG A 17 -6.97 -5.18 -3.74
N VAL A 18 -6.70 -5.35 -2.74
N VAL A 18 -6.95 -5.25 -2.41
CA VAL A 18 -6.03 -4.20 -2.16
CA VAL A 18 -6.34 -4.19 -1.61
C VAL A 18 -4.51 -4.44 -2.08
C VAL A 18 -4.82 -4.32 -1.59
N TYR A 19 -3.76 -3.35 -2.00
N TYR A 19 -4.13 -3.18 -1.66
CA TYR A 19 -2.31 -3.43 -1.92
CA TYR A 19 -2.68 -3.16 -1.65
C TYR A 19 -1.73 -2.26 -1.13
C TYR A 19 -2.15 -1.88 -1.01
N TYR A 20 -0.41 -2.18 -1.08
N TYR A 20 -0.82 -1.79 -0.89
CA TYR A 20 0.27 -1.12 -0.36
CA TYR A 20 -0.20 -0.62 -0.30
C TYR A 20 1.13 -0.28 -1.30
C TYR A 20 0.81 0.01 -1.26
N PHE A 21 0.98 1.05 -1.22
N PHE A 21 0.81 1.33 -1.32
CA PHE A 21 1.74 1.96 -2.06
CA PHE A 21 1.72 2.06 -2.20
C PHE A 21 2.34 3.08 -1.22
C PHE A 21 2.52 3.10 -1.42
N ASN A 22 3.66 3.23 -1.31
N ASN A 22 3.77 3.32 -1.83
CA ASN A 22 4.37 4.26 -0.57
CA ASN A 22 4.64 4.28 -1.18
C ASN A 22 4.52 5.52 -1.41
C ASN A 22 4.83 5.53 -2.04
N HIS A 23 4.25 6.68 -0.80
N HIS A 23 4.49 6.68 -1.49
CA HIS A 23 4.35 7.96 -1.50
CA HIS A 23 4.63 7.95 -2.21
C HIS A 23 5.74 8.55 -1.30
C HIS A 23 6.07 8.43 -2.19
N ILE A 24 6.75 7.69 -1.18
N ILE A 24 6.86 7.91 -1.25
CA ILE A 24 8.12 8.13 -1.00
CA ILE A 24 8.25 8.30 -1.12
C ILE A 24 9.02 7.63 -2.12
C ILE A 24 9.13 7.48 -2.07
N THR A 25 8.78 6.40 -2.55
N THR A 25 8.93 6.17 -2.08
CA THR A 25 9.57 5.80 -3.63
CA THR A 25 9.70 5.28 -2.95
C THR A 25 8.67 5.20 -4.69
C THR A 25 8.99 5.05 -4.27
N ASN A 26 7.44 5.71 -4.79
N ASN A 26 7.73 5.49 -4.34
CA ASN A 26 6.49 5.22 -5.77
CA ASN A 26 6.94 5.32 -5.55
C ASN A 26 6.50 3.70 -5.85
C ASN A 26 6.87 3.85 -5.97
N ALA A 27 6.56 3.06 -4.67
N ALA A 27 6.45 3.00 -5.04
CA ALA A 27 6.58 1.60 -4.60
CA ALA A 27 6.33 1.58 -5.31
C ALA A 27 5.16 1.05 -4.48
C ALA A 27 5.25 0.94 -4.45
N SER A 28 4.99 -0.20 -4.91
N SER A 28 4.62 -0.11 -4.98
CA SER A 28 3.68 -0.85 -4.85
CA SER A 28 3.56 -0.80 -4.27
C SER A 28 3.83 -2.36 -4.64
C SER A 28 3.99 -2.22 -3.89
N GLN A 29 3.66 -2.80 -3.39
N GLN A 29 3.35 -2.77 -2.87
CA GLN A 29 3.78 -4.20 -3.05
CA GLN A 29 3.67 -4.11 -2.40
C GLN A 29 2.56 -4.68 -2.26
C GLN A 29 2.45 -4.77 -1.75
N PHE A 30 2.31 -5.97 -2.31
N PHE A 30 2.22 -6.03 -2.11
CA PHE A 30 1.18 -6.56 -1.60
CA PHE A 30 1.08 -6.78 -1.57
C PHE A 30 1.54 -6.85 -0.14
C PHE A 30 1.38 -7.27 -0.15
N GLU A 31 2.82 -7.10 0.11
N GLU A 31 2.64 -7.60 0.10
CA GLU A 31 3.30 -7.39 1.45
CA GLU A 31 3.05 -8.09 1.41
C GLU A 31 3.24 -6.14 2.34
C GLU A 31 3.11 -6.95 2.42
N ARG A 32 2.59 -6.28 3.48
N ARG A 32 2.55 -7.19 3.61
CA ARG A 32 2.45 -5.16 4.41
CA ARG A 32 2.54 -6.18 4.66
C ARG A 32 3.82 -4.61 4.82
C ARG A 32 3.96 -5.71 4.98
N PRO A 33 3.95 -3.28 4.83
N PRO A 33 4.25 -4.44 4.62
CA PRO A 33 5.19 -2.60 5.19
CA PRO A 33 5.57 -3.84 4.86
C PRO A 33 5.52 -2.75 6.68
C PRO A 33 5.84 -3.59 6.34
N SER A 34 6.78 -3.08 6.97
N SER A 34 7.09 -3.35 6.67
CA SER A 34 7.22 -3.27 8.34
CA SER A 34 7.48 -3.09 8.06
C SER A 34 7.27 -1.93 9.08
C SER A 34 8.44 -1.90 8.15
N GLY A 35 8.03 -0.99 8.54
N GLY A 35 8.66 -1.43 9.36
CA GLY A 35 8.15 0.31 9.16
CA GLY A 35 9.55 -0.29 9.56
C GLY A 35 9.30 0.39 10.14
C GLY A 35 10.21 -0.31 10.93
N SER A 1 -5.00 3.71 12.15
N SER A 1 -5.34 2.96 11.70
CA SER A 1 -3.63 4.19 12.13
CA SER A 1 -3.94 3.32 11.95
C SER A 1 -2.64 3.05 11.91
C SER A 1 -3.11 2.09 12.31
N LYS A 2 -2.99 2.15 11.00
N LYS A 2 -2.98 1.17 11.35
CA LYS A 2 -2.14 1.01 10.69
CA LYS A 2 -2.21 -0.04 11.56
C LYS A 2 -1.02 1.41 9.72
C LYS A 2 -1.19 -0.23 10.44
N LEU A 3 -0.04 0.53 9.57
N LEU A 3 -0.66 0.87 9.92
CA LEU A 3 1.08 0.78 8.67
CA LEU A 3 0.33 0.81 8.86
C LEU A 3 1.90 1.97 9.16
C LEU A 3 1.44 1.83 9.10
N PRO A 4 3.21 1.95 8.88
N PRO A 4 2.62 1.57 8.51
CA PRO A 4 4.13 3.01 9.27
CA PRO A 4 3.79 2.44 8.64
C PRO A 4 3.89 4.30 8.49
C PRO A 4 3.60 3.75 7.89
N PRO A 5 4.60 5.37 8.87
N PRO A 5 4.43 4.76 8.23
CA PRO A 5 4.48 6.68 8.22
CA PRO A 5 4.39 6.07 7.59
C PRO A 5 5.06 6.68 6.81
C PRO A 5 4.86 6.04 6.15
N GLY A 6 4.22 6.41 5.82
N GLY A 6 4.23 6.85 5.30
CA GLY A 6 4.66 6.38 4.44
CA GLY A 6 4.60 6.89 3.90
C GLY A 6 3.83 5.46 3.57
C GLY A 6 3.77 5.96 3.04
N TRP A 7 3.07 4.58 4.22
N TRP A 7 3.35 4.84 3.64
CA TRP A 7 2.22 3.64 3.49
CA TRP A 7 2.54 3.86 2.92
C TRP A 7 0.75 3.98 3.68
C TRP A 7 1.06 4.20 3.01
N GLU A 8 0.03 4.14 2.58
N GLU A 8 0.32 3.90 1.96
CA GLU A 8 -1.38 4.48 2.62
CA GLU A 8 -1.11 4.17 1.92
C GLU A 8 -2.23 3.32 2.07
C GLU A 8 -1.90 2.95 1.44
N LYS A 9 -3.47 3.23 2.55
N LYS A 9 -3.09 2.77 1.98
CA LYS A 9 -4.37 2.18 2.11
CA LYS A 9 -3.94 1.64 1.61
C LYS A 9 -4.90 2.46 0.71
C LYS A 9 -4.87 2.02 0.47
N ARG A 10 -4.55 1.61 -0.24
N ARG A 10 -4.75 1.33 -0.66
CA ARG A 10 -4.98 1.77 -1.62
CA ARG A 10 -5.59 1.59 -1.82
C ARG A 10 -5.76 0.54 -2.10
C ARG A 10 -6.33 0.32 -2.25
N MET A 11 -6.59 0.74 -3.11
N MET A 11 -7.31 0.49 -3.14
CA MET A 11 -7.39 -0.35 -3.66
CA MET A 11 -8.09 -0.63 -3.63
C MET A 11 -7.15 -0.50 -5.16
C MET A 11 -8.20 -0.59 -5.15
N SER A 12 -7.89 -1.41 -5.79
N SER A 12 -7.95 -1.73 -5.79
CA SER A 12 -7.76 -1.66 -7.22
CA SER A 12 -8.01 -1.82 -7.25
C SER A 12 -8.99 -1.17 -7.97
C SER A 12 -9.40 -1.43 -7.75
N ARG A 13 -8.90 -1.15 -9.30
N ARG A 13 -9.53 -1.29 -9.07
CA ARG A 13 -10.01 -0.71 -10.14
CA ARG A 13 -10.80 -0.92 -9.68
C ARG A 13 -10.50 -1.85 -11.03
C ARG A 13 -11.29 -2.02 -10.63
N ASN A 14 -9.57 -2.69 -11.47
N ASN A 14 -10.34 -2.79 -11.17
CA ASN A 14 -9.91 -3.82 -12.33
CA ASN A 14 -10.67 -3.86 -12.09
C ASN A 14 -9.66 -5.14 -11.62
C ASN A 14 -11.15 -5.10 -11.34
N SER A 15 -10.25 -5.29 -10.43
N SER A 15 -10.37 -5.51 -10.34
CA SER A 15 -10.09 -6.51 -9.64
CA SER A 15 -10.71 -6.68 -9.54
C SER A 15 -10.96 -6.46 -8.39
C SER A 15 -11.25 -6.27 -8.17
N GLY A 16 -10.66 -5.52 -7.50
N GLY A 16 -10.40 -5.64 -7.37
CA GLY A 16 -11.42 -5.39 -6.28
CA GLY A 16 -10.81 -5.20 -6.05
C GLY A 16 -10.56 -5.56 -5.04
C GLY A 16 -9.89 -5.72 -4.96
N ARG A 17 -9.53 -6.39 -5.15
N ARG A 17 -8.61 -5.90 -5.30
CA ARG A 17 -8.63 -6.64 -4.03
CA ARG A 17 -7.63 -6.39 -4.34
C ARG A 17 -8.03 -5.34 -3.51
C ARG A 17 -6.95 -5.23 -3.62
N VAL A 18 -7.20 -5.45 -2.47
N VAL A 18 -7.00 -5.26 -2.29
CA VAL A 18 -6.56 -4.29 -1.88
CA VAL A 18 -6.38 -4.21 -1.48
C VAL A 18 -5.06 -4.50 -1.73
C VAL A 18 -4.86 -4.34 -1.48
N TYR A 19 -4.34 -3.42 -1.46
N TYR A 19 -4.17 -3.21 -1.58
CA TYR A 19 -2.89 -3.48 -1.30
CA TYR A 19 -2.71 -3.20 -1.59
C TYR A 19 -2.35 -2.18 -0.70
C TYR A 19 -2.17 -1.96 -0.90
N TYR A 20 -1.03 -2.10 -0.58
N TYR A 20 -0.85 -1.87 -0.78
CA TYR A 20 -0.39 -0.92 -0.02
CA TYR A 20 -0.21 -0.72 -0.14
C TYR A 20 0.41 -0.18 -1.09
C TYR A 20 0.79 -0.07 -1.08
N PHE A 21 0.46 1.14 -0.96
N PHE A 21 0.71 1.26 -1.19
CA PHE A 21 1.20 1.97 -1.92
CA PHE A 21 1.61 2.00 -2.06
C PHE A 21 2.12 2.94 -1.20
C PHE A 21 2.29 3.14 -1.29
N ASN A 22 3.38 2.95 -1.61
N ASN A 22 3.55 3.41 -1.63
CA ASN A 22 4.38 3.84 -0.99
CA ASN A 22 4.30 4.46 -0.96
C ASN A 22 4.56 5.10 -1.83
C ASN A 22 4.45 5.68 -1.87
N HIS A 23 4.12 6.23 -1.28
N HIS A 23 4.04 6.84 -1.38
CA HIS A 23 4.23 7.51 -1.97
CA HIS A 23 4.13 8.07 -2.15
C HIS A 23 5.53 8.23 -1.58
C HIS A 23 5.54 8.65 -2.10
N ILE A 24 6.58 7.45 -1.37
N ILE A 24 6.33 8.20 -1.13
CA ILE A 24 7.87 8.01 -0.99
CA ILE A 24 7.70 8.67 -0.97
C ILE A 24 8.98 7.52 -1.93
C ILE A 24 8.65 7.88 -1.87
N THR A 25 8.98 6.23 -2.20
N THR A 25 8.53 6.55 -1.83
CA THR A 25 9.98 5.64 -3.08
CA THR A 25 9.37 5.69 -2.64
C THR A 25 9.34 5.05 -4.34
C THR A 25 8.73 5.40 -3.99
N ASN A 26 8.20 5.61 -4.73
N ASN A 26 7.42 5.62 -4.07
CA ASN A 26 7.47 5.14 -5.90
CA ASN A 26 6.69 5.38 -5.32
C ASN A 26 7.34 3.62 -5.88
C ASN A 26 6.73 3.89 -5.70
N ALA A 27 7.21 3.06 -4.68
N ALA A 27 6.18 3.05 -4.83
CA ALA A 27 7.06 1.61 -4.54
CA ALA A 27 6.15 1.62 -5.08
C ALA A 27 5.61 1.23 -4.33
C ALA A 27 4.98 0.96 -4.35
N SER A 28 5.29 -0.03 -4.60
N SER A 28 4.57 -0.21 -4.84
CA SER A 28 3.93 -0.54 -4.45
CA SER A 28 3.45 -0.92 -4.24
C SER A 28 3.93 -2.06 -4.32
C SER A 28 3.89 -2.31 -3.76
N GLN A 29 4.00 -2.53 -3.08
N GLN A 29 3.23 -2.81 -2.74
CA GLN A 29 4.01 -3.97 -2.82
CA GLN A 29 3.55 -4.12 -2.18
C GLN A 29 2.79 -4.38 -2.00
C GLN A 29 2.34 -4.74 -1.50
N PHE A 30 2.44 -5.66 -2.07
N PHE A 30 2.07 -6.00 -1.84
CA PHE A 30 1.29 -6.18 -1.33
CA PHE A 30 0.92 -6.71 -1.25
C PHE A 30 1.68 -6.59 0.09
C PHE A 30 1.27 -7.24 0.14
N GLU A 31 2.94 -6.99 0.26
N GLU A 31 2.52 -7.61 0.34
CA GLU A 31 3.43 -7.41 1.56
CA GLU A 31 2.98 -8.13 1.62
C GLU A 31 3.20 -6.31 2.60
C GLU A 31 3.19 -6.99 2.62
N ARG A 32 3.26 -6.70 3.88
N ARG A 32 2.57 -7.10 3.79
CA ARG A 32 3.06 -5.76 4.97
CA ARG A 32 2.69 -6.09 4.82
C ARG A 32 4.37 -5.07 5.34
C ARG A 32 4.16 -5.78 5.11
N PRO A 33 4.44 -3.75 5.08
N PRO A 33 4.60 -4.58 4.71
CA PRO A 33 5.63 -2.95 5.39
CA PRO A 33 5.99 -4.14 4.90
C PRO A 33 5.84 -2.77 6.88
C PRO A 33 6.29 -3.86 6.37
N SER A 34 6.84 -3.47 7.42
N SER A 34 7.59 -3.79 6.69
CA SER A 34 7.14 -3.39 8.85
CA SER A 34 8.01 -3.52 8.06
C SER A 34 7.50 -1.96 9.24
C SER A 34 8.54 -2.11 8.22
N GLY A 35 8.22 -1.27 8.37
N GLY A 35 8.83 -1.72 9.45
CA GLY A 35 8.62 0.10 8.64
CA GLY A 35 9.33 -0.38 9.71
C GLY A 35 9.94 0.18 9.37
C GLY A 35 10.65 -0.38 10.43
N SER A 1 -5.54 -0.65 9.69
N SER A 1 -5.19 -0.12 9.55
CA SER A 1 -5.35 0.80 9.55
CA SER A 1 -5.37 1.13 10.26
C SER A 1 -4.16 1.26 10.36
C SER A 1 -4.06 1.60 10.90
N LYS A 2 -3.12 0.43 10.42
N LYS A 2 -3.28 0.65 11.39
CA LYS A 2 -1.91 0.76 11.16
CA LYS A 2 -2.00 0.95 12.02
C LYS A 2 -0.67 0.62 10.27
C LYS A 2 -0.85 0.76 11.04
N LEU A 3 -0.21 1.75 9.73
N LEU A 3 -0.99 1.33 9.85
CA LEU A 3 0.96 1.75 8.87
CA LEU A 3 0.04 1.23 8.82
C LEU A 3 1.90 2.89 9.24
C LEU A 3 1.16 2.23 9.07
N PRO A 4 3.20 2.71 8.96
N PRO A 4 2.37 1.90 8.58
CA PRO A 4 4.23 3.71 9.25
CA PRO A 4 3.55 2.75 8.73
C PRO A 4 4.11 4.94 8.35
C PRO A 4 3.45 4.03 7.92
N PRO A 5 4.93 5.96 8.64
N PRO A 5 4.29 5.02 8.25
CA PRO A 5 4.94 7.21 7.87
CA PRO A 5 4.32 6.31 7.55
C PRO A 5 5.50 7.02 6.46
C PRO A 5 4.86 6.19 6.13
N GLY A 6 4.62 6.66 5.52
N GLY A 6 4.30 6.98 5.22
CA GLY A 6 5.05 6.45 4.16
CA GLY A 6 4.74 6.95 3.84
C GLY A 6 4.35 5.27 3.50
C GLY A 6 3.90 6.01 2.99
N TRP A 7 3.12 5.02 3.92
N TRP A 7 3.37 4.96 3.60
CA TRP A 7 2.34 3.91 3.36
CA TRP A 7 2.56 3.98 2.89
C TRP A 7 0.84 4.17 3.51
C TRP A 7 1.09 4.38 2.92
N GLU A 8 0.12 4.15 2.39
N GLU A 8 0.37 4.09 1.84
CA GLU A 8 -1.32 4.37 2.40
CA GLU A 8 -1.05 4.42 1.75
C GLU A 8 -2.06 3.18 1.82
C GLU A 8 -1.84 3.24 1.21
N LYS A 9 -3.33 3.04 2.18
N LYS A 9 -3.00 3.00 1.80
CA LYS A 9 -4.15 1.94 1.69
CA LYS A 9 -3.87 1.90 1.39
C LYS A 9 -4.87 2.33 0.41
C LYS A 9 -4.74 2.31 0.21
N ARG A 10 -4.73 1.49 -0.61
N ARG A 10 -4.67 1.53 -0.87
CA ARG A 10 -5.36 1.74 -1.90
CA ARG A 10 -5.45 1.81 -2.07
C ARG A 10 -6.19 0.53 -2.35
C ARG A 10 -6.36 0.64 -2.41
N MET A 11 -7.11 0.76 -3.28
N MET A 11 -7.29 0.86 -3.34
CA MET A 11 -7.96 -0.29 -3.80
CA MET A 11 -8.22 -0.17 -3.75
C MET A 11 -7.71 -0.52 -5.28
C MET A 11 -8.34 -0.23 -5.28
N SER A 12 -8.54 -1.36 -5.90
N SER A 12 -8.05 -1.39 -5.84
CA SER A 12 -8.40 -1.66 -7.32
CA SER A 12 -8.12 -1.58 -7.29
C SER A 12 -9.75 -1.57 -8.02
C SER A 12 -9.52 -1.29 -7.81
N ARG A 13 -9.77 -0.88 -9.16
N ARG A 13 -9.73 -1.56 -9.09
CA ARG A 13 -10.99 -0.71 -9.93
CA ARG A 13 -11.03 -1.32 -9.72
C ARG A 13 -10.92 -1.48 -11.25
C ARG A 13 -11.37 -2.43 -10.71
N ASN A 14 -10.40 -2.70 -11.19
N ASN A 14 -10.36 -2.86 -11.47
CA ASN A 14 -10.26 -3.53 -12.38
CA ASN A 14 -10.55 -3.92 -12.46
C ASN A 14 -10.51 -5.00 -12.04
C ASN A 14 -10.12 -5.27 -11.90
N SER A 15 -9.72 -5.52 -11.12
N SER A 15 -10.23 -5.42 -10.59
CA SER A 15 -9.85 -6.92 -10.70
CA SER A 15 -9.86 -6.66 -9.91
C SER A 15 -10.59 -7.03 -9.37
C SER A 15 -10.61 -6.82 -8.60
N GLY A 16 -10.35 -6.05 -8.49
N GLY A 16 -10.30 -5.93 -7.65
CA GLY A 16 -11.01 -6.06 -7.19
CA GLY A 16 -10.96 -5.98 -6.35
C GLY A 16 -10.10 -6.58 -6.10
C GLY A 16 -10.03 -6.47 -5.26
N ARG A 17 -9.55 -5.67 -5.31
N ARG A 17 -8.75 -6.12 -5.37
CA ARG A 17 -8.65 -6.03 -4.22
CA ARG A 17 -7.76 -6.54 -4.39
C ARG A 17 -8.08 -4.80 -3.54
C ARG A 17 -7.10 -5.32 -3.75
N VAL A 18 -7.08 -5.01 -2.68
N VAL A 18 -7.05 -5.32 -2.42
CA VAL A 18 -6.44 -3.91 -1.98
CA VAL A 18 -6.45 -4.21 -1.68
C VAL A 18 -4.96 -4.17 -1.78
C VAL A 18 -4.93 -4.33 -1.65
N TYR A 19 -4.20 -3.10 -1.53
N TYR A 19 -4.24 -3.19 -1.76
CA TYR A 19 -2.76 -3.22 -1.32
CA TYR A 19 -2.79 -3.17 -1.75
C TYR A 19 -2.19 -1.93 -0.73
C TYR A 19 -2.27 -1.90 -1.10
N TYR A 20 -0.87 -1.89 -0.59
N TYR A 20 -0.95 -1.82 -0.94
CA TYR A 20 -0.19 -0.72 -0.03
CA TYR A 20 -0.33 -0.66 -0.32
C TYR A 20 0.62 0.00 -1.11
C TYR A 20 0.71 -0.04 -1.26
N PHE A 21 0.71 1.32 -0.99
N PHE A 21 0.73 1.29 -1.30
CA PHE A 21 1.45 2.12 -1.95
CA PHE A 21 1.68 2.01 -2.16
C PHE A 21 2.37 3.11 -1.23
C PHE A 21 2.37 3.13 -1.38
N ASN A 22 3.65 3.09 -1.57
N ASN A 22 3.63 3.37 -1.72
CA ASN A 22 4.63 3.97 -0.97
CA ASN A 22 4.41 4.42 -1.06
C ASN A 22 4.85 5.21 -1.83
C ASN A 22 4.61 5.61 -1.98
N HIS A 23 4.44 6.37 -1.30
N HIS A 23 4.23 6.79 -1.49
CA HIS A 23 4.59 7.64 -2.03
CA HIS A 23 4.37 8.02 -2.27
C HIS A 23 5.90 8.32 -1.64
C HIS A 23 5.80 8.54 -2.21
N ILE A 24 6.94 7.53 -1.40
N ILE A 24 6.55 8.09 -1.21
CA ILE A 24 8.24 8.07 -1.02
CA ILE A 24 7.93 8.51 -1.04
C ILE A 24 9.34 7.53 -1.93
C ILE A 24 8.87 7.68 -1.90
N THR A 25 9.24 6.25 -2.27
N THR A 25 8.71 6.36 -1.85
CA THR A 25 10.23 5.62 -3.14
CA THR A 25 9.55 5.46 -2.62
C THR A 25 9.57 4.98 -4.36
C THR A 25 8.93 5.16 -3.99
N ASN A 26 8.42 5.53 -4.76
N ASN A 26 7.63 5.42 -4.10
CA ASN A 26 7.69 5.01 -5.91
CA ASN A 26 6.91 5.19 -5.35
C ASN A 26 7.56 3.50 -5.83
C ASN A 26 6.92 3.70 -5.72
N ALA A 27 7.39 2.99 -4.61
N ALA A 27 6.33 2.88 -4.86
CA ALA A 27 7.25 1.55 -4.40
CA ALA A 27 6.27 1.45 -5.09
C ALA A 27 5.79 1.17 -4.19
C ALA A 27 5.06 0.83 -4.39
N SER A 28 5.48 -0.11 -4.39
N SER A 28 4.65 -0.35 -4.85
CA SER A 28 4.11 -0.58 -4.24
CA SER A 28 3.50 -1.04 -4.27
C SER A 28 4.08 -2.11 -4.15
C SER A 28 3.91 -2.41 -3.75
N GLN A 29 4.22 -2.63 -2.93
N GLN A 29 3.20 -2.89 -2.73
CA GLN A 29 4.21 -4.07 -2.72
CA GLN A 29 3.48 -4.19 -2.13
C GLN A 29 2.88 -4.53 -2.13
C GLN A 29 2.23 -4.79 -1.51
N PHE A 30 2.59 -5.82 -2.27
N PHE A 30 1.96 -6.05 -1.83
CA PHE A 30 1.34 -6.38 -1.75
CA PHE A 30 0.79 -6.75 -1.30
C PHE A 30 1.47 -6.71 -0.27
C PHE A 30 1.04 -7.22 0.12
N GLU A 31 2.68 -7.07 0.14
N GLU A 31 2.29 -7.61 0.41
CA GLU A 31 2.94 -7.41 1.54
CA GLU A 31 2.66 -8.09 1.73
C GLU A 31 2.91 -6.18 2.42
C GLU A 31 2.77 -6.93 2.72
N ARG A 32 2.38 -6.32 3.63
N ARG A 32 2.15 -7.09 3.88
CA ARG A 32 2.29 -5.21 4.57
CA ARG A 32 2.18 -6.06 4.92
C ARG A 32 3.68 -4.68 4.92
C ARG A 32 3.62 -5.63 5.20
N PRO A 33 3.83 -3.35 4.92
N PRO A 33 3.96 -4.41 4.78
CA PRO A 33 5.10 -2.69 5.23
CA PRO A 33 5.30 -3.85 4.99
C PRO A 33 5.48 -2.83 6.70
C PRO A 33 5.58 -3.53 6.46
N SER A 34 6.73 -3.19 6.96
N SER A 34 6.85 -3.31 6.78
CA SER A 34 7.21 -3.35 8.33
CA SER A 34 7.24 -2.99 8.14
C SER A 34 7.30 -2.01 9.05
C SER A 34 8.22 -1.82 8.18
N GLY A 35 8.04 -1.07 8.47
N GLY A 35 8.50 -1.33 9.38
CA GLY A 35 8.18 0.24 9.07
CA GLY A 35 9.41 -0.21 9.53
C GLY A 35 9.35 0.30 10.03
C GLY A 35 9.52 0.27 10.96
N SER A 1 -6.44 -1.21 10.52
N SER A 1 -5.74 -0.29 11.18
CA SER A 1 -5.50 -0.62 9.57
CA SER A 1 -5.15 0.45 10.08
C SER A 1 -4.44 0.20 10.30
C SER A 1 -3.91 1.22 10.54
N LYS A 2 -3.23 -0.35 10.35
N LYS A 2 -3.15 0.60 11.44
CA LYS A 2 -2.12 0.33 11.01
CA LYS A 2 -1.93 1.21 11.95
C LYS A 2 -0.84 0.22 10.18
C LYS A 2 -0.75 0.96 11.02
N LEU A 3 -0.43 1.33 9.58
N LEU A 3 -0.83 1.53 9.82
CA LEU A 3 0.77 1.36 8.76
CA LEU A 3 0.24 1.38 8.83
C LEU A 3 1.65 2.55 9.12
C LEU A 3 1.39 2.33 9.13
N PRO A 4 2.97 2.42 8.88
N PRO A 4 2.60 1.94 8.67
CA PRO A 4 3.94 3.47 9.18
CA PRO A 4 3.81 2.75 8.87
C PRO A 4 3.79 4.67 8.24
C PRO A 4 3.80 4.03 8.05
N PRO A 5 4.49 5.77 8.57
N PRO A 5 4.74 4.94 8.35
CA PRO A 5 4.45 6.99 7.78
CA PRO A 5 4.86 6.22 7.65
C PRO A 5 5.16 6.84 6.43
C PRO A 5 5.33 6.05 6.21
N GLY A 6 4.37 6.77 5.36
N GLY A 6 4.64 6.71 5.29
CA GLY A 6 4.94 6.61 4.03
CA GLY A 6 5.01 6.63 3.89
C GLY A 6 4.13 5.67 3.16
C GLY A 6 4.33 5.47 3.18
N TRP A 7 3.41 4.76 3.80
N TRP A 7 3.06 5.25 3.50
CA TRP A 7 2.59 3.80 3.06
CA TRP A 7 2.29 4.17 2.90
C TRP A 7 1.13 4.21 3.07
C TRP A 7 0.81 4.51 2.86
N GLU A 8 0.49 4.14 1.91
N GLU A 8 0.14 4.11 1.79
CA GLU A 8 -0.92 4.51 1.77
CA GLU A 8 -1.29 4.37 1.63
C GLU A 8 -1.76 3.31 1.34
C GLU A 8 -2.03 3.13 1.15
N LYS A 9 -3.01 3.29 1.79
N LYS A 9 -3.19 2.88 1.72
CA LYS A 9 -3.92 2.20 1.45
CA LYS A 9 -4.00 1.72 1.35
C LYS A 9 -4.73 2.53 0.21
C LYS A 9 -4.91 2.05 0.17
N ARG A 10 -4.53 1.76 -0.86
N ARG A 10 -4.73 1.32 -0.93
CA ARG A 10 -5.24 1.97 -2.11
CA ARG A 10 -5.54 1.53 -2.13
C ARG A 10 -6.04 0.74 -2.50
C ARG A 10 -6.37 0.30 -2.44
N MET A 11 -6.97 0.91 -3.44
N MET A 11 -7.39 0.47 -3.29
CA MET A 11 -7.82 -0.18 -3.89
CA MET A 11 -8.26 -0.63 -3.67
C MET A 11 -7.73 -0.35 -5.39
C MET A 11 -8.52 -0.61 -5.17
N SER A 12 -7.91 -1.58 -5.87
N SER A 12 -8.12 -1.68 -5.85
CA SER A 12 -7.85 -1.87 -7.30
CA SER A 12 -8.31 -1.79 -7.30
C SER A 12 -9.25 -1.97 -7.90
C SER A 12 -9.79 -1.70 -7.66
N ARG A 13 -9.42 -1.41 -9.09
N ARG A 13 -10.07 -1.28 -8.89
CA ARG A 13 -10.71 -1.43 -9.77
CA ARG A 13 -11.44 -1.14 -9.37
C ARG A 13 -10.63 -2.25 -11.05
C ARG A 13 -11.76 -2.21 -10.40
N ASN A 14 -9.81 -3.29 -11.04
N ASN A 14 -10.74 -2.66 -11.12
CA ASN A 14 -9.64 -4.15 -12.20
CA ASN A 14 -10.92 -3.69 -12.14
C ASN A 14 -9.90 -5.61 -11.85
C ASN A 14 -11.05 -5.08 -11.51
N SER A 15 -8.94 -6.23 -11.18
N SER A 15 -10.42 -5.25 -10.36
CA SER A 15 -9.08 -7.63 -10.78
CA SER A 15 -10.47 -6.52 -9.66
C SER A 15 -9.88 -7.75 -9.48
C SER A 15 -11.02 -6.36 -8.24
N GLY A 16 -9.47 -7.01 -8.46
N GLY A 16 -10.27 -5.66 -7.41
CA GLY A 16 -10.16 -7.05 -7.19
CA GLY A 16 -10.70 -5.43 -6.04
C GLY A 16 -9.29 -7.59 -6.08
C GLY A 16 -9.70 -5.93 -5.02
N ARG A 17 -8.64 -6.69 -5.34
N ARG A 17 -8.43 -5.97 -5.42
CA ARG A 17 -7.77 -7.09 -4.24
CA ARG A 17 -7.37 -6.44 -4.53
C ARG A 17 -7.13 -5.86 -3.59
C ARG A 17 -6.75 -5.26 -3.77
N VAL A 18 -7.10 -5.87 -2.26
N VAL A 18 -6.70 -5.38 -2.45
CA VAL A 18 -6.52 -4.76 -1.51
CA VAL A 18 -6.13 -4.34 -1.61
C VAL A 18 -4.99 -4.77 -1.60
C VAL A 18 -4.62 -4.43 -1.56
N TYR A 19 -4.40 -3.59 -1.68
N TYR A 19 -3.94 -3.27 -1.63
CA TYR A 19 -2.95 -3.45 -1.77
CA TYR A 19 -2.49 -3.23 -1.60
C TYR A 19 -2.49 -2.14 -1.16
C TYR A 19 -2.00 -1.93 -0.96
N TYR A 20 -1.17 -2.02 -0.95
N TYR A 20 -0.69 -1.77 -0.92
CA TYR A 20 -0.59 -0.82 -0.36
CA TYR A 20 -0.09 -0.57 -0.33
C TYR A 20 0.24 -0.07 -1.41
C TYR A 20 0.95 0.03 -1.28
N PHE A 21 0.38 1.24 -1.20
N PHE A 21 0.93 1.36 -1.39
CA PHE A 21 1.15 2.08 -2.12
CA PHE A 21 1.86 2.07 -2.26
C PHE A 21 2.07 3.02 -1.34
C PHE A 21 2.58 3.17 -1.50
N ASN A 22 3.38 2.88 -1.56
N ASN A 22 3.84 3.39 -1.84
CA ASN A 22 4.36 3.71 -0.90
CA ASN A 22 4.64 4.42 -1.20
C ASN A 22 4.70 4.94 -1.74
C ASN A 22 4.81 5.64 -2.10
N HIS A 23 4.28 6.11 -1.25
N HIS A 23 4.42 6.80 -1.59
CA HIS A 23 4.54 7.36 -1.96
CA HIS A 23 4.52 8.05 -2.34
C HIS A 23 5.85 7.99 -1.48
C HIS A 23 5.94 8.60 -2.30
N ILE A 24 6.87 7.17 -1.32
N ILE A 24 6.72 8.14 -1.32
CA ILE A 24 8.18 7.65 -0.86
CA ILE A 24 8.10 8.58 -1.16
C ILE A 24 9.30 7.10 -1.74
C ILE A 24 9.03 7.79 -2.05
N THR A 25 9.18 5.83 -2.12
N THR A 25 8.90 6.46 -2.03
CA THR A 25 10.18 5.19 -2.95
CA THR A 25 9.75 5.59 -2.83
C THR A 25 9.55 4.60 -4.21
C THR A 25 9.10 5.31 -4.19
N ASN A 26 8.45 5.19 -4.65
N ASN A 26 7.79 5.55 -4.28
CA ASN A 26 7.75 4.73 -5.84
CA ASN A 26 7.06 5.31 -5.51
C ASN A 26 7.55 3.22 -5.80
C ASN A 26 7.08 3.83 -5.89
N ALA A 27 7.36 2.69 -4.60
N ALA A 27 6.47 3.01 -5.04
CA ALA A 27 7.16 1.25 -4.42
CA ALA A 27 6.42 1.57 -5.28
C ALA A 27 5.67 0.92 -4.31
C ALA A 27 5.19 0.95 -4.63
N SER A 28 5.34 -0.33 -4.63
N SER A 28 4.86 -0.27 -5.03
CA SER A 28 3.94 -0.77 -4.58
CA SER A 28 3.71 -0.97 -4.48
C SER A 28 3.87 -2.29 -4.49
C SER A 28 4.10 -2.34 -3.95
N GLN A 29 4.04 -2.82 -3.28
N GLN A 29 3.41 -2.80 -2.91
CA GLN A 29 3.99 -4.26 -3.05
CA GLN A 29 3.69 -4.10 -2.31
C GLN A 29 2.68 -4.66 -2.39
C GLN A 29 2.44 -4.70 -1.69
N PHE A 30 2.33 -5.93 -2.52
N PHE A 30 2.19 -5.97 -1.96
CA PHE A 30 1.09 -6.44 -1.92
CA PHE A 30 1.02 -6.66 -1.43
C PHE A 30 1.32 -6.81 -0.45
C PHE A 30 1.28 -7.12 0.01
N GLU A 31 2.54 -7.17 -0.12
N GLU A 31 2.52 -7.49 0.29
CA GLU A 31 2.88 -7.55 1.24
CA GLU A 31 2.89 -7.96 1.63
C GLU A 31 2.85 -6.34 2.17
C GLU A 31 2.97 -6.79 2.60
N ARG A 32 2.28 -6.52 3.35
N ARG A 32 2.39 -6.98 3.79
CA ARG A 32 2.18 -5.43 4.32
CA ARG A 32 2.39 -5.94 4.81
C ARG A 32 3.57 -4.96 4.74
C ARG A 32 3.81 -5.51 5.15
N PRO A 33 3.75 -3.63 4.80
N PRO A 33 4.16 -4.26 4.76
CA PRO A 33 5.03 -3.02 5.18
CA PRO A 33 5.50 -3.70 5.01
C PRO A 33 5.35 -3.22 6.66
C PRO A 33 5.73 -3.42 6.49
N SER A 34 6.62 -3.42 6.97
N SER A 34 6.99 -3.19 6.84
CA SER A 34 7.05 -3.63 8.35
CA SER A 34 7.36 -2.90 8.22
C SER A 34 7.03 -2.31 9.12
C SER A 34 8.31 -1.70 8.31
N GLY A 35 7.81 -1.35 8.67
N GLY A 35 8.55 -1.24 9.52
CA GLY A 35 7.88 -0.06 9.33
CA GLY A 35 9.42 -0.10 9.71
C GLY A 35 8.95 0.00 10.38
C GLY A 35 9.83 0.07 11.17
N SER A 1 -5.81 -1.91 10.73
N SER A 1 -5.91 -0.91 11.08
CA SER A 1 -5.02 -1.18 9.75
CA SER A 1 -5.35 -0.08 10.02
C SER A 1 -3.95 -0.34 10.44
C SER A 1 -4.19 0.76 10.55
N LYS A 2 -2.71 -0.83 10.43
N LYS A 2 -3.28 0.12 11.26
CA LYS A 2 -1.60 -0.12 11.05
CA LYS A 2 -2.12 0.81 11.83
C LYS A 2 -0.39 -0.10 10.12
C LYS A 2 -0.92 0.69 10.91
N LEU A 3 -0.07 1.09 9.60
N LEU A 3 -1.03 1.24 9.70
CA LEU A 3 1.06 1.25 8.70
CA LEU A 3 0.05 1.19 8.72
C LEU A 3 1.87 2.49 9.06
C LEU A 3 1.11 2.24 9.03
N PRO A 4 3.19 2.42 8.81
N PRO A 4 2.35 1.99 8.57
CA PRO A 4 4.11 3.53 9.10
CA PRO A 4 3.47 2.90 8.79
C PRO A 4 3.88 4.72 8.18
C PRO A 4 3.34 4.19 7.98
N PRO A 5 4.56 5.85 8.47
N PRO A 5 4.16 5.19 8.32
CA PRO A 5 4.45 7.06 7.68
CA PRO A 5 4.15 6.49 7.64
C PRO A 5 5.10 6.92 6.31
C PRO A 5 4.68 6.40 6.21
N GLY A 6 4.31 6.52 5.32
N GLY A 6 4.10 7.20 5.33
CA GLY A 6 4.82 6.35 3.97
CA GLY A 6 4.53 7.20 3.94
C GLY A 6 4.21 5.14 3.27
C GLY A 6 3.71 6.25 3.09
N TRP A 7 2.93 4.92 3.51
N TRP A 7 3.22 5.18 3.69
CA TRP A 7 2.23 3.80 2.89
CA TRP A 7 2.42 4.20 2.97
C TRP A 7 0.73 4.07 2.80
C TRP A 7 0.94 4.56 3.01
N GLU A 8 0.19 4.01 1.58
N GLU A 8 0.20 4.17 1.98
CA GLU A 8 -1.23 4.25 1.36
CA GLU A 8 -1.23 4.46 1.90
C GLU A 8 -1.95 2.95 1.02
C GLU A 8 -1.98 3.26 1.35
N LYS A 9 -3.07 2.71 1.69
N LYS A 9 -3.23 3.10 1.79
CA LYS A 9 -3.86 1.51 1.46
CA LYS A 9 -4.08 2.00 1.35
C LYS A 9 -4.99 1.79 0.46
C LYS A 9 -4.78 2.35 0.04
N ARG A 10 -4.80 1.34 -0.77
N ARG A 10 -4.73 1.45 -0.92
CA ARG A 10 -5.79 1.53 -1.82
CA ARG A 10 -5.36 1.65 -2.22
C ARG A 10 -6.37 0.20 -2.28
C ARG A 10 -6.30 0.51 -2.55
N MET A 11 -7.41 0.26 -3.10
N MET A 11 -7.19 0.74 -3.52
CA MET A 11 -8.06 -0.94 -3.61
CA MET A 11 -8.14 -0.28 -3.95
C MET A 11 -8.05 -0.96 -5.14
C MET A 11 -8.20 -0.38 -5.47
N SER A 12 -7.97 -2.15 -5.71
N SER A 12 -8.06 -1.59 -5.98
CA SER A 12 -7.95 -2.31 -7.16
CA SER A 12 -8.09 -1.82 -7.41
C SER A 12 -9.25 -1.80 -7.78
C SER A 12 -9.48 -1.57 -7.98
N ARG A 13 -9.14 -1.14 -8.93
N ARG A 13 -9.53 -0.92 -9.14
CA ARG A 13 -10.30 -0.61 -9.62
CA ARG A 13 -10.81 -0.61 -9.79
C ARG A 13 -11.05 -1.71 -10.38
C ARG A 13 -11.17 -1.67 -10.82
N ASN A 14 -10.38 -2.28 -11.38
N ASN A 14 -10.79 -2.92 -10.53
CA ASN A 14 -10.97 -3.35 -12.17
CA ASN A 14 -11.07 -4.02 -11.44
C ASN A 14 -11.22 -4.60 -11.32
C ASN A 14 -11.64 -5.21 -10.68
N SER A 15 -10.31 -4.86 -10.39
N SER A 15 -10.78 -5.89 -9.92
CA SER A 15 -10.42 -6.01 -9.51
CA SER A 15 -11.21 -7.05 -9.15
C SER A 15 -10.82 -5.59 -8.10
C SER A 15 -11.53 -6.65 -7.71
N GLY A 16 -10.92 -6.57 -7.21
N GLY A 16 -10.63 -5.90 -7.09
CA GLY A 16 -11.30 -6.29 -5.84
CA GLY A 16 -10.85 -5.47 -5.72
C GLY A 16 -10.25 -6.75 -4.84
C GLY A 16 -9.74 -5.92 -4.79
N ARG A 17 -9.01 -6.37 -5.06
N ARG A 17 -8.54 -6.10 -5.34
CA ARG A 17 -7.91 -6.75 -4.18
CA ARG A 17 -7.40 -6.54 -4.55
C ARG A 17 -7.26 -5.52 -3.54
C ARG A 17 -6.79 -5.37 -3.78
N VAL A 18 -7.07 -5.58 -2.23
N VAL A 18 -6.78 -5.47 -2.46
CA VAL A 18 -6.46 -4.48 -1.50
CA VAL A 18 -6.22 -4.41 -1.62
C VAL A 18 -4.94 -4.54 -1.56
C VAL A 18 -4.70 -4.50 -1.57
N TYR A 19 -4.30 -3.38 -1.65
N TYR A 19 -4.04 -3.35 -1.63
CA TYR A 19 -2.85 -3.30 -1.73
CA TYR A 19 -2.58 -3.30 -1.59
C TYR A 19 -2.34 -2.00 -1.13
C TYR A 19 -2.10 -2.00 -0.94
N TYR A 20 -1.03 -1.92 -0.94
N TYR A 20 -0.78 -1.84 -0.87
CA TYR A 20 -0.41 -0.73 -0.37
CA TYR A 20 -0.20 -0.64 -0.28
C TYR A 20 0.48 -0.04 -1.39
C TYR A 20 0.85 -0.04 -1.20
N PHE A 21 0.63 1.27 -1.24
N PHE A 21 0.78 1.28 -1.38
CA PHE A 21 1.47 2.06 -2.15
CA PHE A 21 1.73 1.98 -2.24
C PHE A 21 2.40 2.98 -1.38
C PHE A 21 2.32 3.18 -1.52
N ASN A 22 3.68 2.97 -1.77
N ASN A 22 3.62 3.39 -1.71
CA ASN A 22 4.68 3.80 -1.11
CA ASN A 22 4.32 4.50 -1.08
C ASN A 22 4.96 5.06 -1.93
C ASN A 22 4.56 5.64 -2.06
N HIS A 23 4.26 6.14 -1.61
N HIS A 23 4.22 6.85 -1.66
CA HIS A 23 4.44 7.41 -2.31
CA HIS A 23 4.39 8.02 -2.51
C HIS A 23 5.73 8.11 -1.87
C HIS A 23 5.83 8.54 -2.43
N ILE A 24 6.36 7.56 -0.83
N ILE A 24 6.55 8.10 -1.41
CA ILE A 24 7.60 8.12 -0.31
CA ILE A 24 7.93 8.52 -1.24
C ILE A 24 8.81 7.54 -1.03
C ILE A 24 8.89 7.63 -2.02
N THR A 25 8.71 6.27 -1.41
N THR A 25 8.66 6.32 -1.95
CA THR A 25 9.80 5.60 -2.10
CA THR A 25 9.50 5.36 -2.66
C THR A 25 9.36 5.13 -3.49
C THR A 25 8.90 5.00 -4.01
N ASN A 26 8.25 5.67 -3.97
N ASN A 26 7.60 5.22 -4.17
CA ASN A 26 7.73 5.31 -5.28
CA ASN A 26 6.91 4.93 -5.41
C ASN A 26 7.71 3.79 -5.46
C ASN A 26 6.97 3.44 -5.73
N ALA A 27 7.51 3.07 -4.36
N ALA A 27 6.34 2.63 -4.87
CA ALA A 27 7.47 1.62 -4.40
CA ALA A 27 6.33 1.19 -5.06
C ALA A 27 6.05 1.10 -4.19
C ALA A 27 5.11 0.56 -4.38
N SER A 28 5.84 -0.18 -4.51
N SER A 28 4.65 -0.56 -4.93
CA SER A 28 4.53 -0.79 -4.36
CA SER A 28 3.49 -1.26 -4.38
C SER A 28 4.65 -2.31 -4.24
C SER A 28 3.89 -2.62 -3.84
N GLN A 29 3.92 -2.88 -3.28
N GLN A 29 3.27 -3.02 -2.72
CA GLN A 29 3.94 -4.31 -3.05
CA GLN A 29 3.57 -4.31 -2.11
C GLN A 29 2.66 -4.78 -2.37
C GLN A 29 2.32 -4.87 -1.43
N PHE A 30 2.36 -6.07 -2.50
N PHE A 30 2.05 -6.15 -1.68
CA PHE A 30 1.16 -6.63 -1.90
CA PHE A 30 0.89 -6.82 -1.09
C PHE A 30 1.40 -6.97 -0.42
C PHE A 30 1.16 -7.20 0.35
N GLU A 31 2.65 -7.32 -0.10
N GLU A 31 2.41 -7.55 0.65
CA GLU A 31 3.02 -7.66 1.27
CA GLU A 31 2.79 -7.94 2.00
C GLU A 31 3.02 -6.42 2.16
C GLU A 31 2.93 -6.72 2.90
N ARG A 32 2.38 -6.54 3.32
N ARG A 32 2.37 -6.81 4.11
CA ARG A 32 2.31 -5.43 4.27
CA ARG A 32 2.43 -5.71 5.06
C ARG A 32 3.70 -5.00 4.70
C ARG A 32 3.88 -5.35 5.39
N PRO A 33 3.92 -3.67 4.76
N PRO A 33 4.30 -4.16 4.96
CA PRO A 33 5.21 -3.09 5.16
CA PRO A 33 5.68 -3.68 5.20
C PRO A 33 5.50 -3.32 6.65
C PRO A 33 5.92 -3.35 6.67
N SER A 34 6.78 -3.43 6.98
N SER A 34 7.18 -3.42 7.08
CA SER A 34 7.19 -3.64 8.37
CA SER A 34 7.54 -3.13 8.46
C SER A 34 7.12 -2.33 9.15
C SER A 34 8.10 -1.71 8.59
N GLY A 35 7.89 -1.34 8.72
N GLY A 35 8.31 -1.28 9.83
CA GLY A 35 7.92 -0.06 9.40
CA GLY A 35 8.83 0.06 10.06
C GLY A 35 8.97 0.02 10.49
C GLY A 35 8.51 0.57 11.45
N SER A 1 -6.27 -0.52 10.26
N SER A 1 -5.79 0.48 11.10
CA SER A 1 -5.45 0.52 9.65
CA SER A 1 -5.15 1.57 10.36
C SER A 1 -4.28 0.90 10.55
C SER A 1 -3.82 1.96 11.00
N LYS A 2 -3.20 0.15 10.45
N LYS A 2 -3.10 0.97 11.49
CA LYS A 2 -2.01 0.40 11.26
CA LYS A 2 -1.81 1.20 12.13
C LYS A 2 -0.74 0.28 10.41
C LYS A 2 -0.66 0.93 11.16
N LEU A 3 -0.35 1.39 9.79
N LEU A 3 -0.76 1.50 9.97
CA LEU A 3 0.85 1.41 8.95
CA LEU A 3 0.27 1.32 8.94
C LEU A 3 1.75 2.58 9.32
C LEU A 3 1.47 2.23 9.22
N PRO A 4 3.05 2.44 9.03
N PRO A 4 2.65 1.82 8.72
CA PRO A 4 4.05 3.48 9.32
CA PRO A 4 3.89 2.57 8.88
C PRO A 4 3.88 4.71 8.44
C PRO A 4 3.89 3.87 8.09
N PRO A 5 4.61 5.78 8.77
N PRO A 5 4.87 4.74 8.35
CA PRO A 5 4.56 7.04 8.00
CA PRO A 5 5.01 6.03 7.67
C PRO A 5 5.20 6.91 6.63
C PRO A 5 5.42 5.86 6.21
N GLY A 6 4.37 6.77 5.61
N GLY A 6 4.78 6.64 5.33
CA GLY A 6 4.88 6.64 4.25
CA GLY A 6 5.10 6.56 3.91
C GLY A 6 4.00 5.75 3.38
C GLY A 6 4.40 5.41 3.23
N TRP A 7 3.39 4.74 3.99
N TRP A 7 3.15 5.17 3.60
CA TRP A 7 2.53 3.83 3.27
CA TRP A 7 2.38 4.08 3.01
C TRP A 7 1.06 4.23 3.42
C TRP A 7 0.90 4.45 2.95
N GLU A 8 0.34 4.24 2.30
N GLU A 8 0.23 4.01 1.88
CA GLU A 8 -1.07 4.62 2.30
CA GLU A 8 -1.20 4.29 1.70
C GLU A 8 -1.93 3.47 1.78
C GLU A 8 -1.95 3.04 1.25
N LYS A 9 -3.20 3.45 2.20
N LYS A 9 -3.09 2.80 1.85
CA LYS A 9 -4.13 2.42 1.76
CA LYS A 9 -3.91 1.64 1.51
C LYS A 9 -4.71 2.75 0.38
C LYS A 9 -4.86 1.95 0.35
N ARG A 10 -4.75 1.76 -0.49
N ARG A 10 -4.65 1.27 -0.77
CA ARG A 10 -5.28 1.94 -1.83
CA ARG A 10 -5.49 1.49 -1.95
C ARG A 10 -6.02 0.69 -2.30
C ARG A 10 -6.15 0.19 -2.39
N MET A 11 -6.91 0.87 -3.28
N MET A 11 -7.13 0.30 -3.28
CA MET A 11 -7.68 -0.24 -3.82
CA MET A 11 -7.83 -0.87 -3.79
C MET A 11 -7.41 -0.42 -5.31
C MET A 11 -7.98 -0.81 -5.31
N SER A 12 -8.18 -1.30 -5.94
N SER A 12 -7.64 -1.91 -5.97
CA SER A 12 -8.02 -1.57 -7.36
CA SER A 12 -7.72 -1.97 -7.42
C SER A 12 -9.33 -1.34 -8.12
C SER A 12 -9.14 -1.68 -7.90
N ARG A 13 -9.22 -1.16 -9.43
N ARG A 13 -9.34 -1.73 -9.21
CA ARG A 13 -10.40 -0.92 -10.26
CA ARG A 13 -10.65 -1.45 -9.80
C ARG A 13 -10.48 -1.94 -11.39
C ARG A 13 -11.07 -2.59 -10.74
N ASN A 14 -10.12 -3.18 -11.08
N ASN A 14 -10.10 -3.14 -11.46
CA ASN A 14 -10.15 -4.26 -12.08
CA ASN A 14 -10.37 -4.24 -12.39
C ASN A 14 -10.58 -5.57 -11.44
C ASN A 14 -10.11 -5.59 -11.73
N SER A 15 -9.86 -5.96 -10.38
N SER A 15 -10.21 -5.63 -10.41
CA SER A 15 -10.16 -7.21 -9.68
CA SER A 15 -9.98 -6.86 -9.67
C SER A 15 -10.93 -6.93 -8.40
C SER A 15 -10.65 -6.80 -8.29
N GLY A 16 -10.46 -5.95 -7.62
N GLY A 16 -10.26 -5.82 -7.49
CA GLY A 16 -11.11 -5.61 -6.38
CA GLY A 16 -10.83 -5.67 -6.17
C GLY A 16 -10.18 -5.70 -5.19
C GLY A 16 -9.90 -6.15 -5.07
N ARG A 17 -9.19 -6.59 -5.28
N ARG A 17 -8.60 -6.11 -5.35
CA ARG A 17 -8.23 -6.76 -4.20
CA ARG A 17 -7.60 -6.55 -4.37
C ARG A 17 -7.59 -5.43 -3.82
C ARG A 17 -6.93 -5.35 -3.71
N VAL A 18 -6.76 -5.45 -2.78
N VAL A 18 -6.92 -5.35 -2.38
CA VAL A 18 -6.07 -4.25 -2.32
CA VAL A 18 -6.31 -4.27 -1.62
C VAL A 18 -4.57 -4.45 -2.26
C VAL A 18 -4.79 -4.38 -1.62
N TYR A 19 -3.83 -3.37 -2.13
N TYR A 19 -4.12 -3.23 -1.70
CA TYR A 19 -2.37 -3.42 -2.05
CA TYR A 19 -2.66 -3.21 -1.71
C TYR A 19 -1.82 -2.27 -1.23
C TYR A 19 -2.14 -1.93 -1.05
N TYR A 20 -0.49 -2.18 -1.16
N TYR A 20 -0.82 -1.81 -0.97
CA TYR A 20 0.17 -1.12 -0.41
CA TYR A 20 -0.19 -0.65 -0.36
C TYR A 20 1.00 -0.22 -1.33
C TYR A 20 0.77 0.02 -1.33
N PHE A 21 0.84 1.09 -1.17
N PHE A 21 0.73 1.36 -1.38
CA PHE A 21 1.57 2.04 -1.99
CA PHE A 21 1.58 2.12 -2.27
C PHE A 21 2.19 3.14 -1.13
C PHE A 21 2.41 3.14 -1.48
N ASN A 22 3.50 3.31 -1.22
N ASN A 22 3.66 3.34 -1.90
CA ASN A 22 4.20 4.33 -0.44
CA ASN A 22 4.54 4.28 -1.24
C ASN A 22 4.29 5.64 -1.22
C ASN A 22 4.80 5.50 -2.12
N HIS A 23 3.98 6.73 -0.55
N HIS A 23 4.51 6.68 -1.58
CA HIS A 23 4.03 8.06 -1.17
CA HIS A 23 4.70 7.93 -2.32
C HIS A 23 5.40 8.70 -0.98
C HIS A 23 6.16 8.36 -2.26
N ILE A 24 6.44 7.86 -0.93
N ILE A 24 6.89 7.84 -1.29
CA ILE A 24 7.80 8.35 -0.75
CA ILE A 24 8.30 8.19 -1.12
C ILE A 24 8.69 7.90 -1.90
C ILE A 24 9.17 7.34 -2.05
N THR A 25 8.49 6.67 -2.35
N THR A 25 8.92 6.05 -2.09
CA THR A 25 9.28 6.11 -3.45
CA THR A 25 9.68 5.14 -2.94
C THR A 25 8.38 5.54 -4.53
C THR A 25 9.01 4.95 -4.30
N ASN A 26 7.17 6.07 -4.65
N ASN A 26 7.75 5.38 -4.38
CA ASN A 26 6.22 5.61 -5.64
CA ASN A 26 6.99 5.26 -5.61
C ASN A 26 6.29 4.10 -5.80
C ASN A 26 6.87 3.80 -6.05
N ALA A 27 6.32 3.39 -4.69
N ALA A 27 6.42 2.95 -5.13
CA ALA A 27 6.39 1.93 -4.70
CA ALA A 27 6.27 1.53 -5.42
C ALA A 27 5.00 1.32 -4.61
C ALA A 27 5.13 0.93 -4.59
N SER A 28 4.91 0.01 -4.84
N SER A 28 4.54 -0.15 -5.11
CA SER A 28 3.64 -0.70 -4.79
CA SER A 28 3.44 -0.82 -4.42
C SER A 28 3.83 -2.14 -4.35
C SER A 28 3.76 -2.30 -4.21
N GLN A 29 3.92 -2.35 -3.05
N GLN A 29 3.23 -2.85 -3.12
CA GLN A 29 4.11 -3.68 -2.50
CA GLN A 29 3.45 -4.25 -2.79
C GLN A 29 2.78 -4.39 -2.29
C GLN A 29 2.27 -4.83 -2.01
N PHE A 30 2.81 -5.72 -2.26
N PHE A 30 1.88 -6.04 -2.36
CA PHE A 30 1.59 -6.51 -2.07
CA PHE A 30 0.76 -6.70 -1.69
C PHE A 30 1.41 -6.89 -0.61
C PHE A 30 1.15 -7.17 -0.29
N GLU A 31 2.52 -7.15 0.07
N GLU A 31 2.42 -7.53 -0.13
CA GLU A 31 2.48 -7.54 1.48
CA GLU A 31 2.92 -7.99 1.16
C GLU A 31 2.59 -6.30 2.37
C GLU A 31 2.92 -6.86 2.18
N ARG A 32 1.90 -6.35 3.51
N ARG A 32 2.50 -7.17 3.40
CA ARG A 32 1.92 -5.24 4.45
CA ARG A 32 2.44 -6.18 4.47
C ARG A 32 3.35 -4.83 4.79
C ARG A 32 3.84 -5.69 4.82
N PRO A 33 3.60 -3.51 4.82
N PRO A 33 4.12 -4.41 4.53
CA PRO A 33 4.92 -2.96 5.13
CA PRO A 33 5.42 -3.79 4.81
C PRO A 33 5.31 -3.17 6.59
C PRO A 33 5.66 -3.61 6.31
N SER A 34 6.60 -3.37 6.83
N SER A 34 6.91 -3.37 6.68
CA SER A 34 7.10 -3.59 8.18
CA SER A 34 7.28 -3.18 8.07
C SER A 34 7.11 -2.29 8.97
C SER A 34 8.25 -2.01 8.23
N GLY A 35 7.90 -1.33 8.50
N GLY A 35 8.48 -1.61 9.48
CA GLY A 35 7.98 -0.04 9.17
CA GLY A 35 9.39 -0.50 9.73
C GLY A 35 9.10 0.00 10.21
C GLY A 35 9.61 -0.27 11.22
#